data_6HMJ
#
_entry.id   6HMJ
#
_cell.length_a   67.013
_cell.length_b   150.345
_cell.length_c   219.783
_cell.angle_alpha   90.00
_cell.angle_beta   90.00
_cell.angle_gamma   90.00
#
_symmetry.space_group_name_H-M   'P 21 21 21'
#
loop_
_entity.id
_entity.type
_entity.pdbx_description
1 polymer 'Putative PAS/PAC sensor protein'
2 non-polymer 'FLAVIN MONONUCLEOTIDE'
3 non-polymer GLYCEROL
4 non-polymer IMIDAZOLE
5 non-polymer 1,2-ETHANEDIOL
6 water water
#
_entity_poly.entity_id   1
_entity_poly.type   'polypeptide(L)'
_entity_poly.pdbx_seq_one_letter_code
;MKVNRPAERASFGSFVLDAGSARFVGSDELALVLGFAPGDVVLTPAVVLAHLHPDDRLEWQAGLQRCLATGRPVVVNHLL
LTAEAEPRPAMTTLTALTEQDRVRAVTGVITDLSDRVRRATEAEIRQAVRAAAATRSEIDQAKGIVMAAFDVDADQAFAL
LKWHSSQSNRKLRDLATGMIEGLAAANSALPLRRRLSTVFTDMGCPAPSTKGWTVPVTDIGLPPTSGLIPTALLPGILTR
AAHDASVAITVADVTAPDQPLVYANPAFERLTGYAAAEVLGRNCRFLQAESGDPHERSAIRSAIANGDAVTTLIRNFRQD
GHAFWNEFHLSPVRNGAGRVTHYIGYQLDVTERVERDQQLEQLASLEHHHHHH
;
_entity_poly.pdbx_strand_id   A,B,C,D
#
# COMPACT_ATOMS: atom_id res chain seq x y z
N ALA A 10 12.29 -34.80 -2.91
CA ALA A 10 12.69 -35.80 -1.93
C ALA A 10 13.13 -37.10 -2.61
N SER A 11 14.43 -37.37 -2.59
CA SER A 11 14.99 -38.57 -3.20
C SER A 11 15.37 -39.54 -2.06
N PHE A 12 14.66 -40.66 -1.98
CA PHE A 12 14.87 -41.61 -0.90
C PHE A 12 14.62 -43.02 -1.41
N GLY A 13 15.17 -43.98 -0.69
CA GLY A 13 14.92 -45.38 -1.00
C GLY A 13 14.74 -46.16 0.29
N SER A 14 14.16 -47.35 0.15
CA SER A 14 13.78 -48.16 1.30
C SER A 14 14.30 -49.57 1.14
N PHE A 15 14.39 -50.27 2.28
CA PHE A 15 14.69 -51.69 2.28
C PHE A 15 13.97 -52.35 3.45
N VAL A 16 13.84 -53.67 3.35
CA VAL A 16 13.30 -54.49 4.44
C VAL A 16 14.28 -55.63 4.66
N LEU A 17 14.59 -55.89 5.93
CA LEU A 17 15.60 -56.88 6.31
C LEU A 17 14.94 -57.88 7.25
N ASP A 18 14.82 -59.13 6.81
CA ASP A 18 14.25 -60.17 7.64
C ASP A 18 15.21 -60.54 8.76
N ALA A 19 14.69 -60.63 9.98
CA ALA A 19 15.55 -60.85 11.15
C ALA A 19 16.26 -62.20 11.06
N GLY A 20 15.49 -63.29 11.01
CA GLY A 20 16.10 -64.60 11.10
C GLY A 20 16.99 -64.94 9.92
N SER A 21 16.54 -64.62 8.71
CA SER A 21 17.25 -65.01 7.49
C SER A 21 18.18 -63.93 6.96
N ALA A 22 18.14 -62.72 7.52
CA ALA A 22 18.93 -61.60 7.02
C ALA A 22 18.66 -61.36 5.53
N ARG A 23 17.49 -61.78 5.06
CA ARG A 23 17.08 -61.47 3.70
C ARG A 23 16.83 -59.97 3.55
N PHE A 24 17.47 -59.37 2.55
CA PHE A 24 17.44 -57.93 2.34
C PHE A 24 16.77 -57.65 1.01
N VAL A 25 15.69 -56.87 1.04
CA VAL A 25 14.94 -56.50 -0.16
C VAL A 25 15.02 -54.98 -0.30
N GLY A 26 15.77 -54.52 -1.30
CA GLY A 26 15.91 -53.10 -1.57
C GLY A 26 15.07 -52.68 -2.75
N SER A 27 14.45 -51.51 -2.63
CA SER A 27 13.57 -50.99 -3.66
C SER A 27 14.36 -50.52 -4.87
N ASP A 28 13.67 -50.44 -6.01
CA ASP A 28 14.27 -49.83 -7.18
C ASP A 28 14.77 -48.42 -6.87
N GLU A 29 14.02 -47.68 -6.06
CA GLU A 29 14.40 -46.32 -5.70
C GLU A 29 15.67 -46.31 -4.86
N LEU A 30 15.89 -47.32 -4.02
CA LEU A 30 17.12 -47.39 -3.26
C LEU A 30 18.32 -47.57 -4.18
N ALA A 31 18.18 -48.42 -5.20
CA ALA A 31 19.26 -48.57 -6.18
C ALA A 31 19.60 -47.23 -6.81
N LEU A 32 18.58 -46.46 -7.20
CA LEU A 32 18.83 -45.17 -7.85
C LEU A 32 19.50 -44.19 -6.90
N VAL A 33 19.06 -44.13 -5.64
CA VAL A 33 19.68 -43.24 -4.68
C VAL A 33 21.17 -43.51 -4.58
N LEU A 34 21.55 -44.80 -4.56
CA LEU A 34 22.97 -45.13 -4.44
C LEU A 34 23.74 -44.78 -5.71
N GLY A 35 23.09 -44.84 -6.87
CA GLY A 35 23.73 -44.45 -8.12
C GLY A 35 23.68 -45.52 -9.19
N PHE A 36 22.68 -46.39 -9.13
CA PHE A 36 22.56 -47.52 -10.05
C PHE A 36 21.11 -47.69 -10.46
N ALA A 37 20.91 -48.12 -11.71
CA ALA A 37 19.57 -48.53 -12.10
C ALA A 37 19.23 -49.81 -11.34
N PRO A 38 17.95 -50.09 -11.12
CA PRO A 38 17.61 -51.27 -10.30
C PRO A 38 18.17 -52.57 -10.84
N GLY A 39 18.21 -52.75 -12.17
CA GLY A 39 18.73 -53.95 -12.76
C GLY A 39 20.25 -54.07 -12.73
N ASP A 40 20.96 -52.95 -12.57
CA ASP A 40 22.42 -52.98 -12.62
C ASP A 40 23.05 -53.61 -11.38
N VAL A 41 22.36 -53.66 -10.25
CA VAL A 41 22.98 -54.07 -9.00
C VAL A 41 22.03 -54.94 -8.19
N VAL A 42 22.61 -55.89 -7.47
CA VAL A 42 21.92 -56.63 -6.42
C VAL A 42 22.11 -55.88 -5.11
N LEU A 43 21.00 -55.60 -4.42
CA LEU A 43 21.02 -54.72 -3.26
C LEU A 43 21.12 -55.57 -2.00
N THR A 44 22.26 -55.48 -1.33
CA THR A 44 22.55 -56.18 -0.09
C THR A 44 23.00 -55.15 0.94
N PRO A 45 22.96 -55.50 2.23
CA PRO A 45 23.51 -54.57 3.23
C PRO A 45 24.95 -54.20 2.98
N ALA A 46 25.79 -55.15 2.57
CA ALA A 46 27.17 -54.84 2.23
C ALA A 46 27.27 -53.79 1.13
N VAL A 47 26.27 -53.73 0.24
CA VAL A 47 26.27 -52.73 -0.82
C VAL A 47 25.94 -51.35 -0.27
N VAL A 48 24.95 -51.27 0.62
CA VAL A 48 24.62 -49.99 1.24
C VAL A 48 25.83 -49.41 1.95
N LEU A 49 26.45 -50.19 2.84
CA LEU A 49 27.60 -49.69 3.60
C LEU A 49 28.73 -49.24 2.68
N ALA A 50 28.86 -49.84 1.50
CA ALA A 50 29.92 -49.45 0.58
C ALA A 50 29.70 -48.05 0.03
N HIS A 51 28.47 -47.53 0.07
CA HIS A 51 28.19 -46.16 -0.37
C HIS A 51 28.11 -45.19 0.80
N LEU A 52 28.31 -45.65 2.03
CA LEU A 52 28.47 -44.76 3.17
C LEU A 52 29.95 -44.45 3.39
N HIS A 53 30.21 -43.39 4.12
CA HIS A 53 31.59 -43.05 4.42
C HIS A 53 32.12 -44.01 5.49
N PRO A 54 33.39 -44.44 5.39
CA PRO A 54 33.95 -45.33 6.40
C PRO A 54 33.57 -44.97 7.84
N ASP A 55 33.51 -43.67 8.13
CA ASP A 55 33.24 -43.22 9.50
C ASP A 55 31.80 -43.42 9.91
N ASP A 56 30.87 -43.57 8.96
CA ASP A 56 29.47 -43.81 9.29
C ASP A 56 29.14 -45.29 9.43
N ARG A 57 29.99 -46.18 8.91
CA ARG A 57 29.60 -47.59 8.81
C ARG A 57 29.36 -48.20 10.18
N LEU A 58 30.22 -47.89 11.16
CA LEU A 58 30.09 -48.47 12.49
C LEU A 58 28.81 -48.02 13.17
N GLU A 59 28.49 -46.72 13.11
CA GLU A 59 27.26 -46.23 13.72
C GLU A 59 26.04 -46.78 13.00
N TRP A 60 26.13 -46.91 11.68
CA TRP A 60 25.01 -47.43 10.90
C TRP A 60 24.73 -48.88 11.24
N GLN A 61 25.79 -49.70 11.25
CA GLN A 61 25.64 -51.10 11.65
C GLN A 61 25.00 -51.21 13.03
N ALA A 62 25.49 -50.43 14.00
CA ALA A 62 24.95 -50.50 15.35
C ALA A 62 23.47 -50.13 15.37
N GLY A 63 23.09 -49.06 14.66
CA GLY A 63 21.69 -48.69 14.59
C GLY A 63 20.82 -49.79 14.01
N LEU A 64 21.34 -50.49 13.00
CA LEU A 64 20.59 -51.61 12.44
C LEU A 64 20.48 -52.75 13.43
N GLN A 65 21.58 -53.09 14.11
CA GLN A 65 21.52 -54.14 15.12
C GLN A 65 20.67 -53.70 16.31
N ARG A 66 20.71 -52.42 16.67
CA ARG A 66 19.93 -51.94 17.80
C ARG A 66 18.43 -52.04 17.52
N CYS A 67 18.00 -51.59 16.34
CA CYS A 67 16.58 -51.66 15.99
C CYS A 67 16.09 -53.10 15.96
N LEU A 68 16.95 -54.04 15.58
CA LEU A 68 16.56 -55.44 15.59
C LEU A 68 16.25 -55.91 17.01
N ALA A 69 17.22 -55.77 17.91
CA ALA A 69 17.06 -56.28 19.27
C ALA A 69 16.03 -55.45 20.03
N THR A 70 16.12 -54.12 19.95
CA THR A 70 15.24 -53.28 20.73
C THR A 70 13.85 -53.14 20.11
N GLY A 71 13.77 -53.12 18.77
CA GLY A 71 12.52 -52.84 18.13
C GLY A 71 12.09 -51.39 18.17
N ARG A 72 12.92 -50.52 18.74
CA ARG A 72 12.76 -49.09 18.94
C ARG A 72 13.26 -48.36 17.70
N PRO A 73 12.58 -47.31 17.21
CA PRO A 73 13.06 -46.62 16.01
C PRO A 73 14.46 -46.04 16.22
N VAL A 74 15.21 -45.96 15.12
CA VAL A 74 16.58 -45.45 15.14
C VAL A 74 16.80 -44.56 13.93
N VAL A 75 17.55 -43.49 14.12
CA VAL A 75 17.95 -42.59 13.04
C VAL A 75 19.47 -42.43 13.08
N VAL A 76 20.10 -42.50 11.91
CA VAL A 76 21.54 -42.41 11.78
C VAL A 76 21.86 -41.38 10.70
N ASN A 77 22.61 -40.34 11.07
CA ASN A 77 23.09 -39.36 10.11
C ASN A 77 24.41 -39.85 9.50
N HIS A 78 24.53 -39.68 8.18
CA HIS A 78 25.69 -40.20 7.46
C HIS A 78 25.78 -39.49 6.11
N LEU A 79 26.74 -39.95 5.30
CA LEU A 79 26.94 -39.46 3.95
C LEU A 79 26.62 -40.54 2.93
N LEU A 80 26.55 -40.13 1.66
CA LEU A 80 26.43 -41.06 0.54
C LEU A 80 27.56 -40.74 -0.42
N LEU A 81 28.38 -41.74 -0.73
CA LEU A 81 29.54 -41.55 -1.60
C LEU A 81 29.12 -41.54 -3.07
N THR A 82 29.62 -40.55 -3.80
CA THR A 82 29.32 -40.40 -5.22
C THR A 82 30.59 -40.55 -6.04
N ALA A 83 30.54 -41.44 -7.03
CA ALA A 83 31.70 -41.70 -7.88
C ALA A 83 32.12 -40.42 -8.62
N GLU A 84 33.32 -39.94 -8.30
CA GLU A 84 33.88 -38.74 -8.92
C GLU A 84 33.07 -37.49 -8.58
N ALA A 85 32.48 -37.47 -7.39
CA ALA A 85 31.78 -36.29 -6.90
C ALA A 85 31.79 -36.30 -5.38
N GLU A 86 31.61 -35.12 -4.79
CA GLU A 86 31.65 -35.00 -3.34
C GLU A 86 30.45 -35.74 -2.73
N PRO A 87 30.63 -36.34 -1.54
CA PRO A 87 29.50 -37.05 -0.92
C PRO A 87 28.32 -36.14 -0.66
N ARG A 88 27.12 -36.75 -0.60
CA ARG A 88 25.89 -36.04 -0.30
C ARG A 88 25.48 -36.30 1.15
N PRO A 89 24.84 -35.33 1.81
CA PRO A 89 24.31 -35.58 3.16
C PRO A 89 23.10 -36.48 3.08
N ALA A 90 22.99 -37.39 4.05
CA ALA A 90 21.92 -38.39 4.03
C ALA A 90 21.53 -38.74 5.45
N MET A 91 20.45 -39.51 5.55
CA MET A 91 19.88 -39.90 6.83
C MET A 91 19.10 -41.20 6.62
N THR A 92 19.32 -42.17 7.50
CA THR A 92 18.61 -43.44 7.47
C THR A 92 17.68 -43.52 8.66
N THR A 93 16.43 -43.91 8.42
CA THR A 93 15.45 -44.18 9.46
C THR A 93 15.16 -45.67 9.46
N LEU A 94 15.10 -46.26 10.66
CA LEU A 94 14.91 -47.69 10.82
C LEU A 94 13.74 -47.92 11.76
N THR A 95 12.74 -48.67 11.28
CA THR A 95 11.61 -49.07 12.11
C THR A 95 11.44 -50.59 11.99
N ALA A 96 11.01 -51.19 13.10
CA ALA A 96 10.88 -52.64 13.19
C ALA A 96 9.42 -53.05 13.09
N LEU A 97 9.19 -54.20 12.47
CA LEU A 97 7.85 -54.77 12.31
C LEU A 97 7.70 -55.88 13.35
N THR A 98 6.89 -55.61 14.37
CA THR A 98 6.76 -56.52 15.50
C THR A 98 5.82 -57.67 15.18
N ARG A 102 8.23 -60.25 18.73
CA ARG A 102 9.63 -59.90 18.51
C ARG A 102 9.80 -59.13 17.21
N VAL A 103 11.05 -58.87 16.84
CA VAL A 103 11.34 -58.16 15.59
C VAL A 103 11.29 -59.16 14.45
N ARG A 104 10.33 -58.97 13.55
CA ARG A 104 10.21 -59.85 12.39
C ARG A 104 11.13 -59.38 11.27
N ALA A 105 11.20 -58.06 11.07
CA ALA A 105 12.07 -57.45 10.07
C ALA A 105 12.21 -55.98 10.44
N VAL A 106 13.19 -55.33 9.81
CA VAL A 106 13.43 -53.91 9.99
C VAL A 106 13.24 -53.22 8.65
N THR A 107 12.40 -52.18 8.63
CA THR A 107 12.22 -51.35 7.45
C THR A 107 13.16 -50.15 7.56
N GLY A 108 13.97 -49.95 6.52
CA GLY A 108 14.89 -48.83 6.45
C GLY A 108 14.47 -47.86 5.37
N VAL A 109 14.74 -46.59 5.61
CA VAL A 109 14.47 -45.52 4.65
C VAL A 109 15.73 -44.67 4.59
N ILE A 110 16.42 -44.71 3.45
CA ILE A 110 17.63 -43.92 3.24
C ILE A 110 17.25 -42.71 2.42
N THR A 111 17.48 -41.52 2.97
CA THR A 111 17.06 -40.27 2.36
C THR A 111 18.30 -39.45 1.99
N ASP A 112 18.30 -38.90 0.78
CA ASP A 112 19.36 -38.02 0.32
C ASP A 112 18.95 -36.59 0.64
N LEU A 113 19.67 -35.95 1.57
CA LEU A 113 19.34 -34.61 2.01
C LEU A 113 20.02 -33.55 1.16
N SER A 114 20.62 -33.92 0.03
CA SER A 114 21.36 -32.98 -0.78
C SER A 114 20.46 -31.85 -1.27
N ASP A 115 19.27 -32.20 -1.75
CA ASP A 115 18.36 -31.20 -2.31
C ASP A 115 17.77 -30.32 -1.22
N ARG A 116 17.30 -30.94 -0.13
CA ARG A 116 16.68 -30.18 0.95
C ARG A 116 17.66 -29.19 1.56
N VAL A 117 18.91 -29.62 1.76
CA VAL A 117 19.93 -28.74 2.31
C VAL A 117 20.23 -27.59 1.35
N ARG A 118 20.32 -27.89 0.05
CA ARG A 118 20.63 -26.85 -0.94
C ARG A 118 19.51 -25.81 -0.99
N ARG A 119 18.25 -26.27 -0.99
CA ARG A 119 17.13 -25.33 -1.09
C ARG A 119 17.07 -24.41 0.12
N ALA A 120 17.32 -24.95 1.31
CA ALA A 120 17.28 -24.12 2.51
C ALA A 120 18.31 -23.00 2.43
N THR A 121 19.51 -23.32 1.95
CA THR A 121 20.53 -22.29 1.76
C THR A 121 20.06 -21.26 0.73
N GLU A 122 19.53 -21.73 -0.39
CA GLU A 122 19.03 -20.82 -1.43
C GLU A 122 17.95 -19.90 -0.87
N ALA A 123 17.08 -20.44 -0.02
CA ALA A 123 16.00 -19.63 0.54
C ALA A 123 16.55 -18.54 1.46
N GLU A 124 17.51 -18.90 2.31
CA GLU A 124 18.14 -17.90 3.18
C GLU A 124 18.71 -16.74 2.36
N ILE A 125 19.30 -17.05 1.21
CA ILE A 125 19.87 -16.00 0.38
C ILE A 125 18.77 -15.15 -0.25
N ARG A 126 17.72 -15.80 -0.77
CA ARG A 126 16.58 -15.06 -1.32
C ARG A 126 16.02 -14.08 -0.31
N GLN A 127 15.77 -14.53 0.93
CA GLN A 127 15.28 -13.62 1.95
C GLN A 127 16.27 -12.48 2.18
N ALA A 128 17.57 -12.78 2.18
CA ALA A 128 18.57 -11.73 2.35
C ALA A 128 18.48 -10.71 1.22
N VAL A 129 18.38 -11.17 -0.02
CA VAL A 129 18.33 -10.25 -1.16
C VAL A 129 17.12 -9.32 -1.04
N ARG A 130 15.98 -9.87 -0.63
CA ARG A 130 14.79 -9.04 -0.49
C ARG A 130 15.01 -7.94 0.54
N ALA A 131 15.69 -8.26 1.64
CA ALA A 131 16.01 -7.23 2.64
C ALA A 131 16.93 -6.17 2.05
N ALA A 132 17.95 -6.59 1.29
CA ALA A 132 18.85 -5.63 0.67
C ALA A 132 18.15 -4.84 -0.42
N ALA A 133 17.29 -5.49 -1.21
CA ALA A 133 16.58 -4.78 -2.27
C ALA A 133 15.69 -3.68 -1.70
N ALA A 134 15.13 -3.90 -0.51
CA ALA A 134 14.31 -2.88 0.13
C ALA A 134 15.17 -1.70 0.57
N THR A 135 16.26 -1.99 1.27
CA THR A 135 17.14 -0.93 1.74
C THR A 135 17.76 -0.16 0.58
N ARG A 136 17.94 -0.80 -0.58
CA ARG A 136 18.51 -0.09 -1.71
C ARG A 136 17.48 0.85 -2.33
N SER A 137 16.20 0.46 -2.33
CA SER A 137 15.16 1.29 -2.93
C SER A 137 14.94 2.57 -2.13
N GLU A 138 15.03 2.50 -0.80
CA GLU A 138 14.83 3.70 0.00
C GLU A 138 16.01 4.65 -0.14
N ILE A 139 17.24 4.12 -0.16
CA ILE A 139 18.39 4.98 -0.41
C ILE A 139 18.29 5.62 -1.78
N ASP A 140 17.86 4.85 -2.78
CA ASP A 140 17.69 5.41 -4.13
C ASP A 140 16.62 6.50 -4.13
N GLN A 141 15.52 6.29 -3.40
CA GLN A 141 14.48 7.31 -3.33
C GLN A 141 15.01 8.56 -2.63
N ALA A 142 15.68 8.38 -1.49
CA ALA A 142 16.24 9.53 -0.78
C ALA A 142 17.30 10.22 -1.62
N LYS A 143 18.11 9.45 -2.34
CA LYS A 143 19.10 10.06 -3.23
C LYS A 143 18.41 10.97 -4.25
N GLY A 144 17.30 10.51 -4.81
CA GLY A 144 16.59 11.32 -5.79
C GLY A 144 15.93 12.54 -5.18
N ILE A 145 15.37 12.37 -3.98
CA ILE A 145 14.75 13.51 -3.28
C ILE A 145 15.78 14.61 -3.07
N VAL A 146 16.97 14.25 -2.60
CA VAL A 146 18.02 15.24 -2.39
C VAL A 146 18.47 15.85 -3.71
N MET A 147 18.59 15.03 -4.76
CA MET A 147 19.02 15.52 -6.06
C MET A 147 18.16 16.69 -6.51
N ALA A 148 16.84 16.51 -6.53
CA ALA A 148 15.94 17.52 -7.07
C ALA A 148 15.62 18.62 -6.06
N ALA A 149 15.52 18.27 -4.77
CA ALA A 149 15.19 19.27 -3.77
C ALA A 149 16.23 20.39 -3.74
N PHE A 150 17.50 20.03 -3.75
CA PHE A 150 18.59 20.99 -3.76
C PHE A 150 19.22 21.17 -5.14
N ASP A 151 18.67 20.53 -6.16
CA ASP A 151 19.20 20.62 -7.53
C ASP A 151 20.70 20.34 -7.56
N VAL A 152 21.06 19.12 -7.17
CA VAL A 152 22.44 18.63 -7.23
C VAL A 152 22.42 17.28 -7.93
N ASP A 153 23.59 16.87 -8.43
CA ASP A 153 23.68 15.61 -9.15
C ASP A 153 23.66 14.43 -8.16
N ALA A 154 23.73 13.21 -8.71
CA ALA A 154 23.54 12.03 -7.88
C ALA A 154 24.71 11.81 -6.94
N ASP A 155 25.95 12.03 -7.40
CA ASP A 155 27.10 11.88 -6.52
C ASP A 155 27.04 12.88 -5.37
N GLN A 156 26.76 14.15 -5.68
CA GLN A 156 26.61 15.15 -4.62
C GLN A 156 25.49 14.78 -3.67
N ALA A 157 24.33 14.38 -4.21
CA ALA A 157 23.22 13.97 -3.37
C ALA A 157 23.62 12.81 -2.47
N PHE A 158 24.28 11.82 -3.04
CA PHE A 158 24.72 10.67 -2.25
C PHE A 158 25.78 11.08 -1.23
N ALA A 159 26.69 11.98 -1.62
CA ALA A 159 27.70 12.45 -0.68
C ALA A 159 27.05 13.16 0.50
N LEU A 160 26.01 13.97 0.26
CA LEU A 160 25.33 14.65 1.34
C LEU A 160 24.63 13.65 2.25
N LEU A 161 24.03 12.61 1.68
CA LEU A 161 23.42 11.57 2.50
C LEU A 161 24.46 10.89 3.38
N LYS A 162 25.66 10.65 2.84
CA LYS A 162 26.74 10.10 3.66
C LYS A 162 27.18 11.10 4.71
N TRP A 163 27.29 12.38 4.34
CA TRP A 163 27.68 13.41 5.30
C TRP A 163 26.68 13.49 6.45
N HIS A 164 25.39 13.57 6.14
CA HIS A 164 24.38 13.70 7.19
C HIS A 164 24.22 12.42 7.98
N SER A 165 24.52 11.27 7.38
CA SER A 165 24.58 10.03 8.15
C SER A 165 25.71 10.10 9.18
N SER A 166 26.87 10.60 8.76
CA SER A 166 27.99 10.77 9.68
C SER A 166 27.65 11.75 10.79
N GLN A 167 27.13 12.93 10.43
CA GLN A 167 26.90 13.97 11.43
C GLN A 167 25.87 13.55 12.47
N SER A 168 24.88 12.75 12.08
CA SER A 168 23.86 12.26 13.00
C SER A 168 24.23 10.92 13.61
N ASN A 169 25.43 10.41 13.33
CA ASN A 169 25.88 9.11 13.81
C ASN A 169 24.83 8.03 13.53
N ARG A 170 24.41 7.96 12.26
CA ARG A 170 23.46 6.98 11.78
C ARG A 170 24.05 6.23 10.60
N LYS A 171 23.54 5.02 10.37
CA LYS A 171 23.85 4.32 9.14
C LYS A 171 23.03 4.91 7.99
N LEU A 172 23.68 5.05 6.83
CA LEU A 172 23.07 5.63 5.65
C LEU A 172 21.65 5.16 5.42
N ARG A 173 21.39 3.86 5.60
CA ARG A 173 20.05 3.34 5.35
C ARG A 173 19.06 3.87 6.38
N ASP A 174 19.49 4.00 7.63
CA ASP A 174 18.60 4.55 8.66
C ASP A 174 18.31 6.03 8.39
N LEU A 175 19.34 6.79 7.99
CA LEU A 175 19.12 8.17 7.62
C LEU A 175 18.11 8.27 6.48
N ALA A 176 18.30 7.46 5.43
CA ALA A 176 17.40 7.51 4.28
C ALA A 176 15.95 7.29 4.70
N THR A 177 15.70 6.27 5.52
CA THR A 177 14.35 6.02 6.00
C THR A 177 13.83 7.19 6.83
N GLY A 178 14.69 7.73 7.70
CA GLY A 178 14.26 8.85 8.52
C GLY A 178 13.94 10.09 7.71
N MET A 179 14.71 10.33 6.65
CA MET A 179 14.47 11.51 5.82
C MET A 179 13.15 11.38 5.06
N ILE A 180 12.83 10.18 4.57
CA ILE A 180 11.61 9.99 3.81
C ILE A 180 10.40 10.09 4.72
N GLU A 181 10.40 9.33 5.82
CA GLU A 181 9.29 9.40 6.76
C GLU A 181 9.12 10.81 7.31
N GLY A 182 10.24 11.46 7.69
CA GLY A 182 10.14 12.78 8.26
C GLY A 182 9.63 13.81 7.27
N LEU A 183 10.17 13.79 6.04
CA LEU A 183 9.72 14.72 5.02
C LEU A 183 8.23 14.55 4.74
N ALA A 184 7.76 13.31 4.70
CA ALA A 184 6.34 13.06 4.48
C ALA A 184 5.49 13.71 5.57
N ALA A 185 6.00 13.76 6.79
CA ALA A 185 5.28 14.34 7.92
C ALA A 185 5.55 15.82 8.10
N ALA A 186 6.45 16.40 7.31
CA ALA A 186 6.80 17.80 7.48
C ALA A 186 5.63 18.70 7.10
N ASN A 187 5.73 19.97 7.51
CA ASN A 187 4.69 20.96 7.23
C ASN A 187 4.79 21.38 5.77
N SER A 188 3.71 21.14 5.02
CA SER A 188 3.70 21.45 3.60
C SER A 188 3.84 22.94 3.32
N ALA A 189 3.58 23.79 4.32
CA ALA A 189 3.66 25.23 4.09
C ALA A 189 5.10 25.70 3.96
N LEU A 190 6.03 25.00 4.61
CA LEU A 190 7.44 25.33 4.47
C LEU A 190 7.90 25.04 3.04
N PRO A 191 8.60 25.98 2.39
CA PRO A 191 9.21 25.65 1.10
C PRO A 191 10.17 24.48 1.25
N LEU A 192 10.35 23.73 0.17
CA LEU A 192 10.88 22.38 0.26
C LEU A 192 12.25 22.35 0.93
N ARG A 193 13.17 23.21 0.50
CA ARG A 193 14.54 23.12 1.01
C ARG A 193 14.60 23.43 2.50
N ARG A 194 13.90 24.47 2.94
CA ARG A 194 13.75 24.70 4.39
C ARG A 194 13.13 23.50 5.07
N ARG A 195 12.07 22.95 4.47
CA ARG A 195 11.39 21.79 5.03
C ARG A 195 12.35 20.62 5.22
N LEU A 196 13.12 20.30 4.18
CA LEU A 196 14.02 19.16 4.25
C LEU A 196 15.17 19.41 5.25
N SER A 197 15.66 20.65 5.30
CA SER A 197 16.75 20.96 6.23
C SER A 197 16.35 20.70 7.67
N THR A 198 15.12 21.09 8.05
CA THR A 198 14.66 20.84 9.41
C THR A 198 14.47 19.35 9.68
N VAL A 199 14.27 18.55 8.64
CA VAL A 199 14.20 17.10 8.83
C VAL A 199 15.57 16.55 9.20
N PHE A 200 16.61 16.99 8.49
CA PHE A 200 17.96 16.55 8.82
C PHE A 200 18.34 16.94 10.25
N THR A 201 18.00 18.17 10.66
CA THR A 201 18.35 18.62 12.00
C THR A 201 17.51 17.91 13.06
N ASP A 202 16.23 17.65 12.76
CA ASP A 202 15.40 16.88 13.68
C ASP A 202 15.96 15.48 13.92
N MET A 203 16.75 14.96 12.99
CA MET A 203 17.36 13.65 13.12
C MET A 203 18.75 13.69 13.77
N GLY A 204 19.21 14.85 14.20
CA GLY A 204 20.47 14.98 14.90
C GLY A 204 21.55 15.69 14.13
N CYS A 205 21.35 15.97 12.85
CA CYS A 205 22.34 16.75 12.11
C CYS A 205 22.44 18.15 12.71
N PRO A 206 23.62 18.75 12.71
CA PRO A 206 23.76 20.08 13.31
C PRO A 206 22.97 21.13 12.55
N ALA A 207 22.58 22.18 13.26
CA ALA A 207 21.77 23.22 12.66
C ALA A 207 22.56 23.97 11.59
N PRO A 208 21.88 24.48 10.56
CA PRO A 208 22.59 25.25 9.54
C PRO A 208 23.28 26.47 10.12
N SER A 209 24.21 27.02 9.35
CA SER A 209 24.90 28.23 9.76
C SER A 209 23.94 29.41 9.79
N THR A 210 24.33 30.45 10.53
CA THR A 210 23.52 31.64 10.70
C THR A 210 24.24 32.91 10.25
N LYS A 211 25.51 32.81 9.84
CA LYS A 211 26.33 33.98 9.55
C LYS A 211 26.15 34.40 8.09
N GLY A 212 25.91 35.69 7.89
CA GLY A 212 25.77 36.27 6.57
C GLY A 212 27.00 37.03 6.15
N TRP A 213 26.80 38.15 5.47
CA TRP A 213 27.92 38.93 4.93
C TRP A 213 27.39 40.27 4.43
N THR A 214 28.33 41.12 4.00
CA THR A 214 28.04 42.41 3.40
C THR A 214 29.11 42.67 2.34
N VAL A 215 28.69 43.00 1.13
CA VAL A 215 29.63 43.19 0.02
C VAL A 215 29.25 44.43 -0.76
N PRO A 216 30.22 45.00 -1.48
CA PRO A 216 29.94 46.18 -2.32
C PRO A 216 29.24 45.78 -3.60
N VAL A 217 28.91 46.78 -4.42
CA VAL A 217 28.20 46.58 -5.67
C VAL A 217 29.17 46.87 -6.83
N THR A 218 29.26 45.93 -7.76
CA THR A 218 30.19 46.02 -8.87
C THR A 218 29.55 46.71 -10.07
N GLY A 221 27.68 49.21 -14.33
CA GLY A 221 26.31 49.68 -14.43
C GLY A 221 26.15 50.86 -15.37
N LEU A 222 25.22 51.75 -15.03
CA LEU A 222 24.96 52.97 -15.81
C LEU A 222 24.05 53.85 -14.97
N PRO A 223 24.06 55.18 -15.14
CA PRO A 223 23.28 56.04 -14.25
C PRO A 223 21.78 55.85 -14.49
N PRO A 224 20.96 56.07 -13.47
CA PRO A 224 19.51 55.99 -13.67
C PRO A 224 18.96 57.08 -14.55
N THR A 225 17.93 56.72 -15.32
CA THR A 225 17.11 57.66 -16.07
C THR A 225 15.65 57.31 -15.85
N SER A 226 14.77 58.27 -16.11
CA SER A 226 13.33 58.04 -16.06
C SER A 226 12.74 57.83 -17.44
N GLY A 227 13.59 57.65 -18.46
CA GLY A 227 13.11 57.40 -19.80
C GLY A 227 12.32 58.57 -20.34
N LEU A 228 11.20 58.27 -20.97
CA LEU A 228 10.35 59.27 -21.59
C LEU A 228 9.09 59.55 -20.78
N ILE A 229 9.10 59.20 -19.49
CA ILE A 229 8.00 59.59 -18.61
C ILE A 229 7.91 61.11 -18.57
N PRO A 230 6.73 61.70 -18.76
CA PRO A 230 6.61 63.15 -18.57
C PRO A 230 7.03 63.54 -17.16
N THR A 231 7.96 64.50 -17.06
CA THR A 231 8.55 64.79 -15.76
C THR A 231 7.51 65.25 -14.76
N ALA A 232 6.39 65.80 -15.23
CA ALA A 232 5.32 66.19 -14.32
C ALA A 232 4.59 64.97 -13.77
N LEU A 233 4.30 64.00 -14.63
CA LEU A 233 3.62 62.78 -14.21
C LEU A 233 4.55 61.78 -13.53
N LEU A 234 5.84 62.08 -13.42
CA LEU A 234 6.77 61.10 -12.88
C LEU A 234 6.46 60.75 -11.42
N PRO A 235 6.27 61.70 -10.51
CA PRO A 235 6.01 61.31 -9.12
C PRO A 235 4.82 60.38 -8.98
N GLY A 236 3.69 60.70 -9.63
CA GLY A 236 2.54 59.83 -9.54
C GLY A 236 2.77 58.48 -10.18
N ILE A 237 3.41 58.45 -11.35
CA ILE A 237 3.66 57.19 -12.04
C ILE A 237 4.56 56.29 -11.20
N LEU A 238 5.69 56.82 -10.74
CA LEU A 238 6.65 55.99 -10.04
C LEU A 238 6.23 55.71 -8.60
N THR A 239 5.50 56.62 -7.97
CA THR A 239 4.90 56.30 -6.67
C THR A 239 4.00 55.07 -6.81
N ARG A 240 3.17 55.05 -7.86
CA ARG A 240 2.37 53.87 -8.13
C ARG A 240 3.25 52.65 -8.40
N ALA A 241 4.37 52.85 -9.10
CA ALA A 241 5.23 51.72 -9.44
C ALA A 241 5.78 51.06 -8.18
N ALA A 242 6.40 51.84 -7.30
CA ALA A 242 6.92 51.29 -6.06
C ALA A 242 5.82 50.66 -5.21
N HIS A 243 4.60 51.18 -5.31
CA HIS A 243 3.51 50.66 -4.49
C HIS A 243 3.10 49.26 -4.92
N ASP A 244 3.03 49.01 -6.23
CA ASP A 244 2.53 47.74 -6.75
C ASP A 244 3.62 46.73 -7.05
N ALA A 245 4.90 47.12 -6.98
CA ALA A 245 5.98 46.19 -7.26
C ALA A 245 5.90 45.01 -6.29
N SER A 246 6.19 43.81 -6.82
CA SER A 246 6.06 42.58 -6.04
C SER A 246 7.19 42.36 -5.04
N VAL A 247 8.27 43.13 -5.11
CA VAL A 247 9.39 42.97 -4.20
C VAL A 247 9.40 44.16 -3.23
N ALA A 248 10.01 43.95 -2.08
CA ALA A 248 9.95 44.94 -1.01
C ALA A 248 10.81 46.15 -1.34
N ILE A 249 10.28 47.33 -1.04
CA ILE A 249 11.00 48.59 -1.22
C ILE A 249 10.84 49.40 0.07
N THR A 250 11.96 49.91 0.57
CA THR A 250 11.96 50.75 1.77
C THR A 250 12.90 51.91 1.57
N VAL A 251 12.59 53.03 2.23
CA VAL A 251 13.43 54.22 2.19
C VAL A 251 13.68 54.67 3.62
N ALA A 252 14.93 55.01 3.92
CA ALA A 252 15.32 55.52 5.23
C ALA A 252 15.93 56.90 5.05
N ASP A 253 15.62 57.80 5.97
CA ASP A 253 16.15 59.16 5.96
C ASP A 253 17.38 59.21 6.87
N VAL A 254 18.57 59.23 6.24
CA VAL A 254 19.81 59.27 7.01
C VAL A 254 20.16 60.66 7.47
N THR A 255 19.32 61.66 7.18
CA THR A 255 19.45 62.98 7.75
C THR A 255 18.80 63.09 9.11
N ALA A 256 17.89 62.17 9.44
CA ALA A 256 17.19 62.16 10.71
C ALA A 256 17.89 61.25 11.72
N PRO A 257 17.65 61.46 13.02
CA PRO A 257 18.36 60.66 14.03
C PRO A 257 17.96 59.19 13.97
N ASP A 258 18.97 58.32 13.95
CA ASP A 258 18.79 56.87 13.96
C ASP A 258 18.33 56.32 12.61
N GLN A 259 18.45 57.10 11.54
CA GLN A 259 18.16 56.63 10.18
C GLN A 259 16.78 55.95 10.11
N PRO A 260 15.71 56.70 10.39
CA PRO A 260 14.38 56.09 10.46
C PRO A 260 13.81 55.75 9.09
N LEU A 261 12.85 54.83 9.11
CA LEU A 261 12.12 54.46 7.90
C LEU A 261 11.12 55.56 7.56
N VAL A 262 11.11 55.99 6.31
CA VAL A 262 10.15 56.98 5.83
C VAL A 262 9.27 56.45 4.71
N TYR A 263 9.53 55.24 4.20
CA TYR A 263 8.65 54.61 3.23
C TYR A 263 8.82 53.10 3.29
N ALA A 264 7.71 52.40 3.06
CA ALA A 264 7.71 50.94 2.97
C ALA A 264 6.48 50.50 2.20
N ASN A 265 6.68 49.75 1.13
CA ASN A 265 5.58 49.36 0.24
C ASN A 265 4.93 48.08 0.73
N PRO A 266 3.75 47.74 0.20
CA PRO A 266 3.04 46.54 0.70
C PRO A 266 3.83 45.26 0.55
N ALA A 267 4.68 45.14 -0.48
CA ALA A 267 5.50 43.94 -0.60
C ALA A 267 6.38 43.76 0.62
N PHE A 268 6.86 44.86 1.19
CA PHE A 268 7.57 44.79 2.45
C PHE A 268 6.65 44.33 3.58
N GLU A 269 5.40 44.79 3.56
CA GLU A 269 4.45 44.38 4.59
C GLU A 269 4.19 42.88 4.53
N ARG A 270 4.01 42.34 3.33
CA ARG A 270 3.82 40.90 3.18
C ARG A 270 5.07 40.14 3.62
N LEU A 271 6.24 40.63 3.23
CA LEU A 271 7.48 39.92 3.53
C LEU A 271 7.72 39.82 5.02
N THR A 272 7.51 40.92 5.76
CA THR A 272 7.89 41.00 7.16
C THR A 272 6.72 40.81 8.12
N GLY A 273 5.49 40.93 7.63
CA GLY A 273 4.35 40.92 8.52
C GLY A 273 4.14 42.22 9.28
N TYR A 274 4.90 43.27 8.96
CA TYR A 274 4.73 44.58 9.57
C TYR A 274 3.95 45.50 8.64
N ALA A 275 3.00 46.23 9.22
CA ALA A 275 2.34 47.30 8.49
C ALA A 275 3.24 48.52 8.45
N ALA A 276 3.18 49.25 7.33
CA ALA A 276 4.01 50.44 7.19
C ALA A 276 3.76 51.43 8.32
N ALA A 277 2.49 51.60 8.70
CA ALA A 277 2.16 52.56 9.76
C ALA A 277 2.93 52.29 11.04
N GLU A 278 3.19 51.03 11.35
CA GLU A 278 3.78 50.65 12.63
C GLU A 278 5.30 50.50 12.58
N VAL A 279 5.92 50.85 11.45
CA VAL A 279 7.38 50.84 11.35
C VAL A 279 7.94 52.17 10.85
N LEU A 280 7.12 53.05 10.30
CA LEU A 280 7.60 54.36 9.88
C LEU A 280 8.10 55.15 11.08
N GLY A 281 9.28 55.75 10.93
CA GLY A 281 9.93 56.45 12.02
C GLY A 281 10.90 55.63 12.82
N ARG A 282 10.96 54.32 12.58
CA ARG A 282 11.87 53.41 13.28
C ARG A 282 12.98 52.94 12.36
N ASN A 283 14.13 52.63 12.95
CA ASN A 283 15.21 52.01 12.20
C ASN A 283 14.85 50.56 11.86
N CYS A 284 15.33 50.11 10.70
CA CYS A 284 14.98 48.78 10.21
C CYS A 284 15.57 47.65 11.04
N ARG A 285 16.43 47.94 12.00
CA ARG A 285 17.08 46.88 12.78
C ARG A 285 16.09 45.94 13.45
N PHE A 286 14.81 46.34 13.59
CA PHE A 286 13.86 45.49 14.30
C PHE A 286 13.69 44.13 13.63
N LEU A 287 14.05 44.01 12.35
CA LEU A 287 13.97 42.73 11.67
C LEU A 287 14.98 41.73 12.22
N GLN A 288 16.01 42.21 12.92
CA GLN A 288 17.00 41.33 13.53
C GLN A 288 16.53 40.77 14.87
N ALA A 289 15.44 41.31 15.42
CA ALA A 289 14.88 40.83 16.69
C ALA A 289 15.96 40.76 17.76
N GLU A 290 16.71 41.85 17.90
CA GLU A 290 17.77 41.97 18.90
C GLU A 290 18.76 40.80 18.81
N SER A 291 18.84 40.15 17.64
CA SER A 291 19.76 39.04 17.42
C SER A 291 20.77 39.34 16.32
N GLY A 292 21.13 40.61 16.15
CA GLY A 292 22.07 40.98 15.10
C GLY A 292 23.50 40.73 15.50
N ASP A 293 24.24 40.06 14.64
CA ASP A 293 25.65 39.80 14.92
C ASP A 293 26.40 41.13 15.00
N PRO A 294 27.16 41.38 16.08
CA PRO A 294 27.86 42.67 16.18
C PRO A 294 28.70 43.04 14.96
N HIS A 295 29.46 42.08 14.42
CA HIS A 295 30.32 42.39 13.27
C HIS A 295 29.49 42.69 12.03
N GLU A 296 28.41 41.93 11.81
CA GLU A 296 27.55 42.19 10.67
C GLU A 296 26.92 43.57 10.76
N ARG A 297 26.48 43.97 11.95
CA ARG A 297 25.90 45.30 12.10
C ARG A 297 26.92 46.38 11.76
N SER A 298 28.14 46.22 12.28
CA SER A 298 29.17 47.22 12.04
C SER A 298 29.48 47.36 10.55
N ALA A 299 29.48 46.25 9.81
CA ALA A 299 29.70 46.32 8.38
C ALA A 299 28.64 47.16 7.70
N ILE A 300 27.38 46.97 8.09
CA ILE A 300 26.29 47.76 7.51
C ILE A 300 26.44 49.22 7.87
N ARG A 301 26.66 49.51 9.17
CA ARG A 301 26.85 50.89 9.61
C ARG A 301 27.95 51.58 8.81
N SER A 302 29.09 50.90 8.64
CA SER A 302 30.21 51.53 7.96
C SER A 302 29.86 51.82 6.50
N ALA A 303 29.23 50.87 5.81
CA ALA A 303 28.83 51.09 4.43
C ALA A 303 27.92 52.30 4.32
N ILE A 304 26.90 52.37 5.18
CA ILE A 304 25.97 53.49 5.15
C ILE A 304 26.70 54.80 5.42
N ALA A 305 27.50 54.83 6.48
CA ALA A 305 28.20 56.05 6.85
C ALA A 305 29.07 56.58 5.72
N ASN A 306 29.55 55.69 4.84
CA ASN A 306 30.42 56.09 3.75
C ASN A 306 29.67 56.35 2.45
N GLY A 307 28.34 56.20 2.44
CA GLY A 307 27.58 56.40 1.22
C GLY A 307 27.83 55.33 0.19
N ASP A 308 28.23 54.14 0.60
CA ASP A 308 28.51 53.05 -0.32
C ASP A 308 27.23 52.31 -0.70
N ALA A 309 27.27 51.68 -1.87
CA ALA A 309 26.24 50.74 -2.28
C ALA A 309 26.72 49.34 -1.95
N VAL A 310 25.91 48.59 -1.18
CA VAL A 310 26.29 47.26 -0.72
C VAL A 310 25.08 46.34 -0.76
N THR A 311 25.36 45.05 -0.85
CA THR A 311 24.36 44.00 -0.70
C THR A 311 24.69 43.22 0.55
N THR A 312 23.67 42.97 1.39
CA THR A 312 23.87 42.31 2.67
C THR A 312 22.96 41.10 2.76
N LEU A 313 23.53 39.97 3.17
CA LEU A 313 22.76 38.79 3.54
C LEU A 313 22.75 38.71 5.06
N ILE A 314 21.57 38.55 5.65
CA ILE A 314 21.42 38.58 7.09
C ILE A 314 20.20 37.76 7.48
N ARG A 315 20.24 37.21 8.68
CA ARG A 315 19.13 36.43 9.21
C ARG A 315 18.12 37.38 9.84
N ASN A 316 16.85 37.25 9.45
CA ASN A 316 15.80 38.16 9.87
C ASN A 316 14.59 37.38 10.36
N PHE A 317 13.62 38.12 10.90
CA PHE A 317 12.45 37.53 11.53
C PHE A 317 11.25 38.43 11.28
N ARG A 318 10.14 37.82 10.88
CA ARG A 318 8.90 38.54 10.67
C ARG A 318 8.31 38.95 12.02
N GLN A 319 7.22 39.73 11.96
CA GLN A 319 6.58 40.16 13.19
C GLN A 319 6.05 38.98 14.00
N ASP A 320 5.83 37.83 13.37
CA ASP A 320 5.38 36.64 14.08
C ASP A 320 6.53 35.78 14.57
N GLY A 321 7.78 36.19 14.32
CA GLY A 321 8.95 35.52 14.85
C GLY A 321 9.62 34.55 13.90
N HIS A 322 8.94 34.12 12.85
CA HIS A 322 9.51 33.14 11.94
C HIS A 322 10.67 33.75 11.15
N ALA A 323 11.70 32.94 10.92
CA ALA A 323 12.96 33.41 10.39
C ALA A 323 12.99 33.27 8.87
N PHE A 324 13.89 34.02 8.24
CA PHE A 324 14.12 33.93 6.82
C PHE A 324 15.45 34.61 6.51
N TRP A 325 16.10 34.15 5.44
CA TRP A 325 17.32 34.81 4.97
C TRP A 325 16.95 36.01 4.11
N ASN A 326 17.54 37.16 4.44
CA ASN A 326 17.22 38.43 3.79
C ASN A 326 18.48 38.92 3.08
N GLU A 327 18.46 38.87 1.76
CA GLU A 327 19.47 39.57 0.94
C GLU A 327 18.84 40.89 0.52
N PHE A 328 19.25 41.98 1.16
CA PHE A 328 18.74 43.30 0.84
C PHE A 328 19.88 44.18 0.35
N HIS A 329 19.64 44.88 -0.75
CA HIS A 329 20.61 45.80 -1.33
C HIS A 329 20.36 47.20 -0.80
N LEU A 330 21.45 47.93 -0.52
CA LEU A 330 21.38 49.29 0.00
C LEU A 330 21.92 50.23 -1.07
N SER A 331 21.08 51.13 -1.54
CA SER A 331 21.44 52.06 -2.61
C SER A 331 21.36 53.49 -2.09
N PRO A 332 22.44 54.26 -2.10
CA PRO A 332 22.37 55.64 -1.58
C PRO A 332 21.76 56.58 -2.60
N VAL A 333 21.05 57.58 -2.08
CA VAL A 333 20.41 58.62 -2.89
C VAL A 333 21.04 59.94 -2.50
N ARG A 334 21.62 60.64 -3.47
CA ARG A 334 22.33 61.89 -3.21
C ARG A 334 21.53 63.04 -3.81
N ASN A 335 21.45 64.14 -3.07
CA ASN A 335 20.67 65.29 -3.52
C ASN A 335 21.49 66.07 -4.55
N GLY A 336 21.02 67.27 -4.90
CA GLY A 336 21.67 68.05 -5.93
C GLY A 336 23.12 68.37 -5.61
N ALA A 337 23.41 68.68 -4.35
CA ALA A 337 24.75 69.05 -3.94
C ALA A 337 25.68 67.85 -3.76
N GLY A 338 25.15 66.64 -3.89
CA GLY A 338 25.95 65.44 -3.71
C GLY A 338 25.88 64.83 -2.34
N ARG A 339 24.98 65.32 -1.48
CA ARG A 339 24.84 64.82 -0.12
C ARG A 339 23.91 63.62 -0.10
N VAL A 340 24.33 62.56 0.59
CA VAL A 340 23.49 61.39 0.78
C VAL A 340 22.41 61.76 1.80
N THR A 341 21.17 61.88 1.34
CA THR A 341 20.06 62.22 2.22
C THR A 341 19.19 61.02 2.57
N HIS A 342 19.05 60.04 1.68
CA HIS A 342 18.29 58.84 1.96
C HIS A 342 19.07 57.60 1.51
N TYR A 343 18.53 56.44 1.88
CA TYR A 343 18.99 55.14 1.42
C TYR A 343 17.76 54.33 1.04
N ILE A 344 17.86 53.56 -0.05
CA ILE A 344 16.80 52.67 -0.48
C ILE A 344 17.22 51.24 -0.15
N GLY A 345 16.29 50.45 0.34
CA GLY A 345 16.53 49.05 0.66
C GLY A 345 15.55 48.16 -0.08
N TYR A 346 16.07 47.07 -0.64
CA TYR A 346 15.28 46.10 -1.40
C TYR A 346 15.45 44.74 -0.75
N GLN A 347 14.53 44.38 0.13
CA GLN A 347 14.63 43.12 0.85
C GLN A 347 14.13 41.96 0.00
N LEU A 348 14.84 40.84 0.05
CA LEU A 348 14.50 39.65 -0.72
C LEU A 348 14.63 38.43 0.17
N ASP A 349 13.59 37.59 0.18
CA ASP A 349 13.64 36.31 0.87
C ASP A 349 14.39 35.32 -0.02
N VAL A 350 15.62 35.01 0.34
CA VAL A 350 16.47 34.12 -0.45
C VAL A 350 16.74 32.85 0.34
N THR A 351 15.79 32.45 1.18
CA THR A 351 15.99 31.30 2.05
C THR A 351 16.31 30.05 1.24
N GLU A 352 15.46 29.73 0.25
CA GLU A 352 15.65 28.50 -0.51
C GLU A 352 17.01 28.48 -1.21
N ARG A 353 17.41 29.61 -1.79
CA ARG A 353 18.74 29.69 -2.41
C ARG A 353 19.84 29.48 -1.38
N VAL A 354 19.71 30.14 -0.22
CA VAL A 354 20.73 30.01 0.82
C VAL A 354 20.78 28.57 1.33
N GLU A 355 19.62 27.93 1.48
CA GLU A 355 19.59 26.56 1.96
C GLU A 355 20.36 25.64 1.02
N ARG A 356 20.20 25.84 -0.29
CA ARG A 356 20.99 25.06 -1.25
C ARG A 356 22.47 25.40 -1.15
N ASP A 357 22.80 26.69 -1.15
CA ASP A 357 24.20 27.10 -1.06
C ASP A 357 24.88 26.45 0.15
N GLN A 358 24.16 26.26 1.26
CA GLN A 358 24.76 25.72 2.46
C GLN A 358 25.08 24.24 2.29
N GLN A 359 24.18 23.47 1.66
CA GLN A 359 24.49 22.08 1.36
C GLN A 359 25.69 22.01 0.42
N LEU A 360 25.69 22.84 -0.64
CA LEU A 360 26.83 22.89 -1.53
C LEU A 360 28.09 23.28 -0.78
N GLU A 361 27.97 24.14 0.23
CA GLU A 361 29.12 24.55 1.03
C GLU A 361 29.69 23.38 1.82
N GLN A 362 28.83 22.48 2.29
CA GLN A 362 29.32 21.32 3.03
C GLN A 362 30.11 20.38 2.13
N LEU A 363 29.66 20.18 0.89
CA LEU A 363 30.40 19.33 -0.04
C LEU A 363 31.73 19.98 -0.43
N ALA A 364 31.73 21.30 -0.67
CA ALA A 364 32.98 21.97 -1.03
C ALA A 364 33.97 21.96 0.12
N SER A 365 33.48 22.08 1.35
CA SER A 365 34.36 21.98 2.50
C SER A 365 35.00 20.59 2.59
N LEU A 366 34.22 19.55 2.27
CA LEU A 366 34.77 18.20 2.27
C LEU A 366 35.79 18.00 1.15
N GLU A 367 35.49 18.53 -0.04
CA GLU A 367 36.44 18.41 -1.15
C GLU A 367 37.77 19.06 -0.81
N HIS A 368 37.74 20.29 -0.29
CA HIS A 368 38.96 20.97 0.11
C HIS A 368 39.76 20.12 1.10
N HIS A 369 39.05 19.48 2.04
CA HIS A 369 39.73 18.64 3.03
C HIS A 369 40.45 17.48 2.35
N HIS A 370 39.77 16.78 1.43
CA HIS A 370 40.40 15.66 0.75
C HIS A 370 41.61 16.10 -0.06
N HIS A 371 41.55 17.28 -0.66
CA HIS A 371 42.66 17.73 -1.50
C HIS A 371 43.87 18.12 -0.68
N HIS A 372 43.66 18.84 0.44
CA HIS A 372 44.78 19.38 1.21
C HIS A 372 44.89 18.82 2.61
N HIS A 373 43.89 18.09 3.09
CA HIS A 373 43.87 17.52 4.45
C HIS A 373 44.20 18.54 5.54
N ALA B 10 14.63 -36.06 21.49
CA ALA B 10 14.92 -34.65 21.27
C ALA B 10 15.21 -34.39 19.80
N SER B 11 15.94 -35.31 19.17
CA SER B 11 16.29 -35.19 17.75
C SER B 11 15.18 -35.74 16.85
N PHE B 12 14.58 -36.86 17.22
CA PHE B 12 13.52 -37.45 16.42
C PHE B 12 12.53 -38.15 17.35
N GLY B 13 11.31 -38.33 16.85
CA GLY B 13 10.27 -39.02 17.59
C GLY B 13 9.50 -39.93 16.65
N SER B 14 8.66 -40.77 17.26
CA SER B 14 7.97 -41.81 16.52
C SER B 14 6.50 -41.88 16.93
N PHE B 15 5.67 -42.37 16.02
CA PHE B 15 4.27 -42.65 16.30
C PHE B 15 3.85 -43.86 15.47
N VAL B 16 2.69 -44.40 15.82
CA VAL B 16 2.12 -45.52 15.08
C VAL B 16 0.61 -45.34 15.00
N LEU B 17 0.04 -45.60 13.82
CA LEU B 17 -1.39 -45.53 13.61
C LEU B 17 -1.90 -46.86 13.07
N ASP B 18 -2.96 -47.39 13.69
CA ASP B 18 -3.59 -48.61 13.23
C ASP B 18 -4.69 -48.26 12.23
N ALA B 19 -4.62 -48.88 11.04
CA ALA B 19 -5.56 -48.54 9.97
C ALA B 19 -7.00 -48.75 10.41
N GLY B 20 -7.27 -49.89 11.06
CA GLY B 20 -8.65 -50.21 11.40
C GLY B 20 -9.21 -49.31 12.48
N SER B 21 -8.49 -49.15 13.59
CA SER B 21 -9.01 -48.46 14.76
C SER B 21 -8.53 -47.01 14.86
N ALA B 22 -7.63 -46.58 13.98
CA ALA B 22 -7.08 -45.22 14.02
C ALA B 22 -6.41 -44.91 15.36
N ARG B 23 -5.90 -45.95 16.03
CA ARG B 23 -5.25 -45.77 17.33
C ARG B 23 -3.86 -45.18 17.12
N PHE B 24 -3.65 -43.98 17.65
CA PHE B 24 -2.38 -43.26 17.52
C PHE B 24 -1.60 -43.37 18.83
N VAL B 25 -0.38 -43.90 18.75
CA VAL B 25 0.50 -44.05 19.91
C VAL B 25 1.76 -43.25 19.62
N GLY B 26 1.89 -42.09 20.23
CA GLY B 26 3.11 -41.31 20.12
C GLY B 26 4.13 -41.68 21.19
N SER B 27 5.41 -41.54 20.83
CA SER B 27 6.49 -41.86 21.74
C SER B 27 6.86 -40.66 22.61
N ASP B 28 7.55 -40.95 23.72
CA ASP B 28 8.05 -39.88 24.57
C ASP B 28 8.96 -38.93 23.80
N GLU B 29 9.76 -39.47 22.87
CA GLU B 29 10.67 -38.63 22.10
C GLU B 29 9.90 -37.71 21.17
N LEU B 30 8.78 -38.19 20.62
CA LEU B 30 7.95 -37.35 19.75
C LEU B 30 7.51 -36.08 20.46
N ALA B 31 6.98 -36.22 21.67
CA ALA B 31 6.63 -35.04 22.45
C ALA B 31 7.83 -34.12 22.62
N LEU B 32 9.01 -34.70 22.88
CA LEU B 32 10.20 -33.88 23.10
C LEU B 32 10.60 -33.13 21.84
N VAL B 33 10.50 -33.78 20.67
CA VAL B 33 10.85 -33.09 19.44
C VAL B 33 9.85 -31.97 19.16
N LEU B 34 8.61 -32.13 19.64
CA LEU B 34 7.59 -31.10 19.45
C LEU B 34 7.63 -30.00 20.50
N GLY B 35 8.26 -30.24 21.65
CA GLY B 35 8.32 -29.21 22.67
C GLY B 35 7.40 -29.50 23.84
N PHE B 36 7.32 -30.77 24.23
CA PHE B 36 6.45 -31.21 25.30
C PHE B 36 7.21 -32.13 26.24
N ALA B 37 6.61 -32.39 27.40
CA ALA B 37 7.13 -33.45 28.24
C ALA B 37 6.37 -34.72 27.90
N PRO B 38 6.98 -35.90 28.02
CA PRO B 38 6.33 -37.11 27.48
C PRO B 38 4.90 -37.33 27.95
N GLY B 39 4.63 -37.11 29.24
CA GLY B 39 3.31 -37.37 29.80
C GLY B 39 2.27 -36.27 29.64
N ASP B 40 2.68 -35.07 29.25
CA ASP B 40 1.80 -33.90 29.33
C ASP B 40 0.50 -34.10 28.58
N VAL B 41 0.59 -34.48 27.31
CA VAL B 41 -0.57 -34.52 26.43
C VAL B 41 -0.64 -35.89 25.78
N VAL B 42 -1.86 -36.33 25.46
CA VAL B 42 -2.03 -37.55 24.69
C VAL B 42 -1.78 -37.18 23.23
N LEU B 43 -0.71 -37.74 22.66
CA LEU B 43 -0.26 -37.35 21.34
C LEU B 43 -1.28 -37.80 20.30
N THR B 44 -1.70 -36.87 19.45
CA THR B 44 -2.70 -37.14 18.42
C THR B 44 -2.24 -36.56 17.10
N PRO B 45 -2.79 -37.04 15.98
CA PRO B 45 -2.43 -36.46 14.68
C PRO B 45 -2.73 -34.97 14.59
N ALA B 46 -3.85 -34.52 15.19
CA ALA B 46 -4.15 -33.10 15.17
C ALA B 46 -3.09 -32.28 15.89
N VAL B 47 -2.56 -32.82 17.00
CA VAL B 47 -1.48 -32.14 17.72
C VAL B 47 -0.24 -32.07 16.86
N VAL B 48 0.09 -33.15 16.15
CA VAL B 48 1.26 -33.14 15.27
C VAL B 48 1.08 -32.07 14.19
N LEU B 49 -0.09 -32.06 13.54
CA LEU B 49 -0.36 -31.05 12.53
C LEU B 49 -0.28 -29.64 13.11
N ALA B 50 -0.71 -29.49 14.37
CA ALA B 50 -0.68 -28.16 14.99
C ALA B 50 0.73 -27.58 15.03
N HIS B 51 1.74 -28.42 15.24
CA HIS B 51 3.12 -27.97 15.33
C HIS B 51 3.81 -27.91 13.97
N LEU B 52 3.09 -28.19 12.88
CA LEU B 52 3.62 -28.02 11.54
C LEU B 52 3.21 -26.64 11.00
N HIS B 53 4.05 -26.11 10.11
CA HIS B 53 3.68 -24.90 9.40
C HIS B 53 2.43 -25.18 8.55
N PRO B 54 1.44 -24.28 8.54
CA PRO B 54 0.20 -24.58 7.82
C PRO B 54 0.41 -24.94 6.35
N ASP B 55 1.49 -24.49 5.73
CA ASP B 55 1.75 -24.89 4.35
C ASP B 55 2.10 -26.38 4.23
N ASP B 56 2.50 -27.01 5.33
CA ASP B 56 2.93 -28.40 5.30
C ASP B 56 1.81 -29.37 5.65
N ARG B 57 0.68 -28.88 6.15
CA ARG B 57 -0.32 -29.75 6.75
C ARG B 57 -1.06 -30.57 5.71
N LEU B 58 -1.31 -30.00 4.53
CA LEU B 58 -2.03 -30.74 3.49
C LEU B 58 -1.17 -31.86 2.93
N GLU B 59 0.10 -31.58 2.62
CA GLU B 59 0.98 -32.61 2.10
C GLU B 59 1.25 -33.67 3.16
N TRP B 60 1.49 -33.25 4.40
CA TRP B 60 1.76 -34.20 5.47
C TRP B 60 0.59 -35.16 5.65
N GLN B 61 -0.63 -34.64 5.73
CA GLN B 61 -1.80 -35.49 5.81
C GLN B 61 -1.90 -36.40 4.58
N ALA B 62 -1.73 -35.82 3.39
CA ALA B 62 -1.81 -36.62 2.17
C ALA B 62 -0.72 -37.69 2.15
N GLY B 63 0.48 -37.36 2.61
CA GLY B 63 1.54 -38.35 2.68
C GLY B 63 1.14 -39.56 3.50
N LEU B 64 0.45 -39.32 4.62
CA LEU B 64 -0.03 -40.43 5.45
C LEU B 64 -1.12 -41.22 4.73
N GLN B 65 -2.09 -40.52 4.15
CA GLN B 65 -3.20 -41.20 3.49
C GLN B 65 -2.70 -42.08 2.36
N ARG B 66 -1.70 -41.63 1.61
CA ARG B 66 -1.20 -42.45 0.51
C ARG B 66 -0.45 -43.67 1.04
N CYS B 67 0.29 -43.51 2.14
CA CYS B 67 0.97 -44.66 2.73
C CYS B 67 -0.02 -45.72 3.19
N LEU B 68 -1.19 -45.29 3.67
CA LEU B 68 -2.22 -46.25 4.07
C LEU B 68 -2.81 -46.94 2.85
N ALA B 69 -3.00 -46.21 1.76
CA ALA B 69 -3.69 -46.75 0.59
C ALA B 69 -2.75 -47.54 -0.32
N THR B 70 -1.49 -47.14 -0.41
CA THR B 70 -0.52 -47.81 -1.28
C THR B 70 0.43 -48.73 -0.53
N GLY B 71 0.67 -48.45 0.75
CA GLY B 71 1.62 -49.21 1.53
C GLY B 71 3.08 -48.88 1.26
N ARG B 72 3.36 -48.04 0.26
CA ARG B 72 4.73 -47.68 -0.05
C ARG B 72 5.22 -46.58 0.90
N PRO B 73 6.51 -46.56 1.22
CA PRO B 73 7.00 -45.54 2.15
C PRO B 73 6.91 -44.13 1.56
N VAL B 74 6.67 -43.16 2.44
CA VAL B 74 6.51 -41.77 2.06
C VAL B 74 7.46 -40.92 2.88
N VAL B 75 7.96 -39.84 2.27
CA VAL B 75 8.81 -38.88 2.94
C VAL B 75 8.23 -37.49 2.70
N VAL B 76 8.09 -36.71 3.76
CA VAL B 76 7.51 -35.37 3.72
C VAL B 76 8.52 -34.37 4.26
N ASN B 77 8.76 -33.32 3.49
CA ASN B 77 9.58 -32.20 3.94
C ASN B 77 8.66 -31.13 4.52
N HIS B 78 9.00 -30.63 5.71
CA HIS B 78 8.15 -29.67 6.40
C HIS B 78 8.98 -28.96 7.47
N LEU B 79 8.34 -28.02 8.15
CA LEU B 79 8.94 -27.30 9.26
C LEU B 79 8.27 -27.73 10.57
N LEU B 80 8.91 -27.38 11.67
CA LEU B 80 8.36 -27.60 13.01
C LEU B 80 8.28 -26.26 13.72
N LEU B 81 7.07 -25.82 14.03
CA LEU B 81 6.90 -24.54 14.71
C LEU B 81 7.30 -24.62 16.17
N THR B 82 7.89 -23.54 16.66
CA THR B 82 8.27 -23.38 18.06
C THR B 82 7.56 -22.17 18.65
N ALA B 83 7.02 -22.33 19.86
CA ALA B 83 6.20 -21.29 20.46
C ALA B 83 6.87 -19.93 20.40
N GLU B 84 8.16 -19.88 20.77
CA GLU B 84 8.92 -18.63 20.78
C GLU B 84 9.92 -18.51 19.64
N ALA B 85 10.66 -19.58 19.35
CA ALA B 85 11.78 -19.49 18.43
C ALA B 85 11.31 -19.59 16.98
N GLU B 86 12.26 -19.47 16.06
CA GLU B 86 11.99 -19.61 14.64
C GLU B 86 11.74 -21.07 14.29
N PRO B 87 11.14 -21.34 13.13
CA PRO B 87 10.84 -22.72 12.77
C PRO B 87 12.10 -23.48 12.38
N ARG B 88 12.08 -24.79 12.61
CA ARG B 88 13.22 -25.63 12.29
C ARG B 88 12.90 -26.54 11.11
N PRO B 89 13.84 -26.82 10.24
CA PRO B 89 13.58 -27.78 9.15
C PRO B 89 13.46 -29.18 9.71
N ALA B 90 12.53 -29.94 9.16
CA ALA B 90 12.23 -31.27 9.68
C ALA B 90 11.80 -32.17 8.53
N MET B 91 11.83 -33.47 8.81
CA MET B 91 11.45 -34.48 7.84
C MET B 91 10.63 -35.55 8.56
N THR B 92 9.64 -36.11 7.84
CA THR B 92 8.85 -37.22 8.34
C THR B 92 8.93 -38.37 7.34
N THR B 93 9.33 -39.54 7.82
CA THR B 93 9.30 -40.76 7.03
C THR B 93 8.17 -41.65 7.52
N LEU B 94 7.49 -42.30 6.58
CA LEU B 94 6.36 -43.16 6.89
C LEU B 94 6.55 -44.51 6.22
N THR B 95 6.29 -45.59 6.96
CA THR B 95 6.33 -46.93 6.43
C THR B 95 5.09 -47.69 6.91
N ALA B 96 4.71 -48.70 6.13
CA ALA B 96 3.47 -49.43 6.36
C ALA B 96 3.75 -50.91 6.58
N LEU B 97 2.83 -51.57 7.28
CA LEU B 97 2.81 -53.02 7.43
C LEU B 97 1.61 -53.57 6.66
N THR B 98 1.88 -54.44 5.69
CA THR B 98 0.85 -54.93 4.79
C THR B 98 0.46 -56.36 5.18
N GLU B 99 -0.78 -56.53 5.63
CA GLU B 99 -1.33 -57.85 5.94
C GLU B 99 -2.36 -58.19 4.87
N GLN B 100 -2.08 -59.25 4.10
CA GLN B 100 -2.96 -59.70 3.02
C GLN B 100 -3.22 -58.57 2.02
N ASP B 101 -2.14 -57.95 1.54
CA ASP B 101 -2.26 -56.86 0.58
C ASP B 101 -3.02 -55.68 1.16
N ARG B 102 -3.11 -55.61 2.49
CA ARG B 102 -3.85 -54.56 3.19
C ARG B 102 -2.95 -53.93 4.23
N VAL B 103 -2.99 -52.61 4.34
CA VAL B 103 -2.18 -51.90 5.32
C VAL B 103 -2.86 -51.99 6.68
N ARG B 104 -2.16 -52.56 7.66
CA ARG B 104 -2.69 -52.71 9.00
C ARG B 104 -2.30 -51.56 9.92
N ALA B 105 -1.08 -51.03 9.77
CA ALA B 105 -0.64 -49.93 10.61
C ALA B 105 0.49 -49.18 9.91
N VAL B 106 0.62 -47.89 10.25
CA VAL B 106 1.67 -47.04 9.72
C VAL B 106 2.50 -46.51 10.89
N THR B 107 3.81 -46.64 10.79
CA THR B 107 4.74 -46.07 11.76
C THR B 107 5.43 -44.88 11.12
N GLY B 108 5.44 -43.75 11.83
CA GLY B 108 6.05 -42.53 11.33
C GLY B 108 7.18 -42.08 12.24
N VAL B 109 8.15 -41.39 11.65
CA VAL B 109 9.30 -40.87 12.38
C VAL B 109 9.52 -39.43 11.96
N ILE B 110 9.31 -38.50 12.88
CA ILE B 110 9.56 -37.08 12.65
C ILE B 110 10.97 -36.78 13.15
N THR B 111 11.80 -36.19 12.29
CA THR B 111 13.18 -35.90 12.62
C THR B 111 13.46 -34.41 12.47
N ASP B 112 14.26 -33.87 13.37
CA ASP B 112 14.66 -32.48 13.34
C ASP B 112 15.95 -32.36 12.51
N LEU B 113 15.89 -31.59 11.44
CA LEU B 113 17.01 -31.45 10.51
C LEU B 113 17.90 -30.24 10.83
N SER B 114 17.70 -29.61 11.99
CA SER B 114 18.44 -28.39 12.29
C SER B 114 19.94 -28.63 12.25
N ASP B 115 20.40 -29.78 12.73
CA ASP B 115 21.83 -30.05 12.77
C ASP B 115 22.40 -30.38 11.39
N ARG B 116 21.57 -30.54 10.37
CA ARG B 116 22.04 -30.77 9.01
C ARG B 116 21.95 -29.54 8.12
N VAL B 117 21.47 -28.42 8.65
CA VAL B 117 21.29 -27.21 7.84
C VAL B 117 22.64 -26.56 7.61
N ARG B 118 22.85 -26.09 6.39
CA ARG B 118 24.06 -25.36 6.01
C ARG B 118 23.67 -23.90 5.78
N ARG B 119 24.29 -23.00 6.53
CA ARG B 119 23.92 -21.60 6.46
C ARG B 119 24.69 -20.91 5.33
N ALA B 120 24.14 -19.78 4.88
CA ALA B 120 24.73 -19.03 3.78
C ALA B 120 25.92 -18.22 4.25
N THR B 121 27.02 -18.30 3.50
CA THR B 121 28.21 -17.51 3.84
C THR B 121 28.00 -16.04 3.48
N GLU B 122 28.68 -15.16 4.21
CA GLU B 122 28.58 -13.74 3.93
C GLU B 122 28.95 -13.41 2.49
N ALA B 123 29.91 -14.14 1.92
CA ALA B 123 30.35 -13.84 0.56
C ALA B 123 29.24 -14.09 -0.46
N GLU B 124 28.66 -15.29 -0.47
CA GLU B 124 27.63 -15.61 -1.45
C GLU B 124 26.43 -14.68 -1.31
N ILE B 125 26.09 -14.25 -0.10
CA ILE B 125 24.99 -13.31 0.07
C ILE B 125 25.33 -11.97 -0.60
N ARG B 126 26.54 -11.48 -0.38
CA ARG B 126 26.95 -10.22 -1.00
C ARG B 126 26.94 -10.33 -2.52
N GLN B 127 27.42 -11.46 -3.06
CA GLN B 127 27.39 -11.66 -4.49
C GLN B 127 25.97 -11.62 -5.04
N ALA B 128 25.02 -12.25 -4.34
CA ALA B 128 23.64 -12.27 -4.80
C ALA B 128 22.99 -10.90 -4.68
N VAL B 129 23.25 -10.19 -3.57
CA VAL B 129 22.67 -8.86 -3.38
C VAL B 129 23.18 -7.91 -4.44
N ARG B 130 24.48 -7.96 -4.74
CA ARG B 130 25.05 -7.05 -5.74
C ARG B 130 24.58 -7.40 -7.14
N ALA B 131 24.38 -8.69 -7.43
CA ALA B 131 23.81 -9.07 -8.71
C ALA B 131 22.42 -8.48 -8.89
N ALA B 132 21.59 -8.56 -7.85
CA ALA B 132 20.26 -7.95 -7.92
C ALA B 132 20.37 -6.44 -7.99
N ALA B 133 21.30 -5.84 -7.24
CA ALA B 133 21.48 -4.39 -7.27
C ALA B 133 21.98 -3.90 -8.62
N ALA B 134 22.60 -4.78 -9.41
CA ALA B 134 23.06 -4.40 -10.74
C ALA B 134 21.96 -4.51 -11.80
N THR B 135 20.91 -5.27 -11.51
CA THR B 135 19.81 -5.47 -12.46
C THR B 135 18.53 -4.76 -12.04
N ARG B 136 18.56 -3.97 -10.97
CA ARG B 136 17.36 -3.31 -10.49
C ARG B 136 16.88 -2.23 -11.46
N SER B 137 15.58 -1.96 -11.40
CA SER B 137 15.01 -0.81 -12.07
C SER B 137 15.20 0.42 -11.20
N GLU B 138 15.71 1.50 -11.78
CA GLU B 138 15.99 2.73 -11.04
C GLU B 138 14.77 3.63 -10.93
N ILE B 139 13.58 3.04 -10.79
CA ILE B 139 12.36 3.84 -10.68
C ILE B 139 12.28 4.50 -9.31
N ASP B 140 12.86 3.87 -8.27
CA ASP B 140 12.83 4.46 -6.95
C ASP B 140 13.55 5.81 -6.92
N GLN B 141 14.68 5.89 -7.61
CA GLN B 141 15.38 7.17 -7.74
C GLN B 141 14.56 8.16 -8.56
N ALA B 142 14.00 7.69 -9.68
CA ALA B 142 13.14 8.56 -10.48
C ALA B 142 11.94 9.02 -9.68
N LYS B 143 11.40 8.15 -8.82
CA LYS B 143 10.29 8.56 -7.95
C LYS B 143 10.71 9.71 -7.04
N GLY B 144 11.90 9.59 -6.43
CA GLY B 144 12.37 10.63 -5.54
C GLY B 144 12.63 11.94 -6.25
N ILE B 145 13.13 11.88 -7.48
CA ILE B 145 13.40 13.10 -8.23
C ILE B 145 12.10 13.83 -8.57
N VAL B 146 11.07 13.08 -9.00
CA VAL B 146 9.83 13.73 -9.40
C VAL B 146 9.12 14.33 -8.19
N MET B 147 9.04 13.60 -7.08
CA MET B 147 8.36 14.13 -5.90
C MET B 147 9.03 15.40 -5.41
N ALA B 148 10.36 15.44 -5.39
CA ALA B 148 11.06 16.62 -4.90
C ALA B 148 11.02 17.76 -5.92
N ALA B 149 11.06 17.43 -7.22
CA ALA B 149 11.16 18.46 -8.24
C ALA B 149 9.87 19.29 -8.32
N PHE B 150 8.72 18.65 -8.14
CA PHE B 150 7.43 19.34 -8.18
C PHE B 150 6.78 19.46 -6.80
N ASP B 151 7.51 19.12 -5.74
CA ASP B 151 6.97 19.16 -4.38
C ASP B 151 5.61 18.48 -4.32
N VAL B 152 5.60 17.22 -4.76
CA VAL B 152 4.43 16.36 -4.69
C VAL B 152 4.82 15.11 -3.88
N ASP B 153 3.81 14.33 -3.51
CA ASP B 153 4.06 13.15 -2.72
C ASP B 153 4.45 11.97 -3.62
N ALA B 154 4.88 10.87 -2.97
CA ALA B 154 5.36 9.71 -3.71
C ALA B 154 4.29 9.15 -4.63
N ASP B 155 3.06 9.00 -4.11
CA ASP B 155 1.97 8.50 -4.94
C ASP B 155 1.79 9.36 -6.18
N GLN B 156 1.72 10.68 -6.00
CA GLN B 156 1.60 11.59 -7.14
C GLN B 156 2.78 11.44 -8.09
N ALA B 157 3.99 11.40 -7.54
CA ALA B 157 5.18 11.22 -8.37
C ALA B 157 5.09 9.91 -9.15
N PHE B 158 4.62 8.84 -8.50
CA PHE B 158 4.44 7.57 -9.17
C PHE B 158 3.44 7.68 -10.30
N ALA B 159 2.29 8.31 -10.03
CA ALA B 159 1.26 8.45 -11.06
C ALA B 159 1.79 9.18 -12.29
N LEU B 160 2.53 10.28 -12.08
CA LEU B 160 3.07 11.02 -13.22
C LEU B 160 3.98 10.17 -14.08
N LEU B 161 4.84 9.36 -13.44
CA LEU B 161 5.78 8.55 -14.20
C LEU B 161 5.06 7.53 -15.08
N LYS B 162 3.95 6.99 -14.60
CA LYS B 162 3.18 6.05 -15.41
C LYS B 162 2.58 6.74 -16.62
N TRP B 163 1.99 7.92 -16.41
CA TRP B 163 1.42 8.70 -17.51
C TRP B 163 2.46 9.02 -18.56
N HIS B 164 3.65 9.47 -18.14
CA HIS B 164 4.69 9.84 -19.07
C HIS B 164 5.16 8.65 -19.91
N SER B 165 5.17 7.45 -19.32
CA SER B 165 5.56 6.27 -20.07
C SER B 165 4.57 5.95 -21.18
N SER B 166 3.27 6.05 -20.90
CA SER B 166 2.26 5.77 -21.92
C SER B 166 2.43 6.71 -23.11
N GLN B 167 2.62 8.00 -22.84
CA GLN B 167 2.76 8.96 -23.93
C GLN B 167 4.03 8.69 -24.74
N SER B 168 5.10 8.25 -24.08
CA SER B 168 6.31 7.88 -24.77
C SER B 168 6.28 6.44 -25.27
N ASN B 169 5.27 5.65 -24.86
CA ASN B 169 5.17 4.24 -25.21
C ASN B 169 6.48 3.52 -24.87
N ARG B 170 6.92 3.71 -23.62
CA ARG B 170 8.14 3.15 -23.09
C ARG B 170 7.82 2.35 -21.83
N LYS B 171 8.62 1.32 -21.57
CA LYS B 171 8.47 0.57 -20.34
C LYS B 171 8.65 1.51 -19.15
N LEU B 172 7.95 1.22 -18.06
CA LEU B 172 8.01 2.10 -16.89
C LEU B 172 9.44 2.29 -16.44
N ARG B 173 10.19 1.19 -16.31
CA ARG B 173 11.60 1.28 -15.97
C ARG B 173 12.39 2.01 -17.05
N ASP B 174 12.06 1.77 -18.33
CA ASP B 174 12.75 2.46 -19.40
C ASP B 174 12.59 3.97 -19.28
N LEU B 175 11.40 4.42 -18.85
CA LEU B 175 11.20 5.84 -18.65
C LEU B 175 12.07 6.35 -17.50
N ALA B 176 12.21 5.54 -16.45
CA ALA B 176 13.02 5.95 -15.30
C ALA B 176 14.46 6.19 -15.70
N THR B 177 15.07 5.21 -16.38
CA THR B 177 16.47 5.36 -16.80
C THR B 177 16.61 6.52 -17.78
N GLY B 178 15.72 6.59 -18.78
CA GLY B 178 15.81 7.66 -19.75
C GLY B 178 15.70 9.04 -19.12
N MET B 179 14.79 9.19 -18.16
CA MET B 179 14.66 10.49 -17.48
C MET B 179 15.91 10.82 -16.69
N ILE B 180 16.47 9.84 -15.97
CA ILE B 180 17.62 10.11 -15.11
C ILE B 180 18.83 10.52 -15.94
N GLU B 181 19.20 9.72 -16.93
CA GLU B 181 20.36 10.08 -17.75
C GLU B 181 20.03 11.20 -18.72
N GLY B 182 18.74 11.42 -19.01
CA GLY B 182 18.36 12.62 -19.75
C GLY B 182 18.49 13.88 -18.92
N LEU B 183 18.06 13.81 -17.65
CA LEU B 183 18.23 14.95 -16.75
C LEU B 183 19.71 15.25 -16.54
N ALA B 184 20.54 14.21 -16.42
CA ALA B 184 21.96 14.41 -16.14
C ALA B 184 22.65 15.17 -17.26
N ALA B 185 22.30 14.86 -18.52
CA ALA B 185 22.90 15.52 -19.66
C ALA B 185 22.18 16.80 -20.06
N ALA B 186 21.11 17.16 -19.35
CA ALA B 186 20.36 18.36 -19.69
C ALA B 186 21.15 19.62 -19.31
N ASN B 187 20.67 20.76 -19.79
CA ASN B 187 21.33 22.04 -19.55
C ASN B 187 21.05 22.49 -18.13
N SER B 188 22.08 22.56 -17.29
CA SER B 188 21.91 22.95 -15.90
C SER B 188 21.47 24.41 -15.75
N ALA B 189 21.70 25.23 -16.79
CA ALA B 189 21.30 26.63 -16.70
C ALA B 189 19.79 26.79 -16.71
N LEU B 190 19.05 25.78 -17.17
CA LEU B 190 17.61 25.86 -17.13
C LEU B 190 17.11 25.51 -15.73
N PRO B 191 16.07 26.16 -15.22
CA PRO B 191 15.48 25.71 -13.95
C PRO B 191 15.05 24.25 -14.02
N LEU B 192 14.98 23.62 -12.85
CA LEU B 192 14.85 22.17 -12.78
C LEU B 192 13.55 21.70 -13.41
N ARG B 193 12.42 22.30 -13.02
CA ARG B 193 11.12 21.83 -13.50
C ARG B 193 11.03 21.95 -15.01
N ARG B 194 11.51 23.07 -15.57
CA ARG B 194 11.52 23.21 -17.02
C ARG B 194 12.55 22.25 -17.65
N ARG B 195 13.67 22.04 -16.97
CA ARG B 195 14.63 21.04 -17.43
C ARG B 195 13.99 19.67 -17.53
N LEU B 196 13.23 19.29 -16.51
CA LEU B 196 12.60 17.97 -16.48
C LEU B 196 11.56 17.83 -17.59
N SER B 197 10.77 18.88 -17.81
CA SER B 197 9.74 18.81 -18.85
C SER B 197 10.37 18.60 -20.23
N THR B 198 11.48 19.29 -20.51
CA THR B 198 12.17 19.08 -21.78
C THR B 198 12.70 17.66 -21.89
N VAL B 199 13.15 17.09 -20.77
CA VAL B 199 13.63 15.71 -20.76
C VAL B 199 12.48 14.77 -21.15
N PHE B 200 11.27 15.09 -20.69
CA PHE B 200 10.11 14.26 -21.01
C PHE B 200 9.69 14.44 -22.46
N THR B 201 9.75 15.68 -22.99
CA THR B 201 9.37 15.90 -24.37
C THR B 201 10.44 15.37 -25.32
N ASP B 202 11.71 15.37 -24.91
CA ASP B 202 12.76 14.74 -25.71
C ASP B 202 12.55 13.24 -25.85
N MET B 203 11.73 12.63 -24.99
CA MET B 203 11.42 11.22 -25.05
C MET B 203 10.02 10.96 -25.61
N GLY B 204 9.46 11.91 -26.37
CA GLY B 204 8.21 11.68 -27.07
C GLY B 204 6.97 12.13 -26.34
N CYS B 205 7.08 12.50 -25.06
CA CYS B 205 5.92 13.01 -24.35
C CYS B 205 5.46 14.32 -24.95
N PRO B 206 4.16 14.64 -24.81
CA PRO B 206 3.66 15.86 -25.46
C PRO B 206 4.12 17.11 -24.74
N ALA B 207 4.45 18.14 -25.52
CA ALA B 207 4.93 19.38 -24.95
C ALA B 207 3.84 19.99 -24.05
N PRO B 208 4.22 20.74 -23.02
CA PRO B 208 3.21 21.32 -22.14
C PRO B 208 2.37 22.36 -22.85
N SER B 209 1.17 22.58 -22.32
CA SER B 209 0.25 23.55 -22.90
C SER B 209 0.83 24.97 -22.81
N THR B 210 0.36 25.83 -23.70
CA THR B 210 0.81 27.21 -23.78
C THR B 210 -0.31 28.23 -23.52
N LYS B 211 -1.50 27.76 -23.16
CA LYS B 211 -2.61 28.68 -22.94
C LYS B 211 -2.40 29.50 -21.67
N GLY B 212 -2.87 30.75 -21.71
CA GLY B 212 -2.79 31.64 -20.57
C GLY B 212 -4.15 32.16 -20.13
N TRP B 213 -4.19 33.33 -19.50
CA TRP B 213 -5.46 33.88 -19.04
C TRP B 213 -5.28 35.37 -18.72
N THR B 214 -6.40 36.03 -18.42
CA THR B 214 -6.41 37.42 -18.01
C THR B 214 -7.50 37.61 -16.97
N VAL B 215 -7.13 38.13 -15.80
CA VAL B 215 -8.07 38.33 -14.69
C VAL B 215 -7.88 39.73 -14.11
N PRO B 216 -8.92 40.34 -13.52
CA PRO B 216 -8.69 41.62 -12.84
C PRO B 216 -7.86 41.47 -11.57
N PRO B 223 -3.03 54.77 -1.82
CA PRO B 223 -1.87 55.20 -1.06
C PRO B 223 -2.04 56.61 -0.50
N PRO B 224 -2.43 56.73 0.78
CA PRO B 224 -2.65 58.07 1.36
C PRO B 224 -1.44 58.98 1.28
N THR B 225 -0.23 58.43 1.46
CA THR B 225 1.04 59.14 1.52
C THR B 225 1.36 59.50 2.96
N SER B 226 2.56 59.12 3.42
CA SER B 226 2.98 59.40 4.78
C SER B 226 3.30 60.88 4.97
N GLY B 227 3.96 61.48 3.99
CA GLY B 227 4.44 62.84 4.11
C GLY B 227 5.82 62.97 4.71
N LEU B 228 6.51 61.86 4.96
CA LEU B 228 7.82 61.91 5.60
C LEU B 228 8.96 62.04 4.61
N ILE B 229 8.67 62.12 3.33
CA ILE B 229 9.68 62.35 2.30
C ILE B 229 9.45 63.75 1.74
N PRO B 230 10.46 64.62 1.72
CA PRO B 230 10.27 65.94 1.12
C PRO B 230 9.85 65.83 -0.33
N THR B 231 8.87 66.65 -0.71
CA THR B 231 8.35 66.62 -2.08
C THR B 231 9.47 66.82 -3.09
N ALA B 232 10.43 67.68 -2.77
CA ALA B 232 11.52 67.97 -3.70
C ALA B 232 12.39 66.74 -3.94
N LEU B 233 12.57 65.90 -2.92
CA LEU B 233 13.51 64.79 -3.02
C LEU B 233 12.87 63.51 -3.56
N LEU B 234 11.55 63.49 -3.72
CA LEU B 234 10.83 62.28 -4.12
C LEU B 234 11.19 61.79 -5.52
N PRO B 235 11.27 62.66 -6.54
CA PRO B 235 11.53 62.14 -7.88
C PRO B 235 12.86 61.41 -7.99
N GLY B 236 13.92 61.93 -7.40
CA GLY B 236 15.20 61.24 -7.45
C GLY B 236 15.16 59.93 -6.70
N ILE B 237 14.45 59.90 -5.57
CA ILE B 237 14.33 58.66 -4.79
C ILE B 237 13.55 57.62 -5.59
N LEU B 238 12.40 58.02 -6.14
CA LEU B 238 11.54 57.07 -6.84
C LEU B 238 12.15 56.64 -8.16
N THR B 239 12.90 57.51 -8.83
CA THR B 239 13.60 57.13 -10.03
C THR B 239 14.65 56.06 -9.74
N ARG B 240 15.47 56.27 -8.71
CA ARG B 240 16.46 55.29 -8.32
C ARG B 240 15.81 53.98 -7.90
N ALA B 241 14.65 54.04 -7.25
CA ALA B 241 14.01 52.82 -6.78
C ALA B 241 13.59 51.92 -7.93
N ALA B 242 13.04 52.50 -8.99
CA ALA B 242 12.64 51.71 -10.15
C ALA B 242 13.87 51.14 -10.87
N HIS B 243 14.96 51.90 -10.91
CA HIS B 243 16.18 51.43 -11.55
C HIS B 243 16.71 50.18 -10.89
N ASP B 244 16.74 50.16 -9.55
CA ASP B 244 17.38 49.10 -8.79
C ASP B 244 16.47 47.93 -8.47
N ALA B 245 15.16 48.05 -8.70
CA ALA B 245 14.25 46.97 -8.34
C ALA B 245 14.59 45.71 -9.13
N SER B 246 14.55 44.57 -8.44
CA SER B 246 14.96 43.30 -9.03
C SER B 246 13.90 42.69 -9.94
N VAL B 247 12.71 43.28 -10.01
CA VAL B 247 11.66 42.81 -10.90
C VAL B 247 11.45 43.84 -12.01
N ALA B 248 10.92 43.36 -13.13
CA ALA B 248 10.78 44.20 -14.31
C ALA B 248 9.66 45.21 -14.11
N ILE B 249 9.94 46.47 -14.43
CA ILE B 249 8.94 47.54 -14.40
C ILE B 249 8.95 48.23 -15.76
N THR B 250 7.76 48.52 -16.27
CA THR B 250 7.60 49.17 -17.56
C THR B 250 6.49 50.20 -17.47
N VAL B 251 6.56 51.20 -18.33
CA VAL B 251 5.54 52.24 -18.42
C VAL B 251 5.20 52.44 -19.89
N ALA B 252 3.92 52.48 -20.21
CA ALA B 252 3.45 52.70 -21.57
C ALA B 252 2.57 53.94 -21.58
N ASP B 253 2.73 54.75 -22.62
CA ASP B 253 1.91 55.95 -22.82
C ASP B 253 0.69 55.54 -23.62
N VAL B 254 -0.43 55.28 -22.93
CA VAL B 254 -1.63 54.81 -23.60
C VAL B 254 -2.34 55.91 -24.35
N THR B 255 -1.84 57.15 -24.27
CA THR B 255 -2.38 58.25 -25.06
C THR B 255 -1.73 58.38 -26.43
N ALA B 256 -0.61 57.73 -26.67
CA ALA B 256 0.17 57.87 -27.88
C ALA B 256 -0.14 56.77 -28.88
N PRO B 257 0.29 56.93 -30.14
CA PRO B 257 0.02 55.91 -31.16
C PRO B 257 0.62 54.56 -30.79
N ASP B 258 -0.25 53.55 -30.73
CA ASP B 258 0.16 52.16 -30.50
C ASP B 258 0.64 51.94 -29.06
N GLN B 259 0.24 52.80 -28.14
CA GLN B 259 0.54 52.65 -26.72
C GLN B 259 2.02 52.31 -26.51
N PRO B 260 2.93 53.18 -26.91
CA PRO B 260 4.35 52.83 -26.86
C PRO B 260 4.90 52.84 -25.44
N LEU B 261 5.98 52.08 -25.27
CA LEU B 261 6.70 52.06 -24.01
C LEU B 261 7.45 53.36 -23.80
N VAL B 262 7.36 53.92 -22.60
CA VAL B 262 8.12 55.10 -22.23
C VAL B 262 9.13 54.81 -21.14
N TYR B 263 9.17 53.60 -20.60
CA TYR B 263 10.15 53.27 -19.57
C TYR B 263 10.32 51.76 -19.47
N ALA B 264 11.56 51.33 -19.25
CA ALA B 264 11.86 49.93 -18.98
C ALA B 264 13.13 49.89 -18.14
N ASN B 265 13.05 49.29 -16.96
CA ASN B 265 14.17 49.26 -16.03
C ASN B 265 15.12 48.12 -16.37
N PRO B 266 16.31 48.10 -15.77
CA PRO B 266 17.28 47.04 -16.08
C PRO B 266 16.75 45.63 -15.86
N ALA B 267 15.93 45.42 -14.83
CA ALA B 267 15.36 44.10 -14.60
C ALA B 267 14.63 43.60 -15.85
N PHE B 268 13.94 44.51 -16.54
CA PHE B 268 13.24 44.13 -17.77
C PHE B 268 14.22 43.68 -18.84
N GLU B 269 15.34 44.39 -18.99
CA GLU B 269 16.36 43.95 -19.93
C GLU B 269 16.85 42.55 -19.61
N ARG B 270 17.16 42.30 -18.33
CA ARG B 270 17.62 40.98 -17.91
C ARG B 270 16.56 39.92 -18.20
N LEU B 271 15.29 40.23 -17.91
CA LEU B 271 14.23 39.24 -18.08
C LEU B 271 13.99 38.92 -19.55
N THR B 272 14.02 39.93 -20.42
CA THR B 272 13.60 39.76 -21.80
C THR B 272 14.73 39.81 -22.82
N GLY B 273 15.90 40.29 -22.45
CA GLY B 273 17.00 40.38 -23.39
C GLY B 273 16.98 41.59 -24.30
N TYR B 274 15.95 42.43 -24.23
CA TYR B 274 15.89 43.66 -25.02
C TYR B 274 16.42 44.82 -24.19
N ALA B 275 17.35 45.58 -24.76
CA ALA B 275 17.89 46.74 -24.08
C ALA B 275 16.82 47.81 -23.93
N ALA B 276 16.81 48.48 -22.78
CA ALA B 276 15.78 49.49 -22.52
C ALA B 276 15.77 50.56 -23.59
N ALA B 277 16.93 50.99 -24.05
CA ALA B 277 17.01 52.07 -25.02
C ALA B 277 16.33 51.70 -26.34
N GLU B 278 16.55 50.47 -26.81
CA GLU B 278 16.07 50.03 -28.12
C GLU B 278 14.63 49.51 -28.08
N VAL B 279 13.90 49.79 -26.99
CA VAL B 279 12.52 49.36 -26.86
C VAL B 279 11.56 50.54 -26.70
N LEU B 280 12.04 51.73 -26.41
CA LEU B 280 11.19 52.89 -26.26
C LEU B 280 10.46 53.22 -27.57
N GLY B 281 9.18 53.56 -27.45
CA GLY B 281 8.37 53.88 -28.60
C GLY B 281 7.60 52.73 -29.21
N ARG B 282 7.82 51.51 -28.74
CA ARG B 282 7.18 50.34 -29.32
C ARG B 282 6.18 49.76 -28.33
N ASN B 283 5.12 49.15 -28.87
CA ASN B 283 4.18 48.39 -28.05
C ASN B 283 4.83 47.09 -27.59
N CYS B 284 4.47 46.65 -26.38
CA CYS B 284 5.12 45.48 -25.78
C CYS B 284 4.81 44.17 -26.48
N ARG B 285 3.93 44.16 -27.48
CA ARG B 285 3.61 42.91 -28.17
C ARG B 285 4.86 42.17 -28.62
N PHE B 286 5.97 42.88 -28.84
CA PHE B 286 7.16 42.25 -29.42
C PHE B 286 7.66 41.10 -28.58
N LEU B 287 7.37 41.09 -27.27
CA LEU B 287 7.78 39.97 -26.42
C LEU B 287 7.19 38.65 -26.92
N GLN B 288 6.09 38.72 -27.67
CA GLN B 288 5.42 37.55 -28.21
C GLN B 288 6.02 37.08 -29.53
N ALA B 289 7.00 37.80 -30.07
CA ALA B 289 7.58 37.48 -31.39
C ALA B 289 6.42 37.50 -32.38
N GLU B 290 6.18 36.44 -33.16
CA GLU B 290 5.05 36.40 -34.07
C GLU B 290 4.06 35.30 -33.67
N SER B 291 4.05 34.92 -32.38
CA SER B 291 3.26 33.78 -31.93
C SER B 291 2.17 34.18 -30.93
N GLY B 292 1.79 35.45 -30.88
CA GLY B 292 0.73 35.83 -29.96
C GLY B 292 -0.59 35.17 -30.33
N ASP B 293 -1.30 34.68 -29.30
CA ASP B 293 -2.61 34.07 -29.53
C ASP B 293 -3.64 35.18 -29.71
N PRO B 294 -4.47 35.13 -30.76
CA PRO B 294 -5.44 36.22 -30.98
C PRO B 294 -6.41 36.46 -29.84
N HIS B 295 -6.94 35.39 -29.23
CA HIS B 295 -7.94 35.57 -28.18
C HIS B 295 -7.34 36.23 -26.96
N GLU B 296 -6.08 35.92 -26.64
CA GLU B 296 -5.37 36.55 -25.53
C GLU B 296 -5.19 38.05 -25.77
N ARG B 297 -4.86 38.44 -27.01
CA ARG B 297 -4.68 39.85 -27.33
C ARG B 297 -5.97 40.65 -27.10
N SER B 298 -7.11 40.09 -27.51
CA SER B 298 -8.37 40.82 -27.33
C SER B 298 -8.65 41.09 -25.86
N ALA B 299 -8.32 40.13 -24.99
CA ALA B 299 -8.55 40.32 -23.56
C ALA B 299 -7.70 41.46 -23.01
N ILE B 300 -6.44 41.55 -23.45
CA ILE B 300 -5.56 42.61 -22.98
C ILE B 300 -5.99 43.95 -23.55
N ARG B 301 -6.15 44.02 -24.88
CA ARG B 301 -6.61 45.25 -25.52
C ARG B 301 -7.89 45.76 -24.88
N SER B 302 -8.85 44.87 -24.64
CA SER B 302 -10.12 45.29 -24.04
C SER B 302 -9.88 45.83 -22.62
N ALA B 303 -8.99 45.19 -21.86
CA ALA B 303 -8.70 45.65 -20.50
C ALA B 303 -8.09 47.04 -20.51
N ILE B 304 -7.06 47.25 -21.36
CA ILE B 304 -6.37 48.53 -21.39
C ILE B 304 -7.35 49.65 -21.76
N ALA B 305 -8.10 49.45 -22.84
CA ALA B 305 -9.04 50.47 -23.28
C ALA B 305 -10.03 50.82 -22.18
N ASN B 306 -10.40 49.85 -21.36
CA ASN B 306 -11.43 50.04 -20.35
C ASN B 306 -10.91 50.69 -19.07
N GLY B 307 -9.59 50.89 -18.95
CA GLY B 307 -9.00 51.50 -17.79
C GLY B 307 -9.10 50.74 -16.50
N ASP B 308 -9.25 49.42 -16.55
CA ASP B 308 -9.32 48.58 -15.36
C ASP B 308 -7.96 47.91 -15.12
N ALA B 309 -7.72 47.54 -13.86
CA ALA B 309 -6.50 46.84 -13.48
C ALA B 309 -6.67 45.33 -13.66
N VAL B 310 -5.67 44.69 -14.28
CA VAL B 310 -5.77 43.28 -14.66
C VAL B 310 -4.41 42.62 -14.51
N THR B 311 -4.44 41.29 -14.38
CA THR B 311 -3.25 40.45 -14.36
C THR B 311 -3.37 39.39 -15.46
N THR B 312 -2.30 39.23 -16.24
CA THR B 312 -2.30 38.34 -17.40
C THR B 312 -1.18 37.32 -17.30
N LEU B 313 -1.50 36.06 -17.56
CA LEU B 313 -0.51 35.00 -17.75
C LEU B 313 -0.38 34.73 -19.25
N ILE B 314 0.84 34.82 -19.77
CA ILE B 314 1.08 34.71 -21.21
C ILE B 314 2.46 34.13 -21.44
N ARG B 315 2.59 33.39 -22.54
CA ARG B 315 3.90 32.92 -22.98
C ARG B 315 4.60 34.01 -23.78
N ASN B 316 5.91 34.15 -23.55
CA ASN B 316 6.70 35.18 -24.21
C ASN B 316 8.08 34.62 -24.57
N PHE B 317 8.86 35.45 -25.25
CA PHE B 317 10.17 35.06 -25.74
C PHE B 317 11.13 36.23 -25.58
N ARG B 318 12.38 35.92 -25.26
CA ARG B 318 13.41 36.94 -25.11
C ARG B 318 13.92 37.35 -26.48
N GLN B 319 14.90 38.26 -26.53
CA GLN B 319 15.45 38.66 -27.82
C GLN B 319 16.06 37.46 -28.53
N ASP B 320 16.46 36.43 -27.78
CA ASP B 320 16.79 35.14 -28.37
C ASP B 320 15.52 34.28 -28.33
N GLY B 321 15.65 33.03 -28.75
CA GLY B 321 14.47 32.17 -28.82
C GLY B 321 13.87 31.81 -27.47
N HIS B 322 14.60 31.99 -26.38
CA HIS B 322 14.21 31.45 -25.09
C HIS B 322 12.81 31.88 -24.70
N ALA B 323 11.91 30.89 -24.57
CA ALA B 323 10.54 31.09 -24.14
C ALA B 323 10.42 31.04 -22.62
N PHE B 324 9.34 31.62 -22.10
CA PHE B 324 9.07 31.60 -20.67
C PHE B 324 7.65 32.08 -20.42
N TRP B 325 7.10 31.66 -19.28
CA TRP B 325 5.79 32.13 -18.84
C TRP B 325 5.92 33.49 -18.16
N ASN B 326 5.05 34.42 -18.54
CA ASN B 326 5.08 35.79 -18.04
C ASN B 326 3.74 36.12 -17.42
N GLU B 327 3.73 36.39 -16.11
CA GLU B 327 2.56 36.91 -15.42
C GLU B 327 2.81 38.40 -15.17
N PHE B 328 2.21 39.25 -15.99
CA PHE B 328 2.42 40.69 -15.88
C PHE B 328 1.12 41.37 -15.47
N HIS B 329 1.22 42.27 -14.49
CA HIS B 329 0.10 43.05 -13.99
C HIS B 329 0.09 44.43 -14.63
N LEU B 330 -1.11 44.94 -14.90
CA LEU B 330 -1.30 46.24 -15.52
C LEU B 330 -2.03 47.16 -14.54
N SER B 331 -1.37 48.24 -14.12
CA SER B 331 -1.95 49.20 -13.20
C SER B 331 -2.24 50.51 -13.91
N PRO B 332 -3.47 50.99 -13.95
CA PRO B 332 -3.73 52.31 -14.56
C PRO B 332 -3.30 53.42 -13.63
N VAL B 333 -2.88 54.54 -14.24
CA VAL B 333 -2.43 55.70 -13.50
C VAL B 333 -3.21 56.92 -14.01
N ARG B 334 -3.73 57.70 -13.07
CA ARG B 334 -4.48 58.92 -13.39
C ARG B 334 -3.58 60.14 -13.25
N ASN B 335 -3.99 61.21 -13.92
CA ASN B 335 -3.36 62.51 -13.81
C ASN B 335 -4.19 63.40 -12.88
N GLY B 336 -3.76 64.66 -12.75
CA GLY B 336 -4.49 65.58 -11.90
C GLY B 336 -5.94 65.74 -12.29
N ALA B 337 -6.23 65.65 -13.59
CA ALA B 337 -7.59 65.77 -14.10
C ALA B 337 -8.42 64.50 -13.89
N GLY B 338 -7.81 63.43 -13.39
CA GLY B 338 -8.51 62.17 -13.22
C GLY B 338 -8.59 61.32 -14.46
N ARG B 339 -7.85 61.67 -15.52
CA ARG B 339 -7.83 60.89 -16.75
C ARG B 339 -6.72 59.83 -16.66
N VAL B 340 -7.07 58.60 -17.01
CA VAL B 340 -6.07 57.54 -17.08
C VAL B 340 -5.22 57.78 -18.33
N THR B 341 -3.94 58.13 -18.12
CA THR B 341 -3.04 58.49 -19.21
C THR B 341 -1.90 57.50 -19.42
N HIS B 342 -1.51 56.75 -18.40
CA HIS B 342 -0.43 55.78 -18.52
C HIS B 342 -0.78 54.49 -17.79
N TYR B 343 -0.17 53.40 -18.24
CA TYR B 343 -0.28 52.11 -17.58
C TYR B 343 1.11 51.63 -17.16
N ILE B 344 1.18 50.96 -16.02
CA ILE B 344 2.40 50.36 -15.52
C ILE B 344 2.30 48.85 -15.69
N GLY B 345 3.39 48.24 -16.16
CA GLY B 345 3.45 46.80 -16.34
C GLY B 345 4.50 46.16 -15.47
N TYR B 346 4.15 45.07 -14.81
CA TYR B 346 5.04 44.35 -13.88
C TYR B 346 5.22 42.92 -14.38
N GLN B 347 6.26 42.68 -15.16
CA GLN B 347 6.51 41.36 -15.71
C GLN B 347 7.22 40.46 -14.72
N LEU B 348 6.78 39.19 -14.65
CA LEU B 348 7.39 38.19 -13.77
C LEU B 348 7.54 36.88 -14.51
N ASP B 349 8.72 36.27 -14.42
CA ASP B 349 8.94 34.93 -14.96
C ASP B 349 8.43 33.93 -13.94
N VAL B 350 7.32 33.27 -14.27
CA VAL B 350 6.66 32.33 -13.35
C VAL B 350 6.67 30.94 -13.96
N THR B 351 7.71 30.64 -14.75
CA THR B 351 7.79 29.35 -15.44
C THR B 351 7.67 28.19 -14.46
N GLU B 352 8.44 28.21 -13.37
CA GLU B 352 8.49 27.07 -12.47
C GLU B 352 7.14 26.83 -11.79
N ARG B 353 6.45 27.90 -11.39
CA ARG B 353 5.13 27.72 -10.80
C ARG B 353 4.18 27.06 -11.80
N VAL B 354 4.22 27.52 -13.06
CA VAL B 354 3.31 27.01 -14.07
C VAL B 354 3.64 25.55 -14.39
N GLU B 355 4.93 25.23 -14.54
CA GLU B 355 5.32 23.85 -14.79
C GLU B 355 4.75 22.93 -13.72
N ARG B 356 4.88 23.31 -12.45
CA ARG B 356 4.34 22.50 -11.37
C ARG B 356 2.82 22.43 -11.45
N ASP B 357 2.17 23.58 -11.65
CA ASP B 357 0.72 23.61 -11.71
C ASP B 357 0.18 22.80 -12.87
N GLN B 358 0.94 22.69 -13.96
CA GLN B 358 0.51 21.87 -15.08
C GLN B 358 0.56 20.39 -14.73
N GLN B 359 1.54 19.97 -13.93
CA GLN B 359 1.60 18.57 -13.51
C GLN B 359 0.39 18.23 -12.65
N LEU B 360 -0.05 19.17 -11.82
CA LEU B 360 -1.23 18.93 -10.99
C LEU B 360 -2.49 18.88 -11.84
N GLU B 361 -2.59 19.75 -12.85
CA GLU B 361 -3.65 19.63 -13.84
C GLU B 361 -3.67 18.23 -14.44
N GLN B 362 -2.49 17.70 -14.76
CA GLN B 362 -2.41 16.37 -15.35
C GLN B 362 -2.93 15.32 -14.37
N LEU B 363 -2.51 15.41 -13.11
CA LEU B 363 -3.00 14.48 -12.10
C LEU B 363 -4.50 14.62 -11.89
N ALA B 364 -4.99 15.88 -11.86
CA ALA B 364 -6.42 16.09 -11.75
C ALA B 364 -7.17 15.43 -12.90
N SER B 365 -6.65 15.58 -14.13
CA SER B 365 -7.28 14.96 -15.29
C SER B 365 -7.35 13.45 -15.17
N LEU B 366 -6.53 12.86 -14.29
CA LEU B 366 -6.61 11.42 -14.00
C LEU B 366 -7.49 11.21 -12.77
N GLU B 367 -8.78 11.44 -12.96
CA GLU B 367 -9.75 11.33 -11.87
C GLU B 367 -10.67 10.14 -12.07
N SER C 11 -8.35 32.97 23.89
CA SER C 11 -7.02 33.56 23.72
C SER C 11 -6.39 33.84 25.09
N PHE C 12 -5.58 34.89 25.16
CA PHE C 12 -4.89 35.23 26.40
C PHE C 12 -4.74 36.74 26.50
N GLY C 13 -4.56 37.22 27.73
CA GLY C 13 -4.31 38.61 27.98
C GLY C 13 -3.28 38.78 29.08
N SER C 14 -2.73 39.99 29.16
CA SER C 14 -1.63 40.28 30.08
C SER C 14 -1.92 41.52 30.88
N PHE C 15 -1.20 41.66 32.00
CA PHE C 15 -1.21 42.87 32.81
C PHE C 15 0.18 43.05 33.41
N VAL C 16 0.46 44.28 33.82
CA VAL C 16 1.71 44.61 34.51
C VAL C 16 1.37 45.37 35.79
N LEU C 17 2.02 45.00 36.88
CA LEU C 17 1.71 45.53 38.21
C LEU C 17 2.98 46.07 38.85
N ASP C 18 3.02 47.38 39.09
CA ASP C 18 4.16 47.98 39.79
C ASP C 18 4.12 47.57 41.26
N ALA C 19 5.27 47.13 41.78
CA ALA C 19 5.32 46.59 43.14
C ALA C 19 4.95 47.65 44.17
N GLY C 20 5.76 48.72 44.26
CA GLY C 20 5.57 49.70 45.31
C GLY C 20 4.28 50.50 45.14
N SER C 21 3.97 50.87 43.90
CA SER C 21 2.84 51.76 43.63
C SER C 21 1.56 51.02 43.28
N ALA C 22 1.62 49.70 43.09
CA ALA C 22 0.46 48.92 42.68
C ALA C 22 -0.19 49.48 41.43
N ARG C 23 0.58 50.18 40.60
CA ARG C 23 0.07 50.62 39.31
C ARG C 23 -0.17 49.40 38.43
N PHE C 24 -1.41 49.25 37.96
CA PHE C 24 -1.84 48.06 37.23
C PHE C 24 -2.29 48.47 35.84
N VAL C 25 -1.62 47.93 34.83
CA VAL C 25 -1.94 48.22 33.43
C VAL C 25 -2.29 46.91 32.76
N GLY C 26 -3.56 46.72 32.42
CA GLY C 26 -4.03 45.53 31.73
C GLY C 26 -4.25 45.84 30.25
N SER C 27 -3.86 44.90 29.40
CA SER C 27 -3.97 45.10 27.98
C SER C 27 -5.43 45.02 27.53
N ASP C 28 -5.69 45.61 26.35
CA ASP C 28 -7.00 45.47 25.72
C ASP C 28 -7.38 44.00 25.57
N GLU C 29 -6.40 43.14 25.27
CA GLU C 29 -6.70 41.73 25.07
C GLU C 29 -7.16 41.06 26.36
N LEU C 30 -6.66 41.52 27.51
CA LEU C 30 -7.10 40.94 28.78
C LEU C 30 -8.58 41.20 29.02
N ALA C 31 -9.05 42.40 28.72
CA ALA C 31 -10.48 42.69 28.83
C ALA C 31 -11.28 41.70 28.00
N LEU C 32 -10.82 41.40 26.79
CA LEU C 32 -11.55 40.47 25.92
C LEU C 32 -11.59 39.07 26.50
N VAL C 33 -10.46 38.58 27.03
CA VAL C 33 -10.45 37.27 27.67
C VAL C 33 -11.46 37.22 28.80
N LEU C 34 -11.52 38.28 29.62
CA LEU C 34 -12.44 38.30 30.75
C LEU C 34 -13.90 38.39 30.30
N GLY C 35 -14.14 38.97 29.12
CA GLY C 35 -15.49 39.07 28.59
C GLY C 35 -15.85 40.47 28.15
N PHE C 36 -15.64 41.47 29.01
CA PHE C 36 -16.01 42.82 28.64
C PHE C 36 -15.11 43.33 27.52
N ALA C 37 -15.71 44.06 26.58
CA ALA C 37 -14.98 44.69 25.50
C ALA C 37 -14.14 45.86 26.01
N PRO C 38 -13.11 46.26 25.25
CA PRO C 38 -12.27 47.39 25.69
C PRO C 38 -13.06 48.65 25.96
N GLY C 39 -14.15 48.89 25.23
CA GLY C 39 -14.95 50.08 25.47
C GLY C 39 -15.67 50.05 26.80
N ASP C 40 -15.89 48.86 27.36
CA ASP C 40 -16.47 48.75 28.70
C ASP C 40 -15.45 49.19 29.74
N VAL C 41 -14.17 49.07 29.41
CA VAL C 41 -13.04 49.72 30.09
C VAL C 41 -13.14 49.62 31.61
N VAL C 42 -12.99 48.41 32.14
CA VAL C 42 -12.81 48.19 33.57
C VAL C 42 -11.47 47.47 33.73
N LEU C 43 -10.56 48.07 34.51
CA LEU C 43 -9.16 47.63 34.55
C LEU C 43 -8.66 47.52 35.99
N THR C 44 -9.29 46.68 36.82
CA THR C 44 -8.79 46.56 38.18
C THR C 44 -8.48 45.11 38.52
N PRO C 45 -7.53 44.88 39.45
CA PRO C 45 -7.32 43.49 39.92
C PRO C 45 -8.55 42.88 40.55
N ALA C 46 -9.30 43.65 41.34
CA ALA C 46 -10.56 43.13 41.90
C ALA C 46 -11.47 42.64 40.80
N VAL C 47 -11.35 43.20 39.60
CA VAL C 47 -12.17 42.78 38.47
C VAL C 47 -11.68 41.44 37.93
N VAL C 48 -10.37 41.24 37.84
CA VAL C 48 -9.84 39.94 37.46
C VAL C 48 -10.41 38.87 38.39
N LEU C 49 -10.27 39.09 39.70
CA LEU C 49 -10.84 38.19 40.69
C LEU C 49 -12.36 38.11 40.55
N ALA C 50 -13.00 39.20 40.11
CA ALA C 50 -14.45 39.22 39.94
C ALA C 50 -14.91 38.31 38.81
N HIS C 51 -14.03 38.03 37.85
CA HIS C 51 -14.32 37.11 36.76
C HIS C 51 -13.72 35.73 37.00
N LEU C 52 -13.10 35.51 38.16
CA LEU C 52 -12.61 34.21 38.56
C LEU C 52 -13.69 33.45 39.32
N HIS C 53 -13.52 32.13 39.41
CA HIS C 53 -14.48 31.36 40.21
C HIS C 53 -14.18 31.55 41.69
N PRO C 54 -15.22 31.68 42.53
CA PRO C 54 -15.00 31.84 43.98
C PRO C 54 -13.92 30.95 44.58
N ASP C 55 -13.84 29.70 44.12
CA ASP C 55 -12.91 28.75 44.75
C ASP C 55 -11.45 29.05 44.39
N ASP C 56 -11.20 29.75 43.29
CA ASP C 56 -9.85 30.08 42.87
C ASP C 56 -9.35 31.41 43.43
N ARG C 57 -10.25 32.25 43.96
CA ARG C 57 -9.87 33.62 44.31
C ARG C 57 -8.76 33.67 45.34
N LEU C 58 -8.82 32.82 46.38
CA LEU C 58 -7.80 32.89 47.41
C LEU C 58 -6.43 32.51 46.85
N GLU C 59 -6.36 31.45 46.05
CA GLU C 59 -5.08 31.02 45.50
C GLU C 59 -4.55 32.04 44.49
N TRP C 60 -5.43 32.69 43.73
CA TRP C 60 -4.98 33.68 42.76
C TRP C 60 -4.36 34.88 43.46
N GLN C 61 -5.06 35.46 44.44
CA GLN C 61 -4.48 36.54 45.23
C GLN C 61 -3.17 36.10 45.88
N ALA C 62 -3.17 34.92 46.50
CA ALA C 62 -1.98 34.42 47.16
C ALA C 62 -0.82 34.25 46.19
N GLY C 63 -1.10 33.67 45.01
CA GLY C 63 -0.05 33.51 44.02
C GLY C 63 0.54 34.84 43.58
N LEU C 64 -0.30 35.87 43.48
CA LEU C 64 0.18 37.19 43.11
C LEU C 64 1.06 37.78 44.21
N GLN C 65 0.68 37.59 45.47
CA GLN C 65 1.49 38.10 46.57
C GLN C 65 2.83 37.37 46.67
N ARG C 66 2.85 36.07 46.36
CA ARG C 66 4.10 35.33 46.44
C ARG C 66 5.10 35.84 45.39
N CYS C 67 4.64 36.00 44.14
CA CYS C 67 5.53 36.50 43.11
C CYS C 67 6.03 37.91 43.43
N LEU C 68 5.18 38.73 44.05
CA LEU C 68 5.62 40.04 44.50
C LEU C 68 6.69 39.95 45.59
N ALA C 69 6.39 39.22 46.67
CA ALA C 69 7.30 39.18 47.80
C ALA C 69 8.58 38.43 47.48
N THR C 70 8.47 37.22 46.90
CA THR C 70 9.65 36.42 46.63
C THR C 70 10.32 36.81 45.32
N GLY C 71 9.55 37.25 44.34
CA GLY C 71 10.06 37.47 43.00
C GLY C 71 10.21 36.22 42.17
N ARG C 72 9.89 35.04 42.70
CA ARG C 72 9.96 33.85 41.88
C ARG C 72 8.65 33.60 41.15
N PRO C 73 8.72 33.08 39.93
CA PRO C 73 7.51 32.87 39.13
C PRO C 73 6.51 31.95 39.82
N VAL C 74 5.24 32.18 39.51
CA VAL C 74 4.12 31.42 40.07
C VAL C 74 3.12 31.13 38.96
N VAL C 75 2.51 29.95 39.01
CA VAL C 75 1.46 29.57 38.07
C VAL C 75 0.22 29.19 38.86
N VAL C 76 -0.94 29.64 38.38
CA VAL C 76 -2.21 29.44 39.07
C VAL C 76 -3.20 28.84 38.08
N ASN C 77 -3.70 27.65 38.39
CA ASN C 77 -4.78 27.04 37.64
C ASN C 77 -6.11 27.48 38.25
N HIS C 78 -7.06 27.83 37.39
CA HIS C 78 -8.35 28.35 37.84
C HIS C 78 -9.34 28.28 36.69
N LEU C 79 -10.53 28.80 36.93
CA LEU C 79 -11.58 28.91 35.92
C LEU C 79 -11.83 30.38 35.63
N LEU C 80 -12.58 30.63 34.57
CA LEU C 80 -13.02 31.97 34.18
C LEU C 80 -14.54 32.00 34.07
N LEU C 81 -15.15 32.98 34.73
CA LEU C 81 -16.59 33.12 34.68
C LEU C 81 -17.00 33.69 33.33
N THR C 82 -17.98 33.06 32.71
CA THR C 82 -18.49 33.49 31.40
C THR C 82 -19.92 33.95 31.60
N ALA C 83 -20.23 35.15 31.11
CA ALA C 83 -21.54 35.73 31.33
C ALA C 83 -22.63 34.81 30.79
N GLU C 84 -23.41 34.21 31.71
CA GLU C 84 -24.52 33.33 31.34
C GLU C 84 -24.04 32.12 30.53
N ALA C 85 -22.86 31.61 30.88
CA ALA C 85 -22.31 30.44 30.21
C ALA C 85 -21.42 29.66 31.16
N GLU C 86 -21.16 28.41 30.81
CA GLU C 86 -20.37 27.52 31.65
C GLU C 86 -18.96 28.08 31.82
N PRO C 87 -18.34 27.89 32.99
CA PRO C 87 -17.00 28.43 33.20
C PRO C 87 -16.00 27.85 32.19
N ARG C 88 -14.95 28.63 31.92
CA ARG C 88 -13.88 28.22 31.02
C ARG C 88 -12.63 27.82 31.81
N PRO C 89 -11.87 26.83 31.34
CA PRO C 89 -10.59 26.54 32.00
C PRO C 89 -9.56 27.61 31.66
N ALA C 90 -8.75 27.97 32.64
CA ALA C 90 -7.77 29.04 32.44
C ALA C 90 -6.56 28.79 33.32
N MET C 91 -5.52 29.59 33.07
CA MET C 91 -4.25 29.48 33.78
C MET C 91 -3.54 30.82 33.71
N THR C 92 -3.04 31.30 34.84
CA THR C 92 -2.29 32.53 34.92
C THR C 92 -0.84 32.22 35.29
N THR C 93 0.10 32.84 34.58
CA THR C 93 1.52 32.78 34.93
C THR C 93 1.99 34.15 35.40
N LEU C 94 2.82 34.15 36.44
CA LEU C 94 3.32 35.38 37.05
C LEU C 94 4.83 35.32 37.09
N THR C 95 5.48 36.33 36.51
CA THR C 95 6.92 36.50 36.60
C THR C 95 7.24 37.88 37.13
N ALA C 96 8.27 37.96 37.97
CA ALA C 96 8.66 39.22 38.60
C ALA C 96 9.96 39.71 37.97
N LEU C 97 10.05 41.04 37.80
CA LEU C 97 11.25 41.65 37.24
C LEU C 97 12.04 42.38 38.33
N VAL C 103 12.58 43.98 43.84
CA VAL C 103 11.44 43.55 43.04
C VAL C 103 10.62 44.77 42.62
N ARG C 104 10.62 45.05 41.31
CA ARG C 104 9.91 46.19 40.76
C ARG C 104 8.44 45.91 40.43
N ALA C 105 8.16 44.80 39.76
CA ALA C 105 6.81 44.57 39.26
C ALA C 105 6.59 43.10 38.96
N VAL C 106 5.33 42.75 38.77
CA VAL C 106 4.90 41.40 38.42
C VAL C 106 4.17 41.45 37.09
N THR C 107 4.62 40.63 36.14
CA THR C 107 3.93 40.46 34.87
C THR C 107 3.01 39.25 34.96
N GLY C 108 1.74 39.43 34.63
CA GLY C 108 0.77 38.36 34.61
C GLY C 108 0.27 38.09 33.20
N VAL C 109 0.00 36.82 32.89
CA VAL C 109 -0.56 36.40 31.62
C VAL C 109 -1.68 35.41 31.91
N ILE C 110 -2.91 35.79 31.59
CA ILE C 110 -4.08 34.95 31.79
C ILE C 110 -4.46 34.32 30.45
N THR C 111 -4.49 32.99 30.40
CA THR C 111 -4.73 32.25 29.17
C THR C 111 -6.05 31.50 29.28
N ASP C 112 -6.86 31.58 28.22
CA ASP C 112 -8.14 30.87 28.15
C ASP C 112 -7.91 29.53 27.45
N LEU C 113 -8.07 28.44 28.20
CA LEU C 113 -7.80 27.09 27.70
C LEU C 113 -9.00 26.43 27.05
N SER C 114 -10.07 27.17 26.76
CA SER C 114 -11.29 26.55 26.26
C SER C 114 -11.03 25.80 24.95
N ASP C 115 -10.32 26.43 24.01
CA ASP C 115 -10.14 25.82 22.69
C ASP C 115 -9.19 24.64 22.74
N ARG C 116 -8.04 24.78 23.40
CA ARG C 116 -7.06 23.70 23.42
C ARG C 116 -7.64 22.46 24.09
N VAL C 117 -8.37 22.63 25.18
CA VAL C 117 -8.99 21.48 25.85
C VAL C 117 -10.00 20.84 24.92
N ARG C 118 -10.82 21.65 24.26
CA ARG C 118 -11.84 21.14 23.34
C ARG C 118 -11.20 20.47 22.13
N ARG C 119 -10.13 21.06 21.58
CA ARG C 119 -9.50 20.49 20.40
C ARG C 119 -8.90 19.12 20.69
N ALA C 120 -8.24 18.97 21.84
CA ALA C 120 -7.63 17.70 22.18
C ALA C 120 -8.66 16.59 22.29
N THR C 121 -9.81 16.89 22.92
CA THR C 121 -10.88 15.90 23.00
C THR C 121 -11.38 15.53 21.61
N GLU C 122 -11.59 16.53 20.76
CA GLU C 122 -12.03 16.26 19.40
C GLU C 122 -11.02 15.37 18.67
N ALA C 123 -9.73 15.58 18.91
CA ALA C 123 -8.71 14.77 18.24
C ALA C 123 -8.73 13.33 18.73
N GLU C 124 -8.85 13.13 20.04
CA GLU C 124 -8.92 11.77 20.57
C GLU C 124 -10.05 10.98 19.93
N ILE C 125 -11.19 11.63 19.69
CA ILE C 125 -12.33 10.93 19.11
C ILE C 125 -12.06 10.61 17.65
N ARG C 126 -11.53 11.57 16.89
CA ARG C 126 -11.17 11.31 15.50
C ARG C 126 -10.26 10.10 15.41
N GLN C 127 -9.21 10.08 16.23
CA GLN C 127 -8.30 8.94 16.25
C GLN C 127 -9.06 7.64 16.52
N ALA C 128 -9.99 7.67 17.47
CA ALA C 128 -10.81 6.50 17.72
C ALA C 128 -11.67 6.16 16.52
N VAL C 129 -12.31 7.17 15.92
CA VAL C 129 -13.25 6.93 14.83
C VAL C 129 -12.54 6.26 13.65
N ARG C 130 -11.37 6.78 13.27
CA ARG C 130 -10.63 6.15 12.18
C ARG C 130 -10.17 4.76 12.57
N ALA C 131 -9.77 4.57 13.83
CA ALA C 131 -9.37 3.25 14.29
C ALA C 131 -10.53 2.26 14.19
N ALA C 132 -11.73 2.70 14.56
CA ALA C 132 -12.91 1.85 14.42
C ALA C 132 -13.23 1.61 12.96
N ALA C 133 -13.03 2.63 12.12
CA ALA C 133 -13.30 2.48 10.69
C ALA C 133 -12.43 1.40 10.07
N ALA C 134 -11.21 1.20 10.58
CA ALA C 134 -10.32 0.19 10.03
C ALA C 134 -10.86 -1.21 10.30
N THR C 135 -11.18 -1.52 11.55
CA THR C 135 -11.71 -2.84 11.85
C THR C 135 -13.06 -3.05 11.18
N ARG C 136 -13.79 -1.96 10.91
CA ARG C 136 -15.07 -2.07 10.22
C ARG C 136 -14.87 -2.40 8.74
N SER C 137 -13.84 -1.83 8.12
CA SER C 137 -13.62 -2.10 6.70
C SER C 137 -13.17 -3.55 6.48
N GLU C 138 -12.37 -4.08 7.42
CA GLU C 138 -11.91 -5.45 7.29
C GLU C 138 -13.03 -6.44 7.55
N ILE C 139 -13.87 -6.17 8.55
CA ILE C 139 -15.05 -7.02 8.77
C ILE C 139 -15.96 -6.98 7.54
N ASP C 140 -16.14 -5.79 6.97
CA ASP C 140 -16.96 -5.68 5.76
C ASP C 140 -16.36 -6.49 4.61
N GLN C 141 -15.04 -6.43 4.47
CA GLN C 141 -14.36 -7.19 3.42
C GLN C 141 -14.51 -8.68 3.65
N ALA C 142 -14.27 -9.15 4.87
CA ALA C 142 -14.39 -10.57 5.16
C ALA C 142 -15.83 -11.05 4.98
N LYS C 143 -16.80 -10.25 5.42
CA LYS C 143 -18.20 -10.61 5.22
C LYS C 143 -18.52 -10.77 3.75
N GLY C 144 -18.00 -9.87 2.91
CA GLY C 144 -18.26 -9.99 1.48
C GLY C 144 -17.58 -11.20 0.88
N ILE C 145 -16.35 -11.50 1.31
CA ILE C 145 -15.65 -12.70 0.85
C ILE C 145 -16.47 -13.93 1.19
N VAL C 146 -16.95 -14.02 2.42
CA VAL C 146 -17.76 -15.18 2.83
C VAL C 146 -19.05 -15.22 2.03
N MET C 147 -19.68 -14.07 1.81
CA MET C 147 -20.92 -14.02 1.06
C MET C 147 -20.78 -14.74 -0.29
N ALA C 148 -19.77 -14.36 -1.06
CA ALA C 148 -19.63 -14.89 -2.41
C ALA C 148 -18.94 -16.24 -2.44
N ALA C 149 -17.99 -16.48 -1.53
CA ALA C 149 -17.27 -17.75 -1.54
C ALA C 149 -18.22 -18.93 -1.36
N PHE C 150 -19.14 -18.83 -0.40
CA PHE C 150 -20.11 -19.88 -0.13
C PHE C 150 -21.49 -19.56 -0.68
N ASP C 151 -21.63 -18.45 -1.42
CA ASP C 151 -22.90 -18.03 -2.00
C ASP C 151 -24.01 -18.02 -0.94
N VAL C 152 -23.84 -17.15 0.05
CA VAL C 152 -24.82 -16.90 1.09
C VAL C 152 -25.03 -15.39 1.18
N ASP C 153 -26.14 -15.01 1.79
CA ASP C 153 -26.45 -13.59 1.94
C ASP C 153 -25.58 -12.98 3.04
N ALA C 154 -25.76 -11.68 3.27
CA ALA C 154 -24.87 -10.96 4.20
C ALA C 154 -25.12 -11.39 5.64
N ASP C 155 -26.39 -11.58 6.01
CA ASP C 155 -26.70 -12.01 7.38
C ASP C 155 -26.08 -13.37 7.66
N GLN C 156 -26.23 -14.32 6.75
CA GLN C 156 -25.60 -15.63 6.90
C GLN C 156 -24.09 -15.49 6.99
N ALA C 157 -23.50 -14.69 6.10
CA ALA C 157 -22.05 -14.49 6.11
C ALA C 157 -21.59 -13.95 7.46
N PHE C 158 -22.29 -12.94 7.97
CA PHE C 158 -21.93 -12.36 9.28
C PHE C 158 -22.13 -13.38 10.38
N ALA C 159 -23.21 -14.17 10.31
CA ALA C 159 -23.44 -15.21 11.30
C ALA C 159 -22.31 -16.23 11.29
N LEU C 160 -21.83 -16.60 10.10
CA LEU C 160 -20.72 -17.55 10.03
C LEU C 160 -19.45 -16.96 10.63
N LEU C 161 -19.19 -15.68 10.35
CA LEU C 161 -18.02 -15.03 10.95
C LEU C 161 -18.11 -15.03 12.47
N LYS C 162 -19.31 -14.79 13.00
CA LYS C 162 -19.50 -14.85 14.46
C LYS C 162 -19.30 -16.27 14.97
N TRP C 163 -19.81 -17.26 14.25
CA TRP C 163 -19.66 -18.65 14.67
C TRP C 163 -18.19 -19.03 14.77
N HIS C 164 -17.41 -18.72 13.74
CA HIS C 164 -16.00 -19.09 13.72
C HIS C 164 -15.20 -18.26 14.72
N SER C 165 -15.66 -17.05 15.03
CA SER C 165 -15.04 -16.30 16.12
C SER C 165 -15.20 -17.04 17.45
N SER C 166 -16.39 -17.58 17.71
CA SER C 166 -16.59 -18.36 18.91
C SER C 166 -15.71 -19.61 18.91
N GLN C 167 -15.76 -20.38 17.82
CA GLN C 167 -15.06 -21.66 17.79
C GLN C 167 -13.55 -21.50 17.93
N SER C 168 -12.99 -20.42 17.39
CA SER C 168 -11.55 -20.16 17.50
C SER C 168 -11.22 -19.25 18.68
N ASN C 169 -12.21 -18.90 19.50
CA ASN C 169 -12.01 -17.99 20.63
C ASN C 169 -11.25 -16.74 20.20
N ARG C 170 -11.76 -16.09 19.15
CA ARG C 170 -11.19 -14.86 18.65
C ARG C 170 -12.27 -13.80 18.61
N LYS C 171 -11.85 -12.54 18.66
CA LYS C 171 -12.75 -11.43 18.43
C LYS C 171 -13.00 -11.31 16.93
N LEU C 172 -14.25 -11.05 16.57
CA LEU C 172 -14.66 -10.98 15.18
C LEU C 172 -13.66 -10.20 14.34
N ARG C 173 -13.16 -9.08 14.86
CA ARG C 173 -12.24 -8.26 14.10
C ARG C 173 -10.90 -8.97 13.88
N ASP C 174 -10.43 -9.72 14.88
CA ASP C 174 -9.20 -10.49 14.70
C ASP C 174 -9.41 -11.65 13.72
N LEU C 175 -10.54 -12.34 13.82
CA LEU C 175 -10.83 -13.40 12.87
C LEU C 175 -10.87 -12.85 11.44
N ALA C 176 -11.60 -11.76 11.24
CA ALA C 176 -11.69 -11.17 9.90
C ALA C 176 -10.31 -10.88 9.34
N THR C 177 -9.46 -10.24 10.14
CA THR C 177 -8.08 -9.99 9.70
C THR C 177 -7.35 -11.30 9.44
N GLY C 178 -7.55 -12.29 10.31
CA GLY C 178 -6.90 -13.57 10.12
C GLY C 178 -7.38 -14.27 8.85
N MET C 179 -8.67 -14.16 8.55
CA MET C 179 -9.21 -14.81 7.36
C MET C 179 -8.68 -14.16 6.09
N ILE C 180 -8.53 -12.83 6.08
CA ILE C 180 -8.06 -12.14 4.89
C ILE C 180 -6.58 -12.44 4.66
N GLU C 181 -5.75 -12.28 5.70
CA GLU C 181 -4.33 -12.59 5.57
C GLU C 181 -4.13 -14.03 5.14
N GLY C 182 -4.88 -14.96 5.74
CA GLY C 182 -4.69 -16.36 5.42
C GLY C 182 -5.09 -16.69 3.98
N LEU C 183 -6.25 -16.21 3.56
CA LEU C 183 -6.69 -16.45 2.18
C LEU C 183 -5.71 -15.88 1.18
N ALA C 184 -5.22 -14.66 1.44
CA ALA C 184 -4.25 -14.05 0.53
C ALA C 184 -3.00 -14.92 0.40
N ALA C 185 -2.60 -15.57 1.49
CA ALA C 185 -1.42 -16.42 1.48
C ALA C 185 -1.72 -17.88 1.14
N ALA C 186 -3.00 -18.24 0.99
CA ALA C 186 -3.35 -19.62 0.73
C ALA C 186 -2.90 -20.03 -0.67
N ASN C 187 -2.88 -21.34 -0.90
CA ASN C 187 -2.50 -21.87 -2.21
C ASN C 187 -3.63 -21.64 -3.20
N SER C 188 -3.34 -20.84 -4.23
CA SER C 188 -4.36 -20.48 -5.21
C SER C 188 -4.92 -21.67 -5.94
N ALA C 189 -4.21 -22.81 -5.93
CA ALA C 189 -4.68 -23.97 -6.67
C ALA C 189 -5.86 -24.64 -6.00
N LEU C 190 -5.99 -24.52 -4.69
CA LEU C 190 -7.13 -25.12 -4.00
C LEU C 190 -8.40 -24.39 -4.44
N PRO C 191 -9.48 -25.10 -4.77
CA PRO C 191 -10.74 -24.42 -5.03
C PRO C 191 -11.11 -23.54 -3.83
N LEU C 192 -11.83 -22.46 -4.12
CA LEU C 192 -11.94 -21.36 -3.16
C LEU C 192 -12.53 -21.83 -1.83
N ARG C 193 -13.63 -22.58 -1.89
CA ARG C 193 -14.31 -22.97 -0.66
C ARG C 193 -13.44 -23.91 0.17
N ARG C 194 -12.81 -24.90 -0.48
CA ARG C 194 -11.83 -25.72 0.23
C ARG C 194 -10.69 -24.86 0.77
N ARG C 195 -10.18 -23.94 -0.06
CA ARG C 195 -9.07 -23.09 0.34
C ARG C 195 -9.43 -22.31 1.60
N LEU C 196 -10.63 -21.71 1.62
CA LEU C 196 -11.05 -20.90 2.76
C LEU C 196 -11.26 -21.75 3.99
N SER C 197 -11.77 -22.97 3.83
CA SER C 197 -11.98 -23.85 4.97
C SER C 197 -10.68 -24.11 5.71
N THR C 198 -9.59 -24.37 4.98
CA THR C 198 -8.31 -24.60 5.63
C THR C 198 -7.78 -23.34 6.30
N VAL C 199 -8.22 -22.15 5.86
CA VAL C 199 -7.85 -20.92 6.54
C VAL C 199 -8.53 -20.84 7.90
N PHE C 200 -9.84 -21.14 7.94
CA PHE C 200 -10.55 -21.14 9.20
C PHE C 200 -9.96 -22.17 10.17
N THR C 201 -9.60 -23.35 9.64
CA THR C 201 -9.06 -24.40 10.50
C THR C 201 -7.66 -24.05 10.98
N ASP C 202 -6.86 -23.41 10.12
CA ASP C 202 -5.54 -22.96 10.52
C ASP C 202 -5.61 -21.93 11.66
N MET C 203 -6.74 -21.25 11.81
CA MET C 203 -6.92 -20.27 12.87
C MET C 203 -7.51 -20.86 14.14
N GLY C 204 -7.74 -22.18 14.18
CA GLY C 204 -8.24 -22.85 15.37
C GLY C 204 -9.66 -23.35 15.28
N CYS C 205 -10.41 -22.98 14.24
CA CYS C 205 -11.75 -23.52 14.09
C CYS C 205 -11.67 -25.04 13.90
N PRO C 206 -12.66 -25.78 14.41
CA PRO C 206 -12.61 -27.24 14.29
C PRO C 206 -12.71 -27.68 12.84
N ALA C 207 -12.16 -28.86 12.57
CA ALA C 207 -12.12 -29.37 11.20
C ALA C 207 -13.54 -29.70 10.72
N PRO C 208 -13.81 -29.57 9.42
CA PRO C 208 -15.13 -29.95 8.91
C PRO C 208 -15.42 -31.42 9.16
N SER C 209 -16.70 -31.76 9.03
CA SER C 209 -17.11 -33.14 9.21
C SER C 209 -16.55 -34.03 8.10
N THR C 210 -16.55 -35.34 8.38
CA THR C 210 -16.04 -36.34 7.46
C THR C 210 -17.10 -37.36 7.08
N LYS C 211 -18.29 -37.29 7.67
CA LYS C 211 -19.31 -38.32 7.49
C LYS C 211 -20.17 -38.02 6.27
N GLY C 212 -20.36 -39.03 5.43
CA GLY C 212 -21.20 -38.97 4.26
C GLY C 212 -22.51 -39.68 4.49
N TRP C 213 -23.00 -40.38 3.45
CA TRP C 213 -24.28 -41.04 3.53
C TRP C 213 -24.47 -41.94 2.32
N THR C 214 -25.58 -42.69 2.34
CA THR C 214 -25.99 -43.51 1.22
C THR C 214 -27.51 -43.52 1.17
N VAL C 215 -28.08 -43.22 0.02
CA VAL C 215 -29.53 -43.12 -0.13
C VAL C 215 -29.95 -43.82 -1.41
N PRO C 216 -31.21 -44.25 -1.48
CA PRO C 216 -31.68 -44.96 -2.68
C PRO C 216 -32.03 -44.01 -3.81
N VAL C 217 -32.32 -44.61 -4.97
CA VAL C 217 -32.71 -43.90 -6.17
C VAL C 217 -34.14 -44.30 -6.53
N THR C 218 -35.00 -43.31 -6.74
CA THR C 218 -36.41 -43.58 -7.00
C THR C 218 -36.67 -43.71 -8.50
N LEU C 222 -38.00 -43.64 -17.01
CA LEU C 222 -38.18 -44.60 -18.09
C LEU C 222 -36.89 -45.42 -18.30
N PRO C 223 -37.02 -46.62 -18.85
CA PRO C 223 -35.85 -47.49 -18.99
C PRO C 223 -34.85 -46.92 -19.99
N PRO C 224 -33.59 -47.31 -19.93
CA PRO C 224 -32.62 -46.78 -20.90
C PRO C 224 -33.02 -47.17 -22.32
N THR C 225 -32.76 -46.26 -23.25
CA THR C 225 -32.92 -46.53 -24.66
C THR C 225 -31.69 -46.02 -25.41
N SER C 226 -31.47 -46.58 -26.60
CA SER C 226 -30.39 -46.16 -27.48
C SER C 226 -30.87 -45.29 -28.64
N GLY C 227 -32.13 -44.85 -28.61
CA GLY C 227 -32.63 -43.99 -29.66
C GLY C 227 -32.66 -44.69 -31.00
N LEU C 228 -32.22 -43.98 -32.05
CA LEU C 228 -32.26 -44.48 -33.41
C LEU C 228 -30.89 -44.87 -33.94
N ILE C 229 -29.92 -45.09 -33.05
CA ILE C 229 -28.61 -45.58 -33.49
C ILE C 229 -28.78 -46.96 -34.12
N PRO C 230 -28.23 -47.23 -35.30
CA PRO C 230 -28.28 -48.62 -35.81
C PRO C 230 -27.56 -49.55 -34.85
N THR C 231 -28.25 -50.63 -34.47
CA THR C 231 -27.76 -51.48 -33.40
C THR C 231 -26.39 -52.07 -33.70
N ALA C 232 -26.01 -52.17 -34.98
CA ALA C 232 -24.69 -52.70 -35.31
C ALA C 232 -23.59 -51.73 -34.93
N LEU C 233 -23.76 -50.44 -35.22
CA LEU C 233 -22.76 -49.44 -34.88
C LEU C 233 -22.82 -49.01 -33.42
N LEU C 234 -23.75 -49.54 -32.63
CA LEU C 234 -23.93 -49.07 -31.27
C LEU C 234 -22.72 -49.34 -30.37
N PRO C 235 -22.16 -50.55 -30.31
CA PRO C 235 -21.04 -50.77 -29.37
C PRO C 235 -19.88 -49.79 -29.56
N GLY C 236 -19.44 -49.55 -30.79
CA GLY C 236 -18.35 -48.63 -31.01
C GLY C 236 -18.69 -47.21 -30.61
N ILE C 237 -19.91 -46.76 -30.92
CA ILE C 237 -20.32 -45.40 -30.60
C ILE C 237 -20.28 -45.17 -29.10
N LEU C 238 -20.88 -46.08 -28.33
CA LEU C 238 -20.98 -45.89 -26.89
C LEU C 238 -19.66 -46.16 -26.17
N THR C 239 -18.83 -47.06 -26.71
CA THR C 239 -17.46 -47.19 -26.19
C THR C 239 -16.71 -45.87 -26.37
N ARG C 240 -16.86 -45.24 -27.54
CA ARG C 240 -16.27 -43.93 -27.75
C ARG C 240 -16.84 -42.92 -26.75
N ALA C 241 -18.15 -43.00 -26.46
CA ALA C 241 -18.78 -42.08 -25.55
C ALA C 241 -18.22 -42.21 -24.13
N ALA C 242 -18.23 -43.44 -23.59
CA ALA C 242 -17.67 -43.65 -22.25
C ALA C 242 -16.21 -43.27 -22.20
N HIS C 243 -15.50 -43.38 -23.32
CA HIS C 243 -14.09 -43.00 -23.35
C HIS C 243 -13.92 -41.49 -23.25
N ASP C 244 -14.78 -40.73 -23.95
CA ASP C 244 -14.63 -39.28 -24.05
C ASP C 244 -15.44 -38.52 -23.00
N ALA C 245 -16.31 -39.20 -22.25
CA ALA C 245 -17.11 -38.51 -21.26
C ALA C 245 -16.23 -37.80 -20.24
N SER C 246 -16.63 -36.60 -19.85
CA SER C 246 -15.84 -35.79 -18.93
C SER C 246 -15.97 -36.25 -17.49
N VAL C 247 -16.92 -37.14 -17.18
CA VAL C 247 -17.12 -37.64 -15.83
C VAL C 247 -16.71 -39.11 -15.77
N ALA C 248 -16.40 -39.56 -14.56
CA ALA C 248 -15.85 -40.89 -14.36
C ALA C 248 -16.93 -41.96 -14.50
N ILE C 249 -16.56 -43.06 -15.15
CA ILE C 249 -17.43 -44.24 -15.27
C ILE C 249 -16.61 -45.47 -14.93
N THR C 250 -17.16 -46.33 -14.08
CA THR C 250 -16.49 -47.57 -13.70
C THR C 250 -17.49 -48.70 -13.72
N VAL C 251 -17.00 -49.91 -14.00
CA VAL C 251 -17.81 -51.12 -13.97
C VAL C 251 -17.07 -52.15 -13.11
N ALA C 252 -17.80 -52.78 -12.20
CA ALA C 252 -17.26 -53.83 -11.34
C ALA C 252 -18.06 -55.10 -11.51
N ASP C 253 -17.36 -56.24 -11.46
CA ASP C 253 -18.00 -57.55 -11.54
C ASP C 253 -18.26 -58.01 -10.11
N VAL C 254 -19.51 -57.86 -9.65
CA VAL C 254 -19.86 -58.20 -8.27
C VAL C 254 -20.15 -59.68 -8.07
N THR C 255 -20.09 -60.49 -9.13
CA THR C 255 -20.17 -61.94 -8.99
C THR C 255 -18.80 -62.57 -8.75
N ALA C 256 -17.73 -61.84 -9.02
CA ALA C 256 -16.37 -62.32 -8.85
C ALA C 256 -15.88 -62.00 -7.44
N PRO C 257 -14.84 -62.68 -6.96
CA PRO C 257 -14.45 -62.50 -5.55
C PRO C 257 -13.96 -61.10 -5.29
N ASP C 258 -14.51 -60.48 -4.25
CA ASP C 258 -14.15 -59.14 -3.80
C ASP C 258 -14.66 -58.05 -4.73
N GLN C 259 -15.59 -58.36 -5.62
CA GLN C 259 -16.21 -57.38 -6.50
C GLN C 259 -15.15 -56.52 -7.20
N PRO C 260 -14.33 -57.13 -8.05
CA PRO C 260 -13.21 -56.38 -8.64
C PRO C 260 -13.65 -55.42 -9.74
N LEU C 261 -12.79 -54.45 -9.99
CA LEU C 261 -12.99 -53.46 -11.06
C LEU C 261 -12.65 -54.09 -12.40
N VAL C 262 -13.53 -53.90 -13.39
CA VAL C 262 -13.28 -54.39 -14.75
C VAL C 262 -13.27 -53.28 -15.79
N TYR C 263 -13.61 -52.04 -15.43
CA TYR C 263 -13.50 -50.94 -16.38
C TYR C 263 -13.38 -49.62 -15.63
N ALA C 264 -12.61 -48.71 -16.22
CA ALA C 264 -12.47 -47.35 -15.68
C ALA C 264 -12.02 -46.47 -16.83
N ASN C 265 -12.78 -45.41 -17.10
CA ASN C 265 -12.51 -44.54 -18.24
C ASN C 265 -11.49 -43.48 -17.86
N PRO C 266 -10.95 -42.76 -18.85
CA PRO C 266 -9.90 -41.78 -18.54
C PRO C 266 -10.34 -40.70 -17.55
N ALA C 267 -11.61 -40.32 -17.57
CA ALA C 267 -12.09 -39.35 -16.58
C ALA C 267 -11.90 -39.85 -15.17
N PHE C 268 -12.04 -41.16 -14.96
CA PHE C 268 -11.75 -41.75 -13.65
C PHE C 268 -10.28 -41.62 -13.30
N GLU C 269 -9.39 -41.81 -14.28
CA GLU C 269 -7.96 -41.67 -14.04
C GLU C 269 -7.62 -40.23 -13.64
N ARG C 270 -8.25 -39.26 -14.30
CA ARG C 270 -8.03 -37.86 -13.95
C ARG C 270 -8.46 -37.57 -12.53
N LEU C 271 -9.64 -38.07 -12.14
CA LEU C 271 -10.20 -37.76 -10.83
C LEU C 271 -9.36 -38.36 -9.71
N THR C 272 -8.91 -39.60 -9.87
CA THR C 272 -8.30 -40.33 -8.77
C THR C 272 -6.78 -40.34 -8.82
N GLY C 273 -6.17 -40.02 -9.95
CA GLY C 273 -4.74 -40.16 -10.09
C GLY C 273 -4.28 -41.59 -10.26
N TYR C 274 -5.19 -42.54 -10.40
CA TYR C 274 -4.87 -43.94 -10.67
C TYR C 274 -5.07 -44.22 -12.14
N ALA C 275 -4.12 -44.91 -12.75
CA ALA C 275 -4.31 -45.42 -14.10
C ALA C 275 -5.18 -46.67 -14.07
N ALA C 276 -6.00 -46.83 -15.10
CA ALA C 276 -6.88 -47.99 -15.17
C ALA C 276 -6.06 -49.28 -15.12
N ALA C 277 -4.91 -49.31 -15.78
CA ALA C 277 -4.07 -50.50 -15.79
C ALA C 277 -3.70 -50.92 -14.37
N GLU C 278 -3.53 -49.98 -13.46
CA GLU C 278 -3.06 -50.29 -12.11
C GLU C 278 -4.19 -50.44 -11.11
N VAL C 279 -5.45 -50.39 -11.55
CA VAL C 279 -6.57 -50.57 -10.62
C VAL C 279 -7.54 -51.62 -11.11
N LEU C 280 -7.43 -52.02 -12.37
CA LEU C 280 -8.27 -53.13 -12.85
C LEU C 280 -7.94 -54.39 -12.06
N GLY C 281 -8.98 -55.09 -11.61
CA GLY C 281 -8.81 -56.26 -10.78
C GLY C 281 -8.86 -56.01 -9.29
N ARG C 282 -8.90 -54.75 -8.86
CA ARG C 282 -8.97 -54.40 -7.45
C ARG C 282 -10.35 -53.86 -7.12
N ASN C 283 -10.75 -54.05 -5.87
CA ASN C 283 -11.98 -53.44 -5.38
C ASN C 283 -11.77 -51.92 -5.24
N CYS C 284 -12.85 -51.17 -5.42
CA CYS C 284 -12.77 -49.70 -5.38
C CYS C 284 -12.37 -49.21 -4.01
N ARG C 285 -12.25 -50.11 -3.05
CA ARG C 285 -11.94 -49.74 -1.68
C ARG C 285 -10.69 -48.88 -1.55
N PHE C 286 -9.78 -48.93 -2.53
CA PHE C 286 -8.53 -48.19 -2.41
C PHE C 286 -8.74 -46.68 -2.35
N LEU C 287 -9.87 -46.17 -2.84
CA LEU C 287 -10.14 -44.74 -2.77
C LEU C 287 -10.39 -44.26 -1.34
N GLN C 288 -10.72 -45.18 -0.42
CA GLN C 288 -10.91 -44.83 0.98
C GLN C 288 -9.61 -44.80 1.76
N ALA C 289 -8.52 -45.31 1.20
CA ALA C 289 -7.21 -45.28 1.85
C ALA C 289 -7.27 -45.84 3.28
N GLU C 290 -7.80 -47.06 3.39
CA GLU C 290 -7.90 -47.76 4.68
C GLU C 290 -8.61 -46.91 5.73
N SER C 291 -9.45 -45.98 5.28
CA SER C 291 -10.28 -45.19 6.17
C SER C 291 -11.72 -45.56 5.82
N GLY C 292 -12.68 -44.72 6.19
CA GLY C 292 -14.06 -45.02 5.89
C GLY C 292 -14.83 -45.50 7.11
N ASP C 293 -15.95 -44.84 7.37
CA ASP C 293 -16.77 -45.18 8.52
C ASP C 293 -17.32 -46.59 8.38
N PRO C 294 -17.18 -47.44 9.40
CA PRO C 294 -17.75 -48.81 9.30
C PRO C 294 -19.22 -48.81 8.89
N HIS C 295 -20.02 -47.90 9.43
CA HIS C 295 -21.44 -47.89 9.10
C HIS C 295 -21.66 -47.52 7.63
N GLU C 296 -20.90 -46.56 7.12
CA GLU C 296 -21.04 -46.18 5.72
C GLU C 296 -20.72 -47.34 4.79
N ARG C 297 -19.65 -48.07 5.09
CA ARG C 297 -19.28 -49.22 4.26
C ARG C 297 -20.38 -50.28 4.29
N SER C 298 -20.89 -50.60 5.48
CA SER C 298 -21.95 -51.60 5.57
C SER C 298 -23.16 -51.17 4.76
N ALA C 299 -23.49 -49.88 4.78
CA ALA C 299 -24.58 -49.38 3.97
C ALA C 299 -24.31 -49.61 2.48
N ILE C 300 -23.08 -49.37 2.05
CA ILE C 300 -22.72 -49.61 0.65
C ILE C 300 -22.76 -51.09 0.34
N ARG C 301 -22.12 -51.92 1.18
CA ARG C 301 -22.13 -53.36 0.97
C ARG C 301 -23.56 -53.88 0.85
N SER C 302 -24.45 -53.41 1.73
CA SER C 302 -25.82 -53.91 1.72
C SER C 302 -26.54 -53.53 0.43
N ALA C 303 -26.35 -52.30 -0.04
CA ALA C 303 -26.99 -51.88 -1.28
C ALA C 303 -26.58 -52.79 -2.43
N ILE C 304 -25.29 -53.08 -2.56
CA ILE C 304 -24.80 -53.94 -3.64
C ILE C 304 -25.40 -55.34 -3.50
N ALA C 305 -25.30 -55.92 -2.31
CA ALA C 305 -25.78 -57.29 -2.11
C ALA C 305 -27.26 -57.43 -2.41
N ASN C 306 -28.04 -56.35 -2.23
CA ASN C 306 -29.48 -56.39 -2.46
C ASN C 306 -29.87 -55.96 -3.87
N GLY C 307 -28.91 -55.60 -4.72
CA GLY C 307 -29.23 -55.15 -6.06
C GLY C 307 -29.93 -53.82 -6.10
N ASP C 308 -29.72 -52.98 -5.10
CA ASP C 308 -30.34 -51.66 -5.07
C ASP C 308 -29.53 -50.66 -5.87
N ALA C 309 -30.20 -49.63 -6.36
CA ALA C 309 -29.55 -48.46 -6.93
C ALA C 309 -29.52 -47.38 -5.86
N VAL C 310 -28.33 -46.88 -5.53
CA VAL C 310 -28.15 -45.91 -4.47
C VAL C 310 -27.08 -44.91 -4.89
N THR C 311 -27.14 -43.72 -4.27
CA THR C 311 -26.11 -42.71 -4.39
C THR C 311 -25.42 -42.55 -3.04
N THR C 312 -24.09 -42.51 -3.06
CA THR C 312 -23.29 -42.46 -1.85
C THR C 312 -22.36 -41.26 -1.87
N LEU C 313 -22.34 -40.51 -0.78
CA LEU C 313 -21.33 -39.48 -0.54
C LEU C 313 -20.31 -40.04 0.45
N ILE C 314 -19.03 -39.94 0.10
CA ILE C 314 -17.98 -40.56 0.89
C ILE C 314 -16.70 -39.78 0.71
N ARG C 315 -15.85 -39.81 1.74
CA ARG C 315 -14.55 -39.16 1.70
C ARG C 315 -13.53 -40.08 1.05
N ASN C 316 -12.82 -39.56 0.05
CA ASN C 316 -11.88 -40.36 -0.73
C ASN C 316 -10.55 -39.65 -0.84
N PHE C 317 -9.58 -40.34 -1.43
CA PHE C 317 -8.21 -39.87 -1.53
C PHE C 317 -7.62 -40.35 -2.84
N ARG C 318 -6.94 -39.44 -3.54
CA ARG C 318 -6.24 -39.80 -4.77
C ARG C 318 -5.00 -40.61 -4.43
N GLN C 319 -4.32 -41.10 -5.47
CA GLN C 319 -3.10 -41.87 -5.27
C GLN C 319 -2.02 -41.05 -4.58
N ASP C 320 -2.10 -39.73 -4.63
CA ASP C 320 -1.14 -38.87 -3.95
C ASP C 320 -1.57 -38.51 -2.54
N GLY C 321 -2.73 -38.99 -2.08
CA GLY C 321 -3.16 -38.84 -0.72
C GLY C 321 -4.11 -37.69 -0.47
N HIS C 322 -4.19 -36.73 -1.40
CA HIS C 322 -5.02 -35.56 -1.18
C HIS C 322 -6.49 -35.95 -1.25
N ALA C 323 -7.30 -35.33 -0.41
CA ALA C 323 -8.67 -35.77 -0.18
C ALA C 323 -9.64 -35.02 -1.08
N PHE C 324 -10.82 -35.60 -1.24
CA PHE C 324 -11.91 -34.98 -1.98
C PHE C 324 -13.20 -35.69 -1.62
N TRP C 325 -14.31 -34.97 -1.73
CA TRP C 325 -15.62 -35.55 -1.51
C TRP C 325 -16.11 -36.21 -2.78
N ASN C 326 -16.54 -37.47 -2.67
CA ASN C 326 -16.94 -38.27 -3.82
C ASN C 326 -18.41 -38.65 -3.66
N GLU C 327 -19.26 -38.08 -4.50
CA GLU C 327 -20.64 -38.54 -4.64
C GLU C 327 -20.67 -39.45 -5.87
N PHE C 328 -20.73 -40.76 -5.64
CA PHE C 328 -20.76 -41.74 -6.72
C PHE C 328 -22.07 -42.51 -6.66
N HIS C 329 -22.71 -42.66 -7.82
CA HIS C 329 -23.95 -43.41 -7.96
C HIS C 329 -23.64 -44.84 -8.38
N LEU C 330 -24.39 -45.79 -7.83
CA LEU C 330 -24.23 -47.22 -8.13
C LEU C 330 -25.49 -47.73 -8.85
N SER C 331 -25.30 -48.21 -10.08
CA SER C 331 -26.41 -48.70 -10.90
C SER C 331 -26.19 -50.17 -11.20
N PRO C 332 -27.11 -51.06 -10.83
CA PRO C 332 -26.88 -52.49 -11.04
C PRO C 332 -27.15 -52.94 -12.47
N VAL C 333 -26.42 -53.99 -12.86
CA VAL C 333 -26.55 -54.61 -14.18
C VAL C 333 -27.03 -56.04 -13.99
N ARG C 334 -28.19 -56.35 -14.56
CA ARG C 334 -28.79 -57.68 -14.47
C ARG C 334 -28.82 -58.37 -15.82
N ASN C 335 -28.53 -59.67 -15.82
CA ASN C 335 -28.50 -60.47 -17.03
C ASN C 335 -29.93 -60.89 -17.39
N GLY C 336 -30.05 -61.81 -18.35
CA GLY C 336 -31.38 -62.21 -18.80
C GLY C 336 -32.22 -62.82 -17.71
N ALA C 337 -31.60 -63.62 -16.84
CA ALA C 337 -32.33 -64.31 -15.78
C ALA C 337 -32.68 -63.41 -14.60
N GLY C 338 -32.20 -62.16 -14.58
CA GLY C 338 -32.50 -61.25 -13.50
C GLY C 338 -31.47 -61.16 -12.40
N ARG C 339 -30.32 -61.83 -12.54
CA ARG C 339 -29.28 -61.81 -11.53
C ARG C 339 -28.38 -60.60 -11.76
N VAL C 340 -28.07 -59.88 -10.69
CA VAL C 340 -27.16 -58.74 -10.77
C VAL C 340 -25.75 -59.28 -10.99
N THR C 341 -25.20 -59.02 -12.17
CA THR C 341 -23.86 -59.51 -12.51
C THR C 341 -22.77 -58.44 -12.37
N HIS C 342 -23.10 -57.18 -12.66
CA HIS C 342 -22.13 -56.09 -12.55
C HIS C 342 -22.77 -54.90 -11.87
N TYR C 343 -21.94 -53.90 -11.56
CA TYR C 343 -22.38 -52.60 -11.07
C TYR C 343 -21.61 -51.52 -11.82
N ILE C 344 -22.30 -50.42 -12.14
CA ILE C 344 -21.69 -49.26 -12.76
C ILE C 344 -21.57 -48.17 -11.71
N GLY C 345 -20.43 -47.48 -11.70
CA GLY C 345 -20.19 -46.39 -10.77
C GLY C 345 -19.85 -45.11 -11.50
N TYR C 346 -20.43 -44.00 -11.04
CA TYR C 346 -20.21 -42.67 -11.63
C TYR C 346 -19.72 -41.76 -10.53
N GLN C 347 -18.39 -41.64 -10.40
CA GLN C 347 -17.80 -40.83 -9.34
C GLN C 347 -17.75 -39.36 -9.73
N LEU C 348 -18.06 -38.50 -8.76
CA LEU C 348 -18.08 -37.06 -8.97
C LEU C 348 -17.42 -36.35 -7.79
N ASP C 349 -16.49 -35.44 -8.09
CA ASP C 349 -15.87 -34.61 -7.07
C ASP C 349 -16.83 -33.46 -6.74
N VAL C 350 -17.46 -33.52 -5.58
CA VAL C 350 -18.45 -32.53 -5.17
C VAL C 350 -17.95 -31.77 -3.95
N THR C 351 -16.62 -31.60 -3.85
CA THR C 351 -16.03 -30.99 -2.68
C THR C 351 -16.61 -29.59 -2.43
N GLU C 352 -16.59 -28.74 -3.46
CA GLU C 352 -17.02 -27.35 -3.28
C GLU C 352 -18.48 -27.29 -2.83
N ARG C 353 -19.34 -28.15 -3.38
CA ARG C 353 -20.71 -28.22 -2.93
C ARG C 353 -20.78 -28.62 -1.46
N VAL C 354 -20.02 -29.65 -1.08
CA VAL C 354 -20.06 -30.15 0.29
C VAL C 354 -19.59 -29.05 1.25
N GLU C 355 -18.55 -28.31 0.88
CA GLU C 355 -18.07 -27.25 1.75
C GLU C 355 -19.15 -26.21 1.99
N ARG C 356 -19.92 -25.86 0.95
CA ARG C 356 -21.03 -24.93 1.13
C ARG C 356 -22.12 -25.55 1.98
N ASP C 357 -22.54 -26.78 1.66
CA ASP C 357 -23.57 -27.46 2.43
C ASP C 357 -23.21 -27.52 3.91
N GLN C 358 -21.92 -27.68 4.22
CA GLN C 358 -21.50 -27.81 5.60
C GLN C 358 -21.61 -26.49 6.35
N GLN C 359 -21.23 -25.39 5.70
CA GLN C 359 -21.44 -24.07 6.30
C GLN C 359 -22.93 -23.78 6.48
N LEU C 360 -23.73 -24.03 5.44
CA LEU C 360 -25.17 -23.82 5.54
C LEU C 360 -25.80 -24.68 6.62
N GLU C 361 -25.35 -25.93 6.75
CA GLU C 361 -25.92 -26.81 7.75
C GLU C 361 -25.55 -26.36 9.15
N GLN C 362 -24.36 -25.78 9.32
CA GLN C 362 -23.96 -25.26 10.63
C GLN C 362 -24.85 -24.10 11.06
N LEU C 363 -25.21 -23.22 10.12
CA LEU C 363 -26.14 -22.14 10.45
C LEU C 363 -27.52 -22.70 10.78
N ALA C 364 -27.96 -23.74 10.05
CA ALA C 364 -29.25 -24.34 10.34
C ALA C 364 -29.25 -25.01 11.71
N SER C 365 -28.12 -25.59 12.10
CA SER C 365 -28.02 -26.15 13.45
C SER C 365 -28.16 -25.05 14.50
N LEU C 366 -27.59 -23.87 14.23
CA LEU C 366 -27.74 -22.75 15.15
C LEU C 366 -29.18 -22.25 15.17
N GLU C 367 -29.82 -22.15 14.01
CA GLU C 367 -31.20 -21.73 13.95
C GLU C 367 -32.09 -22.67 14.75
N HIS C 368 -31.93 -23.98 14.54
CA HIS C 368 -32.69 -24.95 15.31
C HIS C 368 -32.49 -24.75 16.80
N HIS C 369 -31.25 -24.47 17.22
CA HIS C 369 -30.97 -24.29 18.64
C HIS C 369 -31.71 -23.09 19.20
N HIS C 370 -31.68 -21.96 18.49
CA HIS C 370 -32.36 -20.75 18.99
C HIS C 370 -33.85 -20.99 19.14
N HIS C 371 -34.45 -21.78 18.23
CA HIS C 371 -35.89 -22.01 18.28
C HIS C 371 -36.26 -22.92 19.44
N HIS C 372 -35.48 -23.97 19.67
CA HIS C 372 -35.81 -25.00 20.66
C HIS C 372 -34.81 -25.09 21.80
N HIS C 373 -33.68 -24.39 21.73
CA HIS C 373 -32.66 -24.42 22.78
C HIS C 373 -32.28 -25.85 23.16
N SER D 11 5.67 20.79 37.88
CA SER D 11 4.46 21.23 37.19
C SER D 11 4.80 22.33 36.18
N PHE D 12 5.67 23.26 36.57
CA PHE D 12 6.07 24.34 35.68
C PHE D 12 7.50 24.75 35.98
N GLY D 13 8.14 25.36 34.97
CA GLY D 13 9.49 25.86 35.12
C GLY D 13 9.64 27.19 34.42
N SER D 14 10.76 27.85 34.71
CA SER D 14 10.99 29.21 34.22
C SER D 14 12.42 29.36 33.73
N PHE D 15 12.62 30.33 32.84
CA PHE D 15 13.94 30.69 32.38
C PHE D 15 13.95 32.18 32.05
N VAL D 16 15.15 32.71 31.84
CA VAL D 16 15.34 34.10 31.43
C VAL D 16 16.45 34.14 30.38
N LEU D 17 16.23 34.91 29.33
CA LEU D 17 17.19 35.08 28.25
C LEU D 17 17.47 36.57 28.10
N ASP D 18 18.75 36.94 28.08
CA ASP D 18 19.16 38.32 27.89
C ASP D 18 19.27 38.63 26.40
N ALA D 19 18.61 39.70 25.98
CA ALA D 19 18.47 39.98 24.55
C ALA D 19 19.82 40.04 23.84
N GLY D 20 20.80 40.71 24.44
CA GLY D 20 22.07 40.92 23.75
C GLY D 20 22.88 39.66 23.57
N SER D 21 23.09 38.92 24.67
CA SER D 21 24.05 37.83 24.71
C SER D 21 23.45 36.44 24.57
N ALA D 22 22.13 36.33 24.47
CA ALA D 22 21.46 35.04 24.45
C ALA D 22 21.73 34.25 25.73
N ARG D 23 22.11 34.94 26.80
CA ARG D 23 22.38 34.31 28.09
C ARG D 23 21.13 33.63 28.62
N PHE D 24 21.05 32.31 28.45
CA PHE D 24 19.91 31.53 28.91
C PHE D 24 20.24 30.92 30.27
N VAL D 25 19.45 31.28 31.28
CA VAL D 25 19.59 30.74 32.62
C VAL D 25 18.25 30.11 32.97
N GLY D 26 18.18 28.79 32.91
CA GLY D 26 16.98 28.08 33.31
C GLY D 26 16.98 27.81 34.81
N SER D 27 15.78 27.72 35.37
CA SER D 27 15.66 27.49 36.80
C SER D 27 15.77 26.00 37.11
N ASP D 28 16.09 25.70 38.37
CA ASP D 28 16.14 24.31 38.79
C ASP D 28 14.82 23.60 38.52
N GLU D 29 13.71 24.32 38.63
CA GLU D 29 12.40 23.73 38.40
C GLU D 29 12.21 23.34 36.93
N LEU D 30 12.75 24.14 36.01
CA LEU D 30 12.60 23.84 34.59
C LEU D 30 13.16 22.47 34.25
N ALA D 31 14.37 22.18 34.72
CA ALA D 31 14.97 20.86 34.49
C ALA D 31 14.04 19.74 34.95
N LEU D 32 13.40 19.93 36.11
CA LEU D 32 12.50 18.90 36.63
C LEU D 32 11.28 18.75 35.73
N VAL D 33 10.79 19.84 35.16
CA VAL D 33 9.61 19.78 34.30
C VAL D 33 9.85 18.96 33.06
N LEU D 34 11.11 18.87 32.61
CA LEU D 34 11.44 18.11 31.42
C LEU D 34 11.59 16.62 31.72
N GLY D 35 11.81 16.27 32.98
CA GLY D 35 11.89 14.89 33.43
C GLY D 35 13.27 14.41 33.81
N PHE D 36 14.12 15.33 34.30
CA PHE D 36 15.43 14.97 34.82
C PHE D 36 15.76 15.91 35.97
N ALA D 37 16.90 15.62 36.69
CA ALA D 37 17.33 16.41 37.83
C ALA D 37 18.27 17.55 37.45
N PRO D 38 18.27 18.62 38.26
CA PRO D 38 18.98 19.85 37.85
C PRO D 38 20.45 19.68 37.49
N GLY D 39 21.19 18.86 38.24
CA GLY D 39 22.62 18.82 38.02
C GLY D 39 23.05 18.00 36.81
N ASP D 40 22.15 17.17 36.29
CA ASP D 40 22.51 16.30 35.17
C ASP D 40 22.93 17.12 33.96
N VAL D 41 22.14 18.14 33.62
CA VAL D 41 22.32 18.88 32.38
C VAL D 41 22.39 20.38 32.64
N VAL D 42 23.16 21.06 31.80
CA VAL D 42 23.18 22.52 31.76
C VAL D 42 22.09 22.98 30.80
N LEU D 43 21.10 23.71 31.31
CA LEU D 43 19.94 24.08 30.51
C LEU D 43 20.30 25.13 29.46
N THR D 44 19.95 24.85 28.21
CA THR D 44 20.16 25.73 27.09
C THR D 44 18.89 25.73 26.24
N PRO D 45 18.71 26.72 25.37
CA PRO D 45 17.52 26.69 24.50
C PRO D 45 17.43 25.41 23.68
N ALA D 46 18.58 24.89 23.22
CA ALA D 46 18.58 23.64 22.46
C ALA D 46 18.04 22.49 23.30
N VAL D 47 18.34 22.49 24.59
CA VAL D 47 17.83 21.44 25.48
C VAL D 47 16.30 21.49 25.52
N VAL D 48 15.74 22.70 25.62
CA VAL D 48 14.29 22.86 25.65
C VAL D 48 13.67 22.36 24.35
N LEU D 49 14.20 22.81 23.21
CA LEU D 49 13.65 22.40 21.92
C LEU D 49 13.73 20.89 21.75
N ALA D 50 14.80 20.26 22.26
CA ALA D 50 14.93 18.81 22.12
C ALA D 50 13.74 18.10 22.74
N HIS D 51 13.20 18.62 23.84
CA HIS D 51 12.08 18.01 24.54
C HIS D 51 10.73 18.46 24.01
N LEU D 52 10.71 19.23 22.93
CA LEU D 52 9.47 19.56 22.24
C LEU D 52 9.26 18.60 21.09
N HIS D 53 8.00 18.36 20.74
CA HIS D 53 7.70 17.59 19.54
C HIS D 53 8.23 18.34 18.33
N PRO D 54 8.87 17.66 17.37
CA PRO D 54 9.47 18.40 16.24
C PRO D 54 8.52 19.33 15.52
N ASP D 55 7.21 19.08 15.58
CA ASP D 55 6.24 19.99 14.98
C ASP D 55 6.16 21.33 15.72
N ASP D 56 6.61 21.38 16.97
CA ASP D 56 6.44 22.57 17.81
C ASP D 56 7.63 23.51 17.79
N ARG D 57 8.77 23.11 17.22
CA ARG D 57 10.01 23.82 17.49
C ARG D 57 10.10 25.15 16.74
N LEU D 58 9.58 25.24 15.52
CA LEU D 58 9.63 26.50 14.79
C LEU D 58 8.72 27.54 15.43
N GLU D 59 7.50 27.14 15.81
CA GLU D 59 6.59 28.07 16.46
C GLU D 59 7.17 28.53 17.80
N TRP D 60 7.70 27.60 18.58
CA TRP D 60 8.31 27.96 19.86
C TRP D 60 9.48 28.91 19.66
N GLN D 61 10.38 28.57 18.73
CA GLN D 61 11.50 29.46 18.41
C GLN D 61 10.99 30.81 17.94
N ALA D 62 10.05 30.80 17.00
CA ALA D 62 9.47 32.06 16.51
C ALA D 62 8.81 32.83 17.65
N GLY D 63 8.15 32.12 18.56
CA GLY D 63 7.55 32.79 19.70
C GLY D 63 8.55 33.60 20.49
N LEU D 64 9.77 33.07 20.65
CA LEU D 64 10.82 33.82 21.35
C LEU D 64 11.24 35.04 20.55
N GLN D 65 11.50 34.85 19.25
CA GLN D 65 11.94 35.97 18.43
C GLN D 65 10.88 37.07 18.36
N ARG D 66 9.59 36.70 18.38
CA ARG D 66 8.54 37.70 18.32
C ARG D 66 8.50 38.55 19.58
N CYS D 67 8.68 37.91 20.74
CA CYS D 67 8.71 38.66 22.00
C CYS D 67 9.90 39.61 22.05
N LEU D 68 11.02 39.23 21.45
CA LEU D 68 12.21 40.08 21.46
C LEU D 68 12.00 41.32 20.60
N ALA D 69 11.36 41.18 19.44
CA ALA D 69 11.25 42.28 18.50
C ALA D 69 10.06 43.20 18.82
N THR D 70 8.97 42.65 19.34
CA THR D 70 7.78 43.44 19.63
C THR D 70 7.61 43.75 21.11
N GLY D 71 8.16 42.93 22.01
CA GLY D 71 7.93 43.12 23.42
C GLY D 71 6.58 42.63 23.90
N ARG D 72 5.73 42.13 22.99
CA ARG D 72 4.40 41.65 23.33
C ARG D 72 4.48 40.25 23.94
N PRO D 73 3.60 39.94 24.89
CA PRO D 73 3.61 38.59 25.47
C PRO D 73 3.16 37.55 24.45
N VAL D 74 3.75 36.36 24.54
CA VAL D 74 3.47 35.28 23.60
C VAL D 74 3.09 34.03 24.39
N VAL D 75 2.20 33.24 23.80
CA VAL D 75 1.82 31.94 24.33
C VAL D 75 2.00 30.91 23.22
N VAL D 76 2.67 29.80 23.54
CA VAL D 76 2.98 28.76 22.58
C VAL D 76 2.36 27.47 23.05
N ASN D 77 1.59 26.82 22.18
CA ASN D 77 1.04 25.50 22.46
C ASN D 77 1.97 24.46 21.87
N HIS D 78 2.31 23.46 22.67
CA HIS D 78 3.28 22.44 22.25
C HIS D 78 3.15 21.24 23.17
N LEU D 79 3.94 20.22 22.87
CA LEU D 79 4.01 19.01 23.67
C LEU D 79 5.35 18.95 24.41
N LEU D 80 5.42 18.05 25.38
CA LEU D 80 6.65 17.78 26.10
C LEU D 80 6.99 16.31 25.95
N LEU D 81 8.09 16.02 25.28
CA LEU D 81 8.53 14.65 25.10
C LEU D 81 9.04 14.10 26.43
N THR D 82 8.78 12.83 26.67
CA THR D 82 9.26 12.15 27.86
C THR D 82 10.14 11.00 27.39
N ALA D 83 11.29 10.82 28.04
CA ALA D 83 12.30 9.88 27.55
C ALA D 83 11.68 8.53 27.22
N GLU D 84 10.86 7.99 28.12
CA GLU D 84 10.21 6.70 27.91
C GLU D 84 8.73 6.82 27.60
N ALA D 85 8.00 7.67 28.32
CA ALA D 85 6.55 7.71 28.25
C ALA D 85 6.09 8.54 27.05
N GLU D 86 4.77 8.58 26.87
CA GLU D 86 4.16 9.36 25.81
C GLU D 86 4.24 10.86 26.12
N PRO D 87 4.03 11.70 25.11
CA PRO D 87 4.17 13.14 25.32
C PRO D 87 3.01 13.75 26.10
N ARG D 88 3.29 14.87 26.77
CA ARG D 88 2.33 15.59 27.59
C ARG D 88 1.94 16.92 26.93
N PRO D 89 0.69 17.36 27.06
CA PRO D 89 0.34 18.69 26.54
C PRO D 89 0.92 19.77 27.43
N ALA D 90 1.43 20.84 26.81
CA ALA D 90 2.12 21.89 27.55
C ALA D 90 1.97 23.21 26.81
N MET D 91 2.25 24.29 27.54
CA MET D 91 2.24 25.63 26.98
C MET D 91 3.40 26.42 27.55
N THR D 92 3.90 27.36 26.76
CA THR D 92 4.96 28.27 27.18
C THR D 92 4.44 29.69 27.09
N THR D 93 4.57 30.44 28.17
CA THR D 93 4.24 31.86 28.20
C THR D 93 5.52 32.66 28.16
N LEU D 94 5.51 33.76 27.39
CA LEU D 94 6.68 34.60 27.20
C LEU D 94 6.32 36.05 27.47
N THR D 95 7.16 36.73 28.24
CA THR D 95 7.00 38.16 28.51
C THR D 95 8.35 38.83 28.38
N ALA D 96 8.34 40.14 28.15
CA ALA D 96 9.54 40.89 27.83
C ALA D 96 9.81 41.99 28.85
N LEU D 97 11.08 42.37 28.93
CA LEU D 97 11.52 43.54 29.69
C LEU D 97 11.91 44.61 28.70
N THR D 98 11.19 45.73 28.70
CA THR D 98 11.39 46.79 27.71
C THR D 98 12.08 47.97 28.37
N GLU D 99 13.35 48.18 28.02
CA GLU D 99 14.13 49.33 28.46
C GLU D 99 14.48 50.18 27.25
N GLN D 100 14.04 51.44 27.26
CA GLN D 100 14.40 52.38 26.20
C GLN D 100 13.91 51.90 24.84
N ASP D 101 12.63 51.51 24.80
CA ASP D 101 11.97 51.04 23.58
C ASP D 101 12.65 49.83 22.96
N ARG D 102 13.49 49.13 23.74
CA ARG D 102 14.19 47.95 23.27
C ARG D 102 14.00 46.84 24.30
N VAL D 103 13.81 45.62 23.82
CA VAL D 103 13.61 44.47 24.70
C VAL D 103 14.96 44.05 25.26
N ARG D 104 15.08 44.04 26.59
CA ARG D 104 16.33 43.68 27.25
C ARG D 104 16.42 42.20 27.57
N ALA D 105 15.32 41.58 27.97
CA ALA D 105 15.33 40.16 28.30
C ALA D 105 13.90 39.61 28.20
N VAL D 106 13.81 38.32 27.94
CA VAL D 106 12.53 37.61 27.86
C VAL D 106 12.53 36.52 28.93
N THR D 107 11.45 36.46 29.71
CA THR D 107 11.27 35.42 30.70
C THR D 107 10.18 34.46 30.21
N GLY D 108 10.46 33.16 30.27
CA GLY D 108 9.53 32.15 29.82
C GLY D 108 9.11 31.24 30.95
N VAL D 109 7.89 30.70 30.84
CA VAL D 109 7.33 29.80 31.84
C VAL D 109 6.71 28.62 31.08
N ILE D 110 7.32 27.44 31.22
CA ILE D 110 6.80 26.21 30.62
C ILE D 110 6.01 25.47 31.69
N THR D 111 4.76 25.15 31.40
CA THR D 111 3.87 24.49 32.35
C THR D 111 3.31 23.21 31.71
N ASP D 112 3.14 22.18 32.54
CA ASP D 112 2.58 20.91 32.11
C ASP D 112 1.06 20.95 32.26
N LEU D 113 0.36 20.71 31.15
CA LEU D 113 -1.10 20.81 31.11
C LEU D 113 -1.77 19.46 31.34
N SER D 114 -1.04 18.45 31.79
CA SER D 114 -1.62 17.11 31.92
C SER D 114 -2.82 17.12 32.85
N ASP D 115 -2.77 17.88 33.93
CA ASP D 115 -3.88 17.89 34.89
C ASP D 115 -5.09 18.65 34.37
N ARG D 116 -4.97 19.32 33.22
CA ARG D 116 -6.09 20.02 32.60
C ARG D 116 -6.68 19.25 31.43
N VAL D 117 -6.18 18.04 31.15
CA VAL D 117 -6.66 17.28 30.01
C VAL D 117 -8.05 16.73 30.30
N ARG D 118 -8.93 16.82 29.32
CA ARG D 118 -10.25 16.20 29.41
C ARG D 118 -10.33 15.07 28.40
N ARG D 119 -10.60 13.86 28.88
CA ARG D 119 -10.68 12.69 28.03
C ARG D 119 -12.08 12.51 27.46
N ALA D 120 -12.14 11.75 26.37
CA ALA D 120 -13.39 11.47 25.68
C ALA D 120 -14.18 10.41 26.43
N THR D 121 -15.47 10.64 26.60
CA THR D 121 -16.33 9.68 27.27
C THR D 121 -16.56 8.48 26.37
N GLU D 122 -16.81 7.31 26.98
CA GLU D 122 -17.07 6.12 26.19
C GLU D 122 -18.23 6.33 25.24
N ALA D 123 -19.25 7.07 25.69
CA ALA D 123 -20.39 7.37 24.83
C ALA D 123 -19.98 8.28 23.68
N GLU D 124 -19.25 9.35 23.98
CA GLU D 124 -18.87 10.30 22.94
C GLU D 124 -18.11 9.60 21.81
N ILE D 125 -17.25 8.64 22.15
CA ILE D 125 -16.52 7.90 21.12
C ILE D 125 -17.46 7.02 20.33
N ARG D 126 -18.32 6.28 21.03
CA ARG D 126 -19.26 5.39 20.34
C ARG D 126 -20.22 6.17 19.46
N GLN D 127 -20.69 7.33 19.93
CA GLN D 127 -21.56 8.16 19.11
C GLN D 127 -20.89 8.52 17.79
N ALA D 128 -19.61 8.90 17.85
CA ALA D 128 -18.89 9.28 16.64
C ALA D 128 -18.61 8.07 15.76
N VAL D 129 -18.22 6.95 16.38
CA VAL D 129 -17.93 5.74 15.60
C VAL D 129 -19.18 5.27 14.87
N ARG D 130 -20.32 5.27 15.55
CA ARG D 130 -21.55 4.79 14.93
C ARG D 130 -22.05 5.78 13.89
N ALA D 131 -21.86 7.08 14.11
CA ALA D 131 -22.24 8.07 13.10
C ALA D 131 -21.46 7.85 11.81
N ALA D 132 -20.15 7.62 11.92
CA ALA D 132 -19.33 7.33 10.75
C ALA D 132 -19.70 5.98 10.14
N ALA D 133 -19.99 4.99 10.99
CA ALA D 133 -20.36 3.66 10.48
C ALA D 133 -21.66 3.69 9.70
N ALA D 134 -22.50 4.69 9.91
CA ALA D 134 -23.75 4.80 9.14
C ALA D 134 -23.54 5.48 7.80
N THR D 135 -22.46 6.23 7.63
CA THR D 135 -22.18 6.95 6.40
C THR D 135 -21.00 6.34 5.64
N ARG D 136 -20.50 5.19 6.07
CA ARG D 136 -19.31 4.62 5.48
C ARG D 136 -19.59 4.19 4.04
N SER D 137 -18.52 4.13 3.25
CA SER D 137 -18.61 3.61 1.90
C SER D 137 -18.65 2.09 1.93
N GLU D 138 -19.61 1.50 1.21
CA GLU D 138 -19.77 0.05 1.17
C GLU D 138 -18.86 -0.61 0.14
N ILE D 139 -17.70 -0.02 -0.16
CA ILE D 139 -16.82 -0.62 -1.15
C ILE D 139 -16.06 -1.79 -0.56
N ASP D 140 -15.76 -1.76 0.73
CA ASP D 140 -15.01 -2.86 1.35
C ASP D 140 -15.77 -4.17 1.23
N GLN D 141 -17.08 -4.14 1.46
CA GLN D 141 -17.90 -5.33 1.28
C GLN D 141 -17.99 -5.73 -0.19
N ALA D 142 -18.22 -4.77 -1.07
CA ALA D 142 -18.30 -5.06 -2.49
C ALA D 142 -16.98 -5.61 -3.01
N LYS D 143 -15.85 -5.08 -2.53
CA LYS D 143 -14.56 -5.60 -2.93
C LYS D 143 -14.39 -7.05 -2.49
N GLY D 144 -14.80 -7.35 -1.25
CA GLY D 144 -14.73 -8.73 -0.79
C GLY D 144 -15.61 -9.66 -1.59
N ILE D 145 -16.78 -9.17 -2.02
CA ILE D 145 -17.67 -9.97 -2.84
C ILE D 145 -17.04 -10.26 -4.20
N VAL D 146 -16.43 -9.25 -4.80
CA VAL D 146 -15.79 -9.43 -6.11
C VAL D 146 -14.59 -10.37 -5.99
N MET D 147 -13.83 -10.24 -4.90
CA MET D 147 -12.65 -11.07 -4.70
C MET D 147 -13.02 -12.55 -4.74
N ALA D 148 -14.05 -12.95 -4.00
CA ALA D 148 -14.44 -14.35 -3.93
C ALA D 148 -15.25 -14.78 -5.14
N ALA D 149 -16.09 -13.89 -5.67
CA ALA D 149 -17.01 -14.30 -6.74
C ALA D 149 -16.26 -14.66 -8.01
N PHE D 150 -15.19 -13.94 -8.33
CA PHE D 150 -14.37 -14.23 -9.49
C PHE D 150 -13.02 -14.83 -9.10
N ASP D 151 -12.83 -15.16 -7.83
CA ASP D 151 -11.58 -15.72 -7.32
C ASP D 151 -10.38 -14.91 -7.79
N VAL D 152 -10.41 -13.62 -7.46
CA VAL D 152 -9.31 -12.70 -7.73
C VAL D 152 -8.87 -12.08 -6.41
N ASP D 153 -7.71 -11.43 -6.44
CA ASP D 153 -7.17 -10.80 -5.24
C ASP D 153 -7.79 -9.41 -5.05
N ALA D 154 -7.48 -8.80 -3.91
CA ALA D 154 -8.11 -7.52 -3.56
C ALA D 154 -7.82 -6.46 -4.61
N ASP D 155 -6.57 -6.32 -5.02
CA ASP D 155 -6.22 -5.34 -6.05
C ASP D 155 -7.03 -5.56 -7.32
N GLN D 156 -7.06 -6.80 -7.81
CA GLN D 156 -7.79 -7.12 -9.02
C GLN D 156 -9.28 -6.79 -8.87
N ALA D 157 -9.87 -7.18 -7.74
CA ALA D 157 -11.27 -6.87 -7.48
C ALA D 157 -11.50 -5.36 -7.52
N PHE D 158 -10.59 -4.60 -6.91
CA PHE D 158 -10.70 -3.15 -6.91
C PHE D 158 -10.66 -2.60 -8.33
N ALA D 159 -9.72 -3.10 -9.13
CA ALA D 159 -9.60 -2.63 -10.52
C ALA D 159 -10.90 -2.81 -11.27
N LEU D 160 -11.54 -3.98 -11.14
CA LEU D 160 -12.81 -4.20 -11.82
C LEU D 160 -13.85 -3.20 -11.37
N LEU D 161 -13.90 -2.93 -10.05
CA LEU D 161 -14.89 -1.98 -9.55
C LEU D 161 -14.63 -0.58 -10.09
N LYS D 162 -13.35 -0.20 -10.23
CA LYS D 162 -13.05 1.07 -10.88
C LYS D 162 -13.44 1.05 -12.35
N TRP D 163 -13.15 -0.04 -13.05
CA TRP D 163 -13.58 -0.12 -14.45
C TRP D 163 -15.10 0.02 -14.54
N HIS D 164 -15.83 -0.74 -13.71
CA HIS D 164 -17.28 -0.71 -13.79
C HIS D 164 -17.83 0.68 -13.45
N SER D 165 -17.15 1.42 -12.57
CA SER D 165 -17.62 2.77 -12.25
C SER D 165 -17.53 3.67 -13.47
N SER D 166 -16.42 3.61 -14.20
CA SER D 166 -16.25 4.44 -15.39
C SER D 166 -17.30 4.10 -16.44
N GLN D 167 -17.49 2.80 -16.72
CA GLN D 167 -18.43 2.40 -17.75
C GLN D 167 -19.86 2.74 -17.37
N SER D 168 -20.19 2.61 -16.07
CA SER D 168 -21.52 2.94 -15.59
C SER D 168 -21.67 4.43 -15.28
N ASN D 169 -20.59 5.19 -15.31
CA ASN D 169 -20.60 6.60 -14.94
C ASN D 169 -21.21 6.79 -13.55
N ARG D 170 -20.76 5.98 -12.60
CA ARG D 170 -21.19 6.12 -11.21
C ARG D 170 -19.96 6.22 -10.32
N LYS D 171 -20.08 7.02 -9.27
CA LYS D 171 -19.05 7.07 -8.24
C LYS D 171 -18.96 5.71 -7.54
N LEU D 172 -17.75 5.38 -7.07
CA LEU D 172 -17.49 4.08 -6.48
C LEU D 172 -18.48 3.75 -5.36
N ARG D 173 -18.73 4.71 -4.46
CA ARG D 173 -19.71 4.46 -3.41
C ARG D 173 -21.07 4.11 -4.01
N ASP D 174 -21.48 4.85 -5.04
CA ASP D 174 -22.75 4.58 -5.70
C ASP D 174 -22.74 3.22 -6.37
N LEU D 175 -21.62 2.85 -6.98
CA LEU D 175 -21.52 1.52 -7.61
C LEU D 175 -21.50 0.41 -6.57
N ALA D 176 -20.78 0.62 -5.47
CA ALA D 176 -20.71 -0.40 -4.43
C ALA D 176 -22.09 -0.73 -3.87
N THR D 177 -22.83 0.31 -3.47
CA THR D 177 -24.19 0.09 -2.96
C THR D 177 -25.07 -0.51 -4.04
N GLY D 178 -25.00 0.01 -5.26
CA GLY D 178 -25.84 -0.51 -6.33
C GLY D 178 -25.60 -1.99 -6.59
N MET D 179 -24.33 -2.41 -6.61
CA MET D 179 -24.03 -3.83 -6.81
C MET D 179 -24.57 -4.66 -5.66
N ILE D 180 -24.36 -4.21 -4.42
CA ILE D 180 -24.73 -5.00 -3.26
C ILE D 180 -26.24 -5.21 -3.21
N GLU D 181 -27.01 -4.13 -3.30
CA GLU D 181 -28.46 -4.26 -3.24
C GLU D 181 -29.02 -4.86 -4.53
N GLY D 182 -28.29 -4.77 -5.64
CA GLY D 182 -28.69 -5.49 -6.83
C GLY D 182 -28.46 -6.99 -6.69
N LEU D 183 -27.33 -7.37 -6.11
CA LEU D 183 -27.05 -8.77 -5.84
C LEU D 183 -28.09 -9.36 -4.88
N ALA D 184 -28.49 -8.59 -3.86
CA ALA D 184 -29.42 -9.10 -2.87
C ALA D 184 -30.78 -9.37 -3.49
N ALA D 185 -31.24 -8.50 -4.38
CA ALA D 185 -32.53 -8.65 -5.04
C ALA D 185 -32.47 -9.49 -6.31
N ALA D 186 -31.29 -9.96 -6.70
CA ALA D 186 -31.15 -10.72 -7.93
C ALA D 186 -31.74 -12.12 -7.77
N ASN D 187 -31.85 -12.83 -8.89
CA ASN D 187 -32.49 -14.14 -8.94
C ASN D 187 -31.55 -15.20 -8.34
N SER D 188 -31.98 -15.81 -7.23
CA SER D 188 -31.15 -16.81 -6.57
C SER D 188 -30.93 -18.05 -7.42
N ALA D 189 -31.80 -18.32 -8.40
CA ALA D 189 -31.64 -19.51 -9.23
C ALA D 189 -30.46 -19.42 -10.19
N LEU D 190 -29.95 -18.22 -10.46
CA LEU D 190 -28.79 -18.06 -11.32
C LEU D 190 -27.49 -18.28 -10.55
N PRO D 191 -26.49 -18.90 -11.18
CA PRO D 191 -25.16 -18.97 -10.57
C PRO D 191 -24.62 -17.58 -10.27
N LEU D 192 -23.69 -17.53 -9.30
CA LEU D 192 -23.27 -16.27 -8.74
C LEU D 192 -22.61 -15.36 -9.78
N ARG D 193 -21.64 -15.90 -10.54
CA ARG D 193 -20.89 -15.05 -11.46
C ARG D 193 -21.79 -14.44 -12.52
N ARG D 194 -22.71 -15.22 -13.09
CA ARG D 194 -23.66 -14.64 -14.03
C ARG D 194 -24.63 -13.69 -13.34
N ARG D 195 -25.02 -14.03 -12.11
CA ARG D 195 -25.89 -13.15 -11.34
C ARG D 195 -25.27 -11.77 -11.17
N LEU D 196 -23.97 -11.71 -10.90
CA LEU D 196 -23.31 -10.41 -10.81
C LEU D 196 -23.28 -9.70 -12.15
N SER D 197 -23.04 -10.45 -13.23
CA SER D 197 -23.01 -9.82 -14.56
C SER D 197 -24.33 -9.14 -14.87
N THR D 198 -25.45 -9.77 -14.48
CA THR D 198 -26.75 -9.13 -14.66
C THR D 198 -26.84 -7.84 -13.84
N VAL D 199 -26.26 -7.84 -12.65
CA VAL D 199 -26.30 -6.66 -11.79
C VAL D 199 -25.50 -5.53 -12.40
N PHE D 200 -24.35 -5.82 -13.00
CA PHE D 200 -23.52 -4.74 -13.56
C PHE D 200 -24.17 -4.14 -14.80
N THR D 201 -24.74 -4.97 -15.68
CA THR D 201 -25.37 -4.43 -16.88
C THR D 201 -26.69 -3.73 -16.56
N ASP D 202 -27.39 -4.18 -15.51
CA ASP D 202 -28.57 -3.47 -15.05
C ASP D 202 -28.22 -2.08 -14.53
N MET D 203 -26.94 -1.83 -14.22
CA MET D 203 -26.49 -0.52 -13.77
C MET D 203 -25.77 0.24 -14.88
N GLY D 204 -26.01 -0.12 -16.14
CA GLY D 204 -25.47 0.62 -17.27
C GLY D 204 -24.17 0.08 -17.83
N CYS D 205 -23.54 -0.87 -17.17
CA CYS D 205 -22.33 -1.46 -17.72
C CYS D 205 -22.66 -2.22 -19.00
N PRO D 206 -21.71 -2.32 -19.93
CA PRO D 206 -21.99 -3.02 -21.20
C PRO D 206 -22.03 -4.53 -21.02
N ALA D 207 -22.96 -5.16 -21.74
CA ALA D 207 -23.11 -6.60 -21.63
C ALA D 207 -21.81 -7.30 -22.06
N PRO D 208 -21.51 -8.46 -21.48
CA PRO D 208 -20.29 -9.18 -21.86
C PRO D 208 -20.37 -9.69 -23.29
N SER D 209 -19.19 -9.95 -23.86
CA SER D 209 -19.11 -10.44 -25.22
C SER D 209 -19.79 -11.80 -25.35
N THR D 210 -20.25 -12.10 -26.57
CA THR D 210 -20.93 -13.36 -26.85
C THR D 210 -20.21 -14.18 -27.91
N LYS D 211 -19.03 -13.75 -28.35
CA LYS D 211 -18.31 -14.46 -29.39
C LYS D 211 -17.66 -15.73 -28.83
N GLY D 212 -17.85 -16.85 -29.52
CA GLY D 212 -17.24 -18.10 -29.13
C GLY D 212 -16.08 -18.48 -30.04
N TRP D 213 -15.81 -19.77 -30.16
CA TRP D 213 -14.71 -20.23 -31.00
C TRP D 213 -14.87 -21.72 -31.28
N THR D 214 -14.00 -22.23 -32.15
CA THR D 214 -13.92 -23.64 -32.49
C THR D 214 -12.45 -23.98 -32.69
N VAL D 215 -11.95 -24.99 -31.98
CA VAL D 215 -10.55 -25.38 -32.07
C VAL D 215 -10.45 -26.87 -32.30
N PRO D 216 -9.39 -27.36 -32.95
CA PRO D 216 -9.23 -28.80 -33.11
C PRO D 216 -8.86 -29.48 -31.79
N VAL D 217 -9.20 -30.76 -31.71
CA VAL D 217 -8.84 -31.58 -30.56
C VAL D 217 -7.56 -32.32 -30.95
N THR D 218 -6.43 -31.86 -30.40
CA THR D 218 -5.14 -32.48 -30.67
C THR D 218 -4.92 -33.74 -29.84
N ASP D 219 -5.77 -34.00 -28.85
CA ASP D 219 -5.66 -35.22 -28.06
C ASP D 219 -5.93 -36.46 -28.90
N PRO D 223 -7.08 -43.48 -28.39
CA PRO D 223 -7.08 -44.94 -28.47
C PRO D 223 -8.20 -45.58 -27.64
N PRO D 224 -9.45 -45.34 -28.00
CA PRO D 224 -10.56 -45.88 -27.22
C PRO D 224 -10.48 -47.39 -27.06
N THR D 225 -10.93 -47.87 -25.90
CA THR D 225 -10.97 -49.29 -25.59
C THR D 225 -12.18 -49.55 -24.70
N SER D 226 -12.30 -50.81 -24.25
CA SER D 226 -13.44 -51.19 -23.42
C SER D 226 -13.06 -52.09 -22.26
N GLY D 227 -11.76 -52.32 -22.02
CA GLY D 227 -11.35 -53.03 -20.83
C GLY D 227 -11.76 -54.50 -20.84
N LEU D 228 -11.97 -55.03 -19.63
CA LEU D 228 -12.22 -56.44 -19.39
C LEU D 228 -13.71 -56.80 -19.43
N ILE D 229 -14.58 -55.86 -19.77
CA ILE D 229 -16.01 -56.16 -19.85
C ILE D 229 -16.25 -57.24 -20.91
N PRO D 230 -17.00 -58.30 -20.62
CA PRO D 230 -17.27 -59.30 -21.66
C PRO D 230 -17.90 -58.67 -22.88
N THR D 231 -17.41 -59.08 -24.06
CA THR D 231 -17.86 -58.48 -25.31
C THR D 231 -19.37 -58.62 -25.48
N ALA D 232 -19.94 -59.75 -25.04
CA ALA D 232 -21.38 -59.97 -25.22
C ALA D 232 -22.20 -58.94 -24.46
N LEU D 233 -21.75 -58.55 -23.27
CA LEU D 233 -22.47 -57.61 -22.41
C LEU D 233 -22.08 -56.16 -22.67
N LEU D 234 -21.14 -55.91 -23.57
CA LEU D 234 -20.65 -54.55 -23.77
C LEU D 234 -21.75 -53.60 -24.21
N PRO D 235 -22.64 -53.94 -25.14
CA PRO D 235 -23.65 -52.96 -25.55
C PRO D 235 -24.62 -52.58 -24.44
N GLY D 236 -25.10 -53.56 -23.68
CA GLY D 236 -26.07 -53.25 -22.63
C GLY D 236 -25.49 -52.42 -21.50
N ILE D 237 -24.25 -52.73 -21.10
CA ILE D 237 -23.63 -51.98 -20.00
C ILE D 237 -23.37 -50.54 -20.39
N LEU D 238 -22.76 -50.32 -21.56
CA LEU D 238 -22.41 -48.95 -21.95
C LEU D 238 -23.63 -48.15 -22.35
N THR D 239 -24.68 -48.79 -22.87
CA THR D 239 -25.92 -48.07 -23.12
C THR D 239 -26.47 -47.52 -21.81
N ARG D 240 -26.49 -48.36 -20.78
CA ARG D 240 -26.88 -47.89 -19.44
C ARG D 240 -25.94 -46.80 -18.96
N ALA D 241 -24.65 -46.92 -19.29
CA ALA D 241 -23.67 -45.96 -18.80
C ALA D 241 -23.93 -44.56 -19.36
N ALA D 242 -24.26 -44.47 -20.65
CA ALA D 242 -24.56 -43.17 -21.24
C ALA D 242 -25.86 -42.59 -20.69
N HIS D 243 -26.85 -43.45 -20.44
CA HIS D 243 -28.13 -42.97 -19.95
C HIS D 243 -27.98 -42.32 -18.57
N ASP D 244 -27.19 -42.93 -17.68
CA ASP D 244 -27.05 -42.49 -16.31
C ASP D 244 -25.97 -41.43 -16.10
N ALA D 245 -25.13 -41.20 -17.11
CA ALA D 245 -24.04 -40.23 -16.96
C ALA D 245 -24.61 -38.83 -16.73
N SER D 246 -23.98 -38.08 -15.84
CA SER D 246 -24.45 -36.76 -15.44
C SER D 246 -24.12 -35.66 -16.45
N VAL D 247 -23.37 -35.98 -17.51
CA VAL D 247 -23.07 -35.00 -18.56
C VAL D 247 -23.82 -35.39 -19.82
N ALA D 248 -24.11 -34.39 -20.65
CA ALA D 248 -24.94 -34.59 -21.82
C ALA D 248 -24.18 -35.36 -22.90
N ILE D 249 -24.84 -36.36 -23.48
CA ILE D 249 -24.31 -37.12 -24.60
C ILE D 249 -25.34 -37.09 -25.71
N THR D 250 -24.87 -36.87 -26.94
CA THR D 250 -25.75 -36.81 -28.11
C THR D 250 -25.08 -37.49 -29.28
N VAL D 251 -25.90 -38.00 -30.21
CA VAL D 251 -25.41 -38.60 -31.44
C VAL D 251 -26.24 -38.08 -32.60
N ALA D 252 -25.58 -37.67 -33.67
CA ALA D 252 -26.24 -37.18 -34.86
C ALA D 252 -25.84 -38.04 -36.06
N ASP D 253 -26.80 -38.33 -36.92
CA ASP D 253 -26.56 -39.09 -38.14
C ASP D 253 -26.22 -38.09 -39.25
N VAL D 254 -24.93 -37.88 -39.49
CA VAL D 254 -24.49 -36.88 -40.46
C VAL D 254 -24.62 -37.35 -41.91
N THR D 255 -25.06 -38.58 -42.14
CA THR D 255 -25.32 -39.04 -43.51
C THR D 255 -26.73 -38.71 -43.97
N ALA D 256 -27.62 -38.34 -43.05
CA ALA D 256 -29.02 -38.10 -43.34
C ALA D 256 -29.27 -36.62 -43.56
N PRO D 257 -30.43 -36.27 -44.10
CA PRO D 257 -30.72 -34.84 -44.36
C PRO D 257 -30.68 -34.00 -43.10
N ASP D 258 -29.81 -32.99 -43.11
CA ASP D 258 -29.70 -31.98 -42.05
C ASP D 258 -29.09 -32.53 -40.77
N GLN D 259 -28.34 -33.63 -40.84
CA GLN D 259 -27.60 -34.17 -39.70
C GLN D 259 -28.46 -34.24 -38.44
N PRO D 260 -29.54 -35.02 -38.46
CA PRO D 260 -30.48 -35.01 -37.33
C PRO D 260 -29.93 -35.77 -36.13
N LEU D 261 -30.46 -35.42 -34.96
CA LEU D 261 -30.11 -36.12 -33.73
C LEU D 261 -30.75 -37.51 -33.72
N VAL D 262 -29.96 -38.51 -33.36
CA VAL D 262 -30.46 -39.87 -33.19
C VAL D 262 -30.38 -40.34 -31.75
N TYR D 263 -29.80 -39.55 -30.85
CA TYR D 263 -29.70 -39.93 -29.45
C TYR D 263 -29.49 -38.70 -28.58
N ALA D 264 -30.12 -38.70 -27.42
CA ALA D 264 -29.91 -37.65 -26.42
C ALA D 264 -30.21 -38.26 -25.06
N ASN D 265 -29.24 -38.22 -24.15
CA ASN D 265 -29.41 -38.85 -22.85
C ASN D 265 -30.13 -37.89 -21.91
N PRO D 266 -30.60 -38.39 -20.75
CA PRO D 266 -31.31 -37.49 -19.82
C PRO D 266 -30.51 -36.27 -19.41
N ALA D 267 -29.20 -36.39 -19.23
CA ALA D 267 -28.40 -35.21 -18.88
C ALA D 267 -28.59 -34.10 -19.89
N PHE D 268 -28.69 -34.46 -21.18
CA PHE D 268 -28.96 -33.45 -22.21
C PHE D 268 -30.33 -32.83 -22.01
N GLU D 269 -31.33 -33.63 -21.68
CA GLU D 269 -32.66 -33.11 -21.40
C GLU D 269 -32.61 -32.11 -20.25
N ARG D 270 -31.94 -32.47 -19.16
CA ARG D 270 -31.80 -31.56 -18.02
C ARG D 270 -31.04 -30.30 -18.43
N LEU D 271 -29.97 -30.45 -19.21
CA LEU D 271 -29.13 -29.31 -19.55
C LEU D 271 -29.87 -28.30 -20.42
N THR D 272 -30.69 -28.77 -21.36
CA THR D 272 -31.26 -27.91 -22.38
C THR D 272 -32.74 -27.64 -22.20
N GLY D 273 -33.43 -28.41 -21.37
CA GLY D 273 -34.85 -28.24 -21.20
C GLY D 273 -35.70 -28.87 -22.27
N TYR D 274 -35.09 -29.42 -23.32
CA TYR D 274 -35.81 -30.12 -24.38
C TYR D 274 -35.83 -31.62 -24.09
N ALA D 275 -37.01 -32.21 -24.11
CA ALA D 275 -37.12 -33.65 -23.95
C ALA D 275 -36.56 -34.35 -25.18
N ALA D 276 -35.90 -35.48 -24.98
CA ALA D 276 -35.28 -36.20 -26.08
C ALA D 276 -36.27 -36.46 -27.19
N ALA D 277 -37.52 -36.80 -26.83
CA ALA D 277 -38.51 -37.14 -27.84
C ALA D 277 -38.77 -35.97 -28.79
N GLU D 278 -38.88 -34.76 -28.26
CA GLU D 278 -39.26 -33.61 -29.07
C GLU D 278 -38.07 -32.92 -29.73
N VAL D 279 -36.88 -33.51 -29.65
CA VAL D 279 -35.73 -33.01 -30.40
C VAL D 279 -35.09 -34.10 -31.27
N LEU D 280 -35.40 -35.37 -31.05
CA LEU D 280 -34.92 -36.41 -31.94
C LEU D 280 -35.46 -36.16 -33.33
N GLY D 281 -34.60 -36.31 -34.34
CA GLY D 281 -34.96 -36.02 -35.70
C GLY D 281 -34.68 -34.59 -36.11
N ARG D 282 -34.30 -33.73 -35.17
CA ARG D 282 -33.98 -32.33 -35.42
C ARG D 282 -32.48 -32.10 -35.31
N ASN D 283 -32.01 -31.12 -36.08
CA ASN D 283 -30.63 -30.67 -35.95
C ASN D 283 -30.45 -29.91 -34.64
N CYS D 284 -29.25 -30.03 -34.07
CA CYS D 284 -28.99 -29.38 -32.78
C CYS D 284 -29.00 -27.87 -32.89
N ARG D 285 -29.12 -27.34 -34.12
CA ARG D 285 -29.15 -25.90 -34.34
C ARG D 285 -30.13 -25.19 -33.41
N PHE D 286 -31.19 -25.88 -32.99
CA PHE D 286 -32.24 -25.22 -32.21
C PHE D 286 -31.69 -24.62 -30.93
N LEU D 287 -30.61 -25.19 -30.39
CA LEU D 287 -30.01 -24.66 -29.16
C LEU D 287 -29.54 -23.22 -29.32
N GLN D 288 -29.29 -22.77 -30.55
CA GLN D 288 -28.84 -21.40 -30.75
C GLN D 288 -30.00 -20.41 -30.87
N ALA D 289 -31.22 -20.91 -31.09
CA ALA D 289 -32.41 -20.05 -31.16
C ALA D 289 -32.20 -18.87 -32.09
N GLU D 290 -31.60 -19.14 -33.26
CA GLU D 290 -31.40 -18.14 -34.31
C GLU D 290 -30.38 -17.06 -33.94
N SER D 291 -29.42 -17.40 -33.07
CA SER D 291 -28.39 -16.47 -32.65
C SER D 291 -27.02 -16.89 -33.15
N GLY D 292 -26.96 -17.92 -34.00
CA GLY D 292 -25.68 -18.43 -34.46
C GLY D 292 -24.98 -17.44 -35.37
N ASP D 293 -23.83 -16.96 -34.93
CA ASP D 293 -23.00 -16.12 -35.80
C ASP D 293 -22.70 -16.87 -37.09
N PRO D 294 -22.90 -16.24 -38.26
CA PRO D 294 -22.62 -16.98 -39.52
C PRO D 294 -21.21 -17.53 -39.58
N HIS D 295 -20.22 -16.78 -39.11
CA HIS D 295 -18.85 -17.28 -39.13
C HIS D 295 -18.66 -18.44 -38.17
N GLU D 296 -19.30 -18.37 -36.99
CA GLU D 296 -19.17 -19.48 -36.05
C GLU D 296 -19.82 -20.75 -36.61
N ARG D 297 -21.00 -20.62 -37.22
CA ARG D 297 -21.65 -21.76 -37.83
C ARG D 297 -20.78 -22.35 -38.93
N SER D 298 -20.14 -21.50 -39.73
CA SER D 298 -19.30 -21.98 -40.82
C SER D 298 -18.15 -22.83 -40.29
N ALA D 299 -17.58 -22.46 -39.15
CA ALA D 299 -16.47 -23.22 -38.59
C ALA D 299 -16.93 -24.61 -38.16
N ILE D 300 -18.14 -24.72 -37.62
CA ILE D 300 -18.67 -26.01 -37.21
C ILE D 300 -18.99 -26.88 -38.42
N ARG D 301 -19.72 -26.32 -39.39
CA ARG D 301 -20.06 -27.06 -40.59
C ARG D 301 -18.83 -27.67 -41.25
N SER D 302 -17.79 -26.86 -41.43
CA SER D 302 -16.58 -27.34 -42.10
C SER D 302 -15.89 -28.42 -41.28
N ALA D 303 -15.88 -28.27 -39.96
CA ALA D 303 -15.27 -29.29 -39.11
C ALA D 303 -15.98 -30.63 -39.28
N ILE D 304 -17.31 -30.61 -39.24
CA ILE D 304 -18.08 -31.84 -39.42
C ILE D 304 -17.82 -32.42 -40.81
N ALA D 305 -17.93 -31.59 -41.85
CA ALA D 305 -17.73 -32.07 -43.21
C ALA D 305 -16.36 -32.70 -43.38
N ASN D 306 -15.35 -32.18 -42.69
CA ASN D 306 -13.99 -32.68 -42.77
C ASN D 306 -13.76 -33.89 -41.89
N GLY D 307 -14.74 -34.31 -41.10
CA GLY D 307 -14.51 -35.43 -40.20
C GLY D 307 -13.51 -35.11 -39.12
N ASP D 308 -13.46 -33.86 -38.68
CA ASP D 308 -12.50 -33.44 -37.67
C ASP D 308 -13.09 -33.53 -36.27
N ALA D 309 -12.21 -33.76 -35.30
CA ALA D 309 -12.57 -33.70 -33.90
C ALA D 309 -12.29 -32.29 -33.41
N VAL D 310 -13.28 -31.67 -32.77
CA VAL D 310 -13.19 -30.26 -32.40
C VAL D 310 -13.95 -30.03 -31.10
N THR D 311 -13.63 -28.92 -30.44
CA THR D 311 -14.36 -28.42 -29.31
C THR D 311 -14.83 -27.02 -29.67
N THR D 312 -16.11 -26.74 -29.43
CA THR D 312 -16.71 -25.49 -29.83
C THR D 312 -17.31 -24.82 -28.60
N LEU D 313 -17.02 -23.53 -28.42
CA LEU D 313 -17.67 -22.70 -27.43
C LEU D 313 -18.69 -21.83 -28.15
N ILE D 314 -19.95 -21.93 -27.74
CA ILE D 314 -21.04 -21.22 -28.41
C ILE D 314 -22.11 -20.91 -27.39
N ARG D 315 -22.80 -19.80 -27.59
CA ARG D 315 -23.88 -19.39 -26.71
C ARG D 315 -25.17 -20.07 -27.14
N ASN D 316 -25.85 -20.71 -26.18
CA ASN D 316 -27.07 -21.45 -26.47
C ASN D 316 -28.18 -20.96 -25.55
N PHE D 317 -29.38 -21.49 -25.76
CA PHE D 317 -30.55 -21.14 -24.99
C PHE D 317 -31.39 -22.38 -24.74
N ARG D 318 -31.94 -22.50 -23.55
CA ARG D 318 -32.78 -23.64 -23.23
C ARG D 318 -34.19 -23.40 -23.78
N GLN D 319 -35.06 -24.40 -23.63
CA GLN D 319 -36.43 -24.26 -24.10
C GLN D 319 -37.21 -23.20 -23.31
N ASP D 320 -36.74 -22.83 -22.13
CA ASP D 320 -37.37 -21.75 -21.37
C ASP D 320 -36.79 -20.36 -21.69
N GLY D 321 -35.74 -20.29 -22.50
CA GLY D 321 -35.10 -19.02 -22.83
C GLY D 321 -33.78 -18.79 -22.14
N HIS D 322 -33.51 -19.52 -21.06
CA HIS D 322 -32.29 -19.29 -20.28
C HIS D 322 -31.06 -19.44 -21.17
N ALA D 323 -30.26 -18.39 -21.26
CA ALA D 323 -29.04 -18.46 -22.02
C ALA D 323 -27.93 -19.08 -21.18
N PHE D 324 -26.92 -19.62 -21.87
CA PHE D 324 -25.79 -20.21 -21.17
C PHE D 324 -24.68 -20.48 -22.18
N TRP D 325 -23.45 -20.50 -21.68
CA TRP D 325 -22.31 -20.84 -22.50
C TRP D 325 -22.20 -22.36 -22.61
N ASN D 326 -22.01 -22.86 -23.82
CA ASN D 326 -21.98 -24.29 -24.09
C ASN D 326 -20.65 -24.63 -24.77
N GLU D 327 -19.84 -25.42 -24.09
CA GLU D 327 -18.62 -25.98 -24.67
C GLU D 327 -18.91 -27.44 -25.01
N PHE D 328 -19.15 -27.73 -26.29
CA PHE D 328 -19.48 -29.08 -26.72
C PHE D 328 -18.38 -29.62 -27.61
N HIS D 329 -17.99 -30.86 -27.36
CA HIS D 329 -16.96 -31.54 -28.13
C HIS D 329 -17.62 -32.43 -29.17
N LEU D 330 -17.03 -32.45 -30.37
CA LEU D 330 -17.54 -33.23 -31.49
C LEU D 330 -16.55 -34.32 -31.84
N SER D 331 -16.96 -35.57 -31.67
CA SER D 331 -16.13 -36.73 -31.98
C SER D 331 -16.69 -37.45 -33.19
N PRO D 332 -15.94 -37.63 -34.27
CA PRO D 332 -16.45 -38.36 -35.42
C PRO D 332 -16.47 -39.86 -35.21
N VAL D 333 -17.42 -40.52 -35.88
CA VAL D 333 -17.60 -41.96 -35.84
C VAL D 333 -17.59 -42.47 -37.28
N ARG D 334 -16.62 -43.30 -37.61
CA ARG D 334 -16.43 -43.79 -38.97
C ARG D 334 -16.74 -45.28 -39.06
N ASN D 335 -17.29 -45.69 -40.20
CA ASN D 335 -17.56 -47.09 -40.45
C ASN D 335 -16.28 -47.79 -40.91
N GLY D 336 -16.40 -49.07 -41.26
CA GLY D 336 -15.25 -49.83 -41.71
C GLY D 336 -14.53 -49.19 -42.89
N ALA D 337 -15.27 -48.52 -43.77
CA ALA D 337 -14.68 -47.88 -44.94
C ALA D 337 -13.98 -46.58 -44.62
N GLY D 338 -14.02 -46.10 -43.38
CA GLY D 338 -13.42 -44.82 -43.04
C GLY D 338 -14.29 -43.62 -43.33
N ARG D 339 -15.56 -43.83 -43.65
CA ARG D 339 -16.49 -42.75 -43.91
C ARG D 339 -17.11 -42.30 -42.60
N VAL D 340 -17.14 -40.98 -42.38
CA VAL D 340 -17.75 -40.44 -41.18
C VAL D 340 -19.27 -40.56 -41.32
N THR D 341 -19.88 -41.37 -40.46
CA THR D 341 -21.31 -41.63 -40.54
C THR D 341 -22.10 -41.02 -39.39
N HIS D 342 -21.47 -40.83 -38.23
CA HIS D 342 -22.12 -40.24 -37.07
C HIS D 342 -21.12 -39.34 -36.35
N TYR D 343 -21.65 -38.37 -35.61
CA TYR D 343 -20.86 -37.55 -34.71
C TYR D 343 -21.44 -37.68 -33.31
N ILE D 344 -20.55 -37.64 -32.30
CA ILE D 344 -20.94 -37.64 -30.90
C ILE D 344 -20.69 -36.25 -30.34
N GLY D 345 -21.65 -35.73 -29.58
CA GLY D 345 -21.54 -34.42 -28.96
C GLY D 345 -21.57 -34.48 -27.45
N TYR D 346 -20.67 -33.76 -26.80
CA TYR D 346 -20.57 -33.74 -25.34
C TYR D 346 -20.77 -32.30 -24.87
N GLN D 347 -22.00 -31.94 -24.56
CA GLN D 347 -22.32 -30.57 -24.17
C GLN D 347 -22.00 -30.35 -22.69
N LEU D 348 -21.44 -29.18 -22.39
CA LEU D 348 -21.09 -28.79 -21.03
C LEU D 348 -21.47 -27.34 -20.82
N ASP D 349 -22.16 -27.06 -19.71
CA ASP D 349 -22.47 -25.69 -19.31
C ASP D 349 -21.24 -25.12 -18.60
N VAL D 350 -20.56 -24.18 -19.25
CA VAL D 350 -19.33 -23.61 -18.71
C VAL D 350 -19.51 -22.12 -18.49
N THR D 351 -20.75 -21.70 -18.19
CA THR D 351 -21.04 -20.29 -18.02
C THR D 351 -20.13 -19.65 -16.98
N GLU D 352 -20.00 -20.28 -15.81
CA GLU D 352 -19.25 -19.67 -14.72
C GLU D 352 -17.78 -19.51 -15.09
N ARG D 353 -17.19 -20.50 -15.75
CA ARG D 353 -15.81 -20.37 -16.19
C ARG D 353 -15.65 -19.20 -17.16
N VAL D 354 -16.58 -19.04 -18.10
CA VAL D 354 -16.46 -17.97 -19.08
C VAL D 354 -16.62 -16.61 -18.41
N GLU D 355 -17.59 -16.48 -17.49
CA GLU D 355 -17.79 -15.22 -16.80
C GLU D 355 -16.50 -14.74 -16.14
N ARG D 356 -15.82 -15.64 -15.41
CA ARG D 356 -14.53 -15.29 -14.81
C ARG D 356 -13.48 -15.00 -15.87
N ASP D 357 -13.40 -15.85 -16.89
CA ASP D 357 -12.38 -15.65 -17.92
C ASP D 357 -12.56 -14.32 -18.63
N GLN D 358 -13.80 -13.84 -18.74
CA GLN D 358 -14.04 -12.52 -19.35
C GLN D 358 -13.52 -11.40 -18.46
N GLN D 359 -13.68 -11.54 -17.14
CA GLN D 359 -13.14 -10.54 -16.22
C GLN D 359 -11.61 -10.55 -16.25
N LEU D 360 -11.00 -11.73 -16.40
CA LEU D 360 -9.54 -11.79 -16.49
C LEU D 360 -9.06 -11.20 -17.81
N GLU D 361 -9.78 -11.47 -18.91
CA GLU D 361 -9.51 -10.76 -20.15
C GLU D 361 -9.52 -9.27 -19.91
N GLN D 362 -10.50 -8.80 -19.12
CA GLN D 362 -10.63 -7.37 -18.85
C GLN D 362 -9.44 -6.84 -18.06
N LEU D 363 -9.04 -7.55 -17.01
CA LEU D 363 -7.88 -7.10 -16.24
C LEU D 363 -6.62 -7.12 -17.09
N ALA D 364 -6.49 -8.10 -17.98
CA ALA D 364 -5.37 -8.12 -18.90
C ALA D 364 -5.29 -6.84 -19.70
N SER D 365 -6.44 -6.36 -20.20
CA SER D 365 -6.45 -5.11 -20.95
C SER D 365 -5.95 -3.95 -20.10
N LEU D 366 -6.33 -3.92 -18.82
CA LEU D 366 -5.87 -2.89 -17.90
C LEU D 366 -4.36 -3.00 -17.69
#